data_4ZVZ
#
_entry.id   4ZVZ
#
_cell.length_a   40.858
_cell.length_b   80.520
_cell.length_c   91.165
_cell.angle_alpha   88.15
_cell.angle_beta   87.33
_cell.angle_gamma   86.71
#
_symmetry.space_group_name_H-M   'P 1'
#
loop_
_entity.id
_entity.type
_entity.pdbx_description
1 polymer 'Serine/threonine-protein phosphatase 5'
2 non-polymer 'MANGANESE (II) ION'
3 non-polymer '(1R,2S,3R,4S,5S)-5-(propoxymethyl)-7-oxabicyclo[2.2.1]heptane-2,3-dicarboxylic acid'
4 non-polymer 'SODIUM ION'
5 non-polymer DI(HYDROXYETHYL)ETHER
6 water water
#
_entity_poly.entity_id   1
_entity_poly.type   'polypeptide(L)'
_entity_poly.pdbx_seq_one_letter_code
;GASMTIEDEYSGPKLEDGKVTISFMKELMQWYKDQKKLHRKCAYQILVQVKEVLSKLSTLVETTLKETEKITVCGDTHGQ
FYDLLNIFELNGLPSETNPYIFNGDFVDRGSFSVEVILTLFGFKLLYPDHFHLLRGNHETDNMNQIYGFEGEVKAKYTAQ
MYELFSEVFEWLPLAQCINGKVLIMHGGLFSEDGVTLDDIRKIERNRQPPDSGPMCDLLWSDPQPQNGRSISKRGVSCQF
GPDVTKAFLEENNLDYIIRSHEVKAEGYEVAHGGRCVTVFSAPNYCDQMGNKASYIHLQGSDLRPQFHQFTAVPHPNVKP
MAYANTLLQLGMM
;
_entity_poly.pdbx_strand_id   A,B,C,D
#
loop_
_chem_comp.id
_chem_comp.type
_chem_comp.name
_chem_comp.formula
4TF non-polymer '(1R,2S,3R,4S,5S)-5-(propoxymethyl)-7-oxabicyclo[2.2.1]heptane-2,3-dicarboxylic acid' 'C12 H18 O6'
MN non-polymer 'MANGANESE (II) ION' 'Mn 2'
NA non-polymer 'SODIUM ION' 'Na 1'
PEG non-polymer DI(HYDROXYETHYL)ETHER 'C4 H10 O3'
#
# COMPACT_ATOMS: atom_id res chain seq x y z
N TYR A 10 -10.40 -50.08 -10.39
CA TYR A 10 -10.31 -50.02 -8.91
C TYR A 10 -8.87 -49.96 -8.39
N SER A 11 -7.90 -50.15 -9.30
CA SER A 11 -6.49 -50.28 -8.91
C SER A 11 -5.73 -48.94 -8.82
N GLY A 12 -6.36 -47.95 -8.19
CA GLY A 12 -5.74 -46.65 -7.98
C GLY A 12 -4.72 -46.65 -6.86
N PRO A 13 -3.81 -45.66 -6.83
CA PRO A 13 -2.80 -45.56 -5.77
C PRO A 13 -3.44 -45.37 -4.41
N LYS A 14 -3.02 -46.16 -3.42
CA LYS A 14 -3.61 -46.13 -2.09
C LYS A 14 -2.57 -45.83 -1.03
N LEU A 15 -2.95 -45.00 -0.06
CA LEU A 15 -2.13 -44.78 1.13
C LEU A 15 -2.10 -46.04 1.98
N GLU A 16 -0.98 -46.25 2.66
CA GLU A 16 -0.78 -47.41 3.51
C GLU A 16 -0.86 -46.98 4.98
N ASP A 17 -1.91 -47.44 5.66
CA ASP A 17 -2.25 -46.96 7.01
C ASP A 17 -2.41 -45.44 7.01
N GLY A 18 -2.91 -44.90 5.91
CA GLY A 18 -3.09 -43.47 5.74
C GLY A 18 -1.81 -42.67 5.56
N LYS A 19 -0.71 -43.36 5.23
CA LYS A 19 0.59 -42.69 5.07
C LYS A 19 1.25 -42.93 3.72
N VAL A 20 1.93 -41.88 3.24
CA VAL A 20 2.66 -41.89 1.98
C VAL A 20 3.91 -42.74 2.08
N THR A 21 4.13 -43.57 1.07
CA THR A 21 5.29 -44.44 1.00
C THR A 21 5.96 -44.23 -0.36
N ILE A 22 7.19 -44.71 -0.52
CA ILE A 22 7.88 -44.61 -1.81
C ILE A 22 7.15 -45.40 -2.91
N SER A 23 6.59 -46.54 -2.52
CA SER A 23 5.75 -47.36 -3.38
C SER A 23 4.53 -46.58 -3.86
N PHE A 24 3.89 -45.86 -2.95
CA PHE A 24 2.73 -45.04 -3.31
C PHE A 24 3.09 -43.93 -4.31
N MET A 25 4.23 -43.29 -4.11
CA MET A 25 4.67 -42.19 -4.97
C MET A 25 4.96 -42.65 -6.39
N LYS A 26 5.64 -43.78 -6.53
CA LYS A 26 5.86 -44.41 -7.83
C LYS A 26 4.55 -44.74 -8.53
N GLU A 27 3.60 -45.28 -7.78
CA GLU A 27 2.26 -45.58 -8.30
C GLU A 27 1.55 -44.30 -8.74
N LEU A 28 1.65 -43.26 -7.92
CA LEU A 28 1.00 -41.98 -8.19
C LEU A 28 1.53 -41.34 -9.47
N MET A 29 2.86 -41.30 -9.61
CA MET A 29 3.49 -40.68 -10.76
C MET A 29 3.12 -41.40 -12.06
N GLN A 30 3.06 -42.73 -12.00
CA GLN A 30 2.61 -43.54 -13.14
C GLN A 30 1.13 -43.31 -13.44
N TRP A 31 0.30 -43.28 -12.40
CA TRP A 31 -1.13 -42.97 -12.52
C TRP A 31 -1.35 -41.65 -13.22
N TYR A 32 -0.60 -40.63 -12.80
CA TYR A 32 -0.69 -39.30 -13.37
C TYR A 32 -0.15 -39.21 -14.79
N LYS A 33 0.93 -39.95 -15.05
CA LYS A 33 1.46 -40.06 -16.40
C LYS A 33 0.37 -40.54 -17.37
N ASP A 34 -0.47 -41.46 -16.89
CA ASP A 34 -1.56 -42.02 -17.70
C ASP A 34 -2.86 -41.21 -17.61
N GLN A 35 -2.75 -39.98 -17.08
CA GLN A 35 -3.85 -39.01 -17.04
C GLN A 35 -5.05 -39.44 -16.20
N LYS A 36 -4.79 -40.24 -15.18
CA LYS A 36 -5.83 -40.71 -14.28
C LYS A 36 -5.85 -39.89 -12.99
N LYS A 37 -6.99 -39.93 -12.31
CA LYS A 37 -7.27 -39.07 -11.16
C LYS A 37 -7.05 -39.83 -9.86
N LEU A 38 -6.34 -39.19 -8.93
CA LEU A 38 -6.19 -39.72 -7.58
C LEU A 38 -7.52 -39.57 -6.85
N HIS A 39 -7.95 -40.63 -6.17
CA HIS A 39 -9.24 -40.60 -5.49
C HIS A 39 -9.33 -39.47 -4.51
N ARG A 40 -10.46 -38.76 -4.51
CA ARG A 40 -10.69 -37.56 -3.70
C ARG A 40 -10.35 -37.71 -2.21
N LYS A 41 -10.55 -38.91 -1.69
CA LYS A 41 -10.32 -39.18 -0.27
C LYS A 41 -8.82 -39.27 0.02
N CYS A 42 -8.06 -39.78 -0.95
CA CYS A 42 -6.61 -39.83 -0.84
C CYS A 42 -6.00 -38.44 -1.05
N ALA A 43 -6.56 -37.69 -2.02
CA ALA A 43 -6.20 -36.31 -2.24
C ALA A 43 -6.43 -35.49 -0.97
N TYR A 44 -7.56 -35.73 -0.31
CA TYR A 44 -7.92 -35.05 0.93
C TYR A 44 -6.89 -35.33 2.02
N GLN A 45 -6.54 -36.60 2.19
CA GLN A 45 -5.59 -37.01 3.22
C GLN A 45 -4.22 -36.39 3.05
N ILE A 46 -3.70 -36.38 1.82
CA ILE A 46 -2.44 -35.70 1.54
C ILE A 46 -2.51 -34.22 1.91
N LEU A 47 -3.62 -33.57 1.56
CA LEU A 47 -3.79 -32.14 1.83
C LEU A 47 -3.86 -31.78 3.31
N VAL A 48 -4.63 -32.55 4.09
CA VAL A 48 -4.72 -32.29 5.53
C VAL A 48 -3.41 -32.62 6.26
N GLN A 49 -2.78 -33.75 5.91
CA GLN A 49 -1.48 -34.12 6.48
C GLN A 49 -0.37 -33.12 6.16
N VAL A 50 -0.33 -32.65 4.90
CA VAL A 50 0.73 -31.72 4.50
C VAL A 50 0.51 -30.33 5.12
N LYS A 51 -0.75 -29.92 5.30
CA LYS A 51 -1.07 -28.68 6.02
C LYS A 51 -0.49 -28.71 7.43
N GLU A 52 -0.64 -29.85 8.11
CA GLU A 52 -0.09 -30.06 9.44
C GLU A 52 1.43 -29.91 9.46
N VAL A 53 2.10 -30.54 8.50
CA VAL A 53 3.56 -30.49 8.38
C VAL A 53 4.05 -29.07 8.13
N LEU A 54 3.45 -28.39 7.15
CA LEU A 54 3.84 -27.04 6.76
C LEU A 54 3.56 -25.98 7.84
N SER A 55 2.43 -26.10 8.52
CA SER A 55 2.04 -25.15 9.58
C SER A 55 3.00 -25.14 10.76
N LYS A 56 3.75 -26.23 10.94
CA LYS A 56 4.74 -26.32 12.01
C LYS A 56 6.08 -25.68 11.63
N LEU A 57 6.25 -25.34 10.35
CA LEU A 57 7.49 -24.76 9.86
C LEU A 57 7.60 -23.25 10.06
N SER A 58 8.82 -22.76 10.21
CA SER A 58 9.10 -21.34 10.21
C SER A 58 8.82 -20.75 8.84
N THR A 59 8.54 -19.46 8.81
CA THR A 59 8.38 -18.72 7.56
C THR A 59 9.70 -18.74 6.76
N LEU A 60 10.81 -18.73 7.50
CA LEU A 60 12.14 -18.93 6.92
C LEU A 60 12.64 -20.31 7.32
N VAL A 61 12.75 -21.20 6.36
CA VAL A 61 13.33 -22.52 6.61
C VAL A 61 14.85 -22.39 6.58
N GLU A 62 15.51 -22.90 7.61
CA GLU A 62 16.96 -22.84 7.68
C GLU A 62 17.53 -24.25 7.62
N THR A 63 18.33 -24.50 6.59
CA THR A 63 18.84 -25.83 6.30
C THR A 63 20.35 -25.82 6.39
N THR A 64 20.88 -26.84 7.08
CA THR A 64 22.32 -27.03 7.17
C THR A 64 22.72 -28.16 6.23
N LEU A 65 23.66 -27.85 5.34
CA LEU A 65 24.14 -28.80 4.35
C LEU A 65 25.58 -29.13 4.68
N LYS A 66 25.80 -30.32 5.23
CA LYS A 66 27.14 -30.76 5.62
C LYS A 66 28.04 -30.98 4.41
N GLU A 67 29.35 -31.03 4.67
CA GLU A 67 30.39 -31.09 3.63
C GLU A 67 30.05 -31.94 2.41
N THR A 68 29.50 -33.13 2.64
CA THR A 68 29.31 -34.12 1.58
C THR A 68 27.91 -34.10 0.94
N GLU A 69 26.96 -33.41 1.58
CA GLU A 69 25.57 -33.43 1.14
C GLU A 69 25.31 -32.45 0.00
N LYS A 70 24.47 -32.85 -0.95
CA LYS A 70 24.08 -31.94 -2.03
C LYS A 70 22.61 -31.56 -1.90
N ILE A 71 22.20 -30.56 -2.67
CA ILE A 71 20.78 -30.19 -2.78
C ILE A 71 20.50 -29.64 -4.18
N THR A 72 19.28 -29.89 -4.66
CA THR A 72 18.85 -29.42 -5.97
C THR A 72 17.78 -28.34 -5.81
N VAL A 73 18.00 -27.19 -6.44
CA VAL A 73 17.03 -26.11 -6.43
C VAL A 73 16.38 -25.99 -7.80
N CYS A 74 15.04 -26.03 -7.81
CA CYS A 74 14.24 -25.85 -9.02
C CYS A 74 13.37 -24.59 -8.92
N GLY A 75 13.15 -23.94 -10.06
CA GLY A 75 12.26 -22.78 -10.16
C GLY A 75 10.84 -23.17 -10.54
N ASP A 76 10.10 -22.22 -11.12
CA ASP A 76 8.71 -22.41 -11.53
C ASP A 76 8.53 -23.71 -12.32
N THR A 77 7.41 -24.39 -12.09
CA THR A 77 7.06 -25.61 -12.82
C THR A 77 5.70 -25.50 -13.54
N HIS A 78 4.83 -24.66 -12.99
CA HIS A 78 3.55 -24.30 -13.61
C HIS A 78 2.78 -25.45 -14.23
N GLY A 79 2.52 -26.48 -13.44
CA GLY A 79 1.69 -27.60 -13.88
C GLY A 79 2.20 -28.35 -15.09
N GLN A 80 3.50 -28.23 -15.37
CA GLN A 80 4.12 -28.97 -16.47
C GLN A 80 4.62 -30.30 -15.92
N PHE A 81 3.66 -31.20 -15.65
CA PHE A 81 3.92 -32.44 -14.94
C PHE A 81 4.91 -33.37 -15.61
N TYR A 82 4.88 -33.42 -16.94
CA TYR A 82 5.73 -34.35 -17.67
C TYR A 82 7.18 -33.85 -17.66
N ASP A 83 7.36 -32.54 -17.59
CA ASP A 83 8.70 -31.96 -17.42
C ASP A 83 9.20 -32.13 -15.99
N LEU A 84 8.29 -32.14 -15.03
CA LEU A 84 8.64 -32.47 -13.64
C LEU A 84 9.23 -33.88 -13.53
N LEU A 85 8.54 -34.86 -14.14
CA LEU A 85 9.03 -36.24 -14.14
C LEU A 85 10.38 -36.34 -14.84
N ASN A 86 10.57 -35.54 -15.88
CA ASN A 86 11.86 -35.45 -16.57
C ASN A 86 12.99 -35.00 -15.65
N ILE A 87 12.70 -34.02 -14.79
CA ILE A 87 13.66 -33.56 -13.78
C ILE A 87 14.11 -34.74 -12.93
N PHE A 88 13.15 -35.53 -12.45
CA PHE A 88 13.46 -36.71 -11.63
C PHE A 88 14.20 -37.81 -12.38
N GLU A 89 14.01 -37.88 -13.69
CA GLU A 89 14.71 -38.89 -14.47
C GLU A 89 16.15 -38.45 -14.78
N LEU A 90 16.33 -37.14 -14.98
CA LEU A 90 17.64 -36.57 -15.23
C LEU A 90 18.46 -36.45 -13.96
N ASN A 91 17.79 -36.12 -12.86
CA ASN A 91 18.45 -35.79 -11.60
C ASN A 91 18.17 -36.79 -10.46
N GLY A 92 17.36 -37.82 -10.73
CA GLY A 92 17.04 -38.82 -9.72
C GLY A 92 15.83 -38.43 -8.89
N LEU A 93 15.13 -39.43 -8.36
CA LEU A 93 13.98 -39.19 -7.51
C LEU A 93 14.40 -38.53 -6.20
N PRO A 94 13.49 -37.79 -5.55
CA PRO A 94 13.79 -37.24 -4.23
C PRO A 94 14.05 -38.34 -3.20
N SER A 95 14.97 -38.09 -2.28
CA SER A 95 15.27 -38.98 -1.15
C SER A 95 16.07 -38.20 -0.10
N GLU A 96 16.39 -38.86 1.01
CA GLU A 96 17.19 -38.24 2.06
C GLU A 96 18.62 -37.93 1.61
N THR A 97 19.07 -38.62 0.57
CA THR A 97 20.39 -38.41 -0.01
C THR A 97 20.32 -37.58 -1.28
N ASN A 98 19.10 -37.24 -1.70
CA ASN A 98 18.86 -36.46 -2.92
C ASN A 98 17.77 -35.40 -2.70
N PRO A 99 18.06 -34.39 -1.86
CA PRO A 99 17.03 -33.41 -1.50
C PRO A 99 16.72 -32.36 -2.58
N TYR A 100 15.49 -31.87 -2.56
CA TYR A 100 15.02 -30.88 -3.53
C TYR A 100 14.43 -29.66 -2.83
N ILE A 101 14.55 -28.51 -3.49
CA ILE A 101 13.79 -27.32 -3.16
C ILE A 101 13.04 -26.87 -4.42
N PHE A 102 11.72 -26.80 -4.36
CA PHE A 102 10.93 -26.25 -5.46
C PHE A 102 10.44 -24.85 -5.08
N ASN A 103 10.92 -23.87 -5.85
CA ASN A 103 10.84 -22.45 -5.48
C ASN A 103 9.59 -21.73 -6.01
N GLY A 104 8.43 -22.23 -5.61
CA GLY A 104 7.16 -21.56 -5.92
C GLY A 104 6.62 -21.82 -7.31
N ASP A 105 5.40 -21.32 -7.56
CA ASP A 105 4.78 -21.37 -8.89
C ASP A 105 4.71 -22.79 -9.45
N PHE A 106 4.11 -23.68 -8.68
CA PHE A 106 3.92 -25.07 -9.07
C PHE A 106 2.68 -25.20 -9.96
N VAL A 107 1.75 -24.26 -9.79
CA VAL A 107 0.42 -24.37 -10.41
C VAL A 107 0.12 -23.16 -11.29
N ASP A 108 -1.02 -23.22 -11.99
CA ASP A 108 -1.46 -22.23 -12.98
C ASP A 108 -0.67 -22.35 -14.28
N ARG A 109 -1.27 -21.87 -15.37
CA ARG A 109 -0.68 -21.86 -16.71
C ARG A 109 -0.69 -23.25 -17.35
N GLY A 110 0.02 -24.21 -16.75
CA GLY A 110 0.05 -25.58 -17.24
C GLY A 110 -1.24 -26.32 -16.93
N SER A 111 -1.52 -27.34 -17.74
CA SER A 111 -2.78 -28.08 -17.69
C SER A 111 -2.74 -29.27 -16.73
N PHE A 112 -1.60 -29.49 -16.09
CA PHE A 112 -1.46 -30.62 -15.18
C PHE A 112 -1.02 -30.13 -13.80
N SER A 113 -1.65 -29.04 -13.33
CA SER A 113 -1.29 -28.41 -12.05
C SER A 113 -1.61 -29.29 -10.86
N VAL A 114 -2.77 -29.95 -10.90
CA VAL A 114 -3.19 -30.89 -9.85
C VAL A 114 -2.17 -32.03 -9.71
N GLU A 115 -1.71 -32.54 -10.85
CA GLU A 115 -0.73 -33.61 -10.87
C GLU A 115 0.62 -33.17 -10.31
N VAL A 116 1.10 -32.00 -10.72
CA VAL A 116 2.34 -31.45 -10.15
C VAL A 116 2.23 -31.28 -8.63
N ILE A 117 1.19 -30.55 -8.18
CA ILE A 117 1.11 -30.15 -6.76
C ILE A 117 0.90 -31.33 -5.81
N LEU A 118 0.07 -32.29 -6.20
CA LEU A 118 -0.16 -33.48 -5.37
C LEU A 118 1.07 -34.40 -5.35
N THR A 119 1.80 -34.45 -6.45
CA THR A 119 3.10 -35.12 -6.48
C THR A 119 4.11 -34.43 -5.54
N LEU A 120 4.16 -33.10 -5.59
CA LEU A 120 5.07 -32.35 -4.71
C LEU A 120 4.68 -32.50 -3.24
N PHE A 121 3.38 -32.45 -2.95
CA PHE A 121 2.90 -32.61 -1.57
C PHE A 121 3.18 -34.01 -1.05
N GLY A 122 3.02 -35.00 -1.92
CA GLY A 122 3.29 -36.39 -1.59
C GLY A 122 4.73 -36.61 -1.20
N PHE A 123 5.65 -36.07 -2.01
CA PHE A 123 7.08 -36.13 -1.69
C PHE A 123 7.45 -35.32 -0.45
N LYS A 124 6.74 -34.20 -0.22
CA LYS A 124 6.91 -33.43 1.02
C LYS A 124 6.59 -34.29 2.24
N LEU A 125 5.53 -35.10 2.14
CA LEU A 125 5.13 -35.97 3.23
C LEU A 125 6.09 -37.15 3.41
N LEU A 126 6.60 -37.67 2.30
CA LEU A 126 7.50 -38.82 2.33
C LEU A 126 8.89 -38.44 2.85
N TYR A 127 9.37 -37.26 2.45
CA TYR A 127 10.66 -36.76 2.93
C TYR A 127 10.58 -35.32 3.46
N PRO A 128 9.92 -35.12 4.62
CA PRO A 128 9.70 -33.78 5.18
C PRO A 128 10.96 -32.95 5.44
N ASP A 129 12.07 -33.62 5.74
CA ASP A 129 13.29 -32.92 6.08
C ASP A 129 14.21 -32.71 4.87
N HIS A 130 13.83 -33.29 3.74
CA HIS A 130 14.69 -33.28 2.54
C HIS A 130 13.99 -32.88 1.27
N PHE A 131 12.75 -32.44 1.39
CA PHE A 131 11.98 -32.03 0.23
C PHE A 131 11.26 -30.75 0.62
N HIS A 132 11.60 -29.67 -0.06
CA HIS A 132 11.19 -28.34 0.40
C HIS A 132 10.40 -27.61 -0.65
N LEU A 133 9.30 -27.00 -0.20
CA LEU A 133 8.41 -26.24 -1.06
C LEU A 133 8.28 -24.83 -0.51
N LEU A 134 8.59 -23.86 -1.37
CA LEU A 134 8.51 -22.46 -1.01
C LEU A 134 7.37 -21.84 -1.80
N ARG A 135 6.68 -20.86 -1.20
CA ARG A 135 5.49 -20.29 -1.82
C ARG A 135 5.86 -19.36 -2.97
N GLY A 136 5.10 -19.45 -4.06
CA GLY A 136 5.26 -18.52 -5.19
C GLY A 136 4.07 -17.59 -5.24
N ASN A 137 4.14 -16.58 -6.11
CA ASN A 137 3.01 -15.66 -6.28
C ASN A 137 1.76 -16.35 -6.83
N HIS A 138 1.96 -17.48 -7.51
CA HIS A 138 0.84 -18.27 -8.01
C HIS A 138 0.21 -19.20 -7.01
N GLU A 139 0.79 -19.30 -5.82
CA GLU A 139 0.15 -20.06 -4.75
C GLU A 139 -0.74 -19.14 -3.93
N THR A 140 -1.59 -18.39 -4.63
CA THR A 140 -2.50 -17.40 -4.05
C THR A 140 -3.85 -17.44 -4.77
N ASP A 141 -4.87 -16.84 -4.14
CA ASP A 141 -6.25 -16.84 -4.65
C ASP A 141 -6.44 -16.05 -5.95
N ASN A 142 -6.03 -14.77 -5.93
CA ASN A 142 -6.12 -13.89 -7.10
C ASN A 142 -5.56 -14.52 -8.38
N MET A 143 -4.38 -15.14 -8.27
N MET A 143 -4.40 -15.14 -8.27
CA MET A 143 -3.72 -15.78 -9.40
CA MET A 143 -3.74 -15.77 -9.40
C MET A 143 -4.43 -17.08 -9.81
C MET A 143 -4.43 -17.08 -9.81
N ASN A 144 -4.77 -17.91 -8.82
CA ASN A 144 -5.46 -19.19 -9.07
C ASN A 144 -6.82 -18.98 -9.76
N GLN A 145 -7.53 -17.93 -9.39
CA GLN A 145 -8.83 -17.60 -9.97
C GLN A 145 -8.75 -17.31 -11.47
N ILE A 146 -7.65 -16.68 -11.87
CA ILE A 146 -7.48 -16.19 -13.24
C ILE A 146 -6.71 -17.17 -14.12
N TYR A 147 -5.67 -17.80 -13.57
CA TYR A 147 -4.66 -18.47 -14.39
C TYR A 147 -4.72 -20.00 -14.50
N GLY A 148 -5.82 -20.59 -14.07
CA GLY A 148 -6.10 -22.00 -14.39
C GLY A 148 -6.30 -23.00 -13.26
N PHE A 149 -5.65 -22.80 -12.13
CA PHE A 149 -5.66 -23.80 -11.04
C PHE A 149 -7.02 -23.99 -10.37
N GLU A 150 -7.70 -22.89 -10.05
CA GLU A 150 -9.02 -22.98 -9.43
C GLU A 150 -9.99 -23.72 -10.37
N GLY A 151 -9.92 -23.40 -11.66
CA GLY A 151 -10.68 -24.09 -12.69
C GLY A 151 -10.36 -25.57 -12.77
N GLU A 152 -9.07 -25.90 -12.73
CA GLU A 152 -8.63 -27.29 -12.84
C GLU A 152 -9.11 -28.14 -11.66
N VAL A 153 -9.00 -27.59 -10.45
CA VAL A 153 -9.45 -28.28 -9.24
C VAL A 153 -10.97 -28.49 -9.26
N LYS A 154 -11.71 -27.46 -9.69
CA LYS A 154 -13.16 -27.54 -9.80
C LYS A 154 -13.60 -28.57 -10.84
N ALA A 155 -12.82 -28.70 -11.91
CA ALA A 155 -13.11 -29.66 -12.99
C ALA A 155 -12.80 -31.10 -12.58
N LYS A 156 -11.69 -31.29 -11.85
CA LYS A 156 -11.25 -32.62 -11.43
C LYS A 156 -11.82 -33.07 -10.09
N TYR A 157 -12.08 -32.13 -9.20
CA TYR A 157 -12.66 -32.43 -7.89
C TYR A 157 -13.86 -31.52 -7.68
N THR A 158 -13.85 -30.72 -6.61
CA THR A 158 -14.96 -29.81 -6.30
C THR A 158 -14.45 -28.43 -5.89
N ALA A 159 -15.37 -27.49 -5.72
CA ALA A 159 -15.04 -26.16 -5.22
C ALA A 159 -14.40 -26.23 -3.83
N GLN A 160 -14.94 -27.11 -2.99
CA GLN A 160 -14.44 -27.28 -1.62
C GLN A 160 -12.99 -27.74 -1.59
N MET A 161 -12.62 -28.61 -2.53
CA MET A 161 -11.24 -29.09 -2.64
C MET A 161 -10.28 -27.92 -2.90
N TYR A 162 -10.68 -26.99 -3.76
CA TYR A 162 -9.84 -25.82 -4.04
C TYR A 162 -9.63 -24.97 -2.79
N GLU A 163 -10.68 -24.81 -1.99
CA GLU A 163 -10.58 -24.05 -0.74
C GLU A 163 -9.54 -24.68 0.18
N LEU A 164 -9.48 -26.00 0.20
CA LEU A 164 -8.47 -26.71 0.99
C LEU A 164 -7.06 -26.48 0.43
N PHE A 165 -6.94 -26.50 -0.91
CA PHE A 165 -5.65 -26.20 -1.56
C PHE A 165 -5.16 -24.81 -1.18
N SER A 166 -6.06 -23.82 -1.23
CA SER A 166 -5.73 -22.44 -0.90
C SER A 166 -5.23 -22.31 0.53
N GLU A 167 -5.92 -22.97 1.45
CA GLU A 167 -5.58 -22.95 2.86
C GLU A 167 -4.26 -23.68 3.15
N VAL A 168 -3.94 -24.68 2.33
CA VAL A 168 -2.65 -25.36 2.40
C VAL A 168 -1.52 -24.45 1.90
N PHE A 169 -1.76 -23.76 0.77
CA PHE A 169 -0.77 -22.85 0.18
C PHE A 169 -0.35 -21.75 1.17
N GLU A 170 -1.31 -21.32 1.98
CA GLU A 170 -1.09 -20.29 3.00
C GLU A 170 -0.02 -20.69 4.03
N TRP A 171 0.19 -21.98 4.20
CA TRP A 171 1.21 -22.46 5.14
C TRP A 171 2.57 -22.73 4.54
N LEU A 172 2.72 -22.57 3.23
CA LEU A 172 4.04 -22.73 2.59
C LEU A 172 5.01 -21.65 3.09
N PRO A 173 6.23 -22.07 3.48
CA PRO A 173 7.27 -21.10 3.85
C PRO A 173 7.56 -20.10 2.72
N LEU A 174 8.10 -18.94 3.06
CA LEU A 174 8.34 -17.90 2.07
C LEU A 174 9.79 -17.80 1.60
N ALA A 175 10.71 -18.40 2.34
CA ALA A 175 12.12 -18.34 1.99
C ALA A 175 12.88 -19.44 2.68
N GLN A 176 14.04 -19.78 2.13
CA GLN A 176 14.89 -20.81 2.71
C GLN A 176 16.33 -20.35 2.70
N CYS A 177 17.04 -20.59 3.79
CA CYS A 177 18.44 -20.20 3.90
C CYS A 177 19.32 -21.42 4.10
N ILE A 178 20.32 -21.55 3.24
CA ILE A 178 21.25 -22.68 3.27
C ILE A 178 22.56 -22.23 3.91
N ASN A 179 22.96 -22.93 4.97
CA ASN A 179 24.21 -22.70 5.69
C ASN A 179 24.47 -21.25 6.09
N GLY A 180 23.38 -20.48 6.23
CA GLY A 180 23.45 -19.07 6.59
C GLY A 180 24.09 -18.20 5.51
N LYS A 181 24.09 -18.69 4.26
CA LYS A 181 24.81 -18.00 3.20
C LYS A 181 24.05 -17.84 1.88
N VAL A 182 23.14 -18.76 1.58
CA VAL A 182 22.34 -18.65 0.35
C VAL A 182 20.88 -18.50 0.74
N LEU A 183 20.26 -17.40 0.32
CA LEU A 183 18.84 -17.16 0.59
C LEU A 183 18.02 -17.39 -0.68
N ILE A 184 16.99 -18.21 -0.54
CA ILE A 184 16.13 -18.59 -1.65
C ILE A 184 14.72 -18.08 -1.39
N MET A 185 14.16 -17.35 -2.36
CA MET A 185 12.75 -16.95 -2.35
C MET A 185 12.24 -16.92 -3.78
N HIS A 186 10.91 -16.93 -3.94
CA HIS A 186 10.36 -16.98 -5.29
C HIS A 186 10.61 -15.72 -6.08
N GLY A 187 10.24 -14.58 -5.48
CA GLY A 187 10.32 -13.29 -6.17
C GLY A 187 11.67 -12.63 -6.00
N GLY A 188 11.86 -11.93 -4.89
CA GLY A 188 13.15 -11.30 -4.62
C GLY A 188 13.20 -10.49 -3.35
N LEU A 189 13.96 -9.39 -3.42
CA LEU A 189 14.21 -8.55 -2.27
C LEU A 189 13.17 -7.44 -2.10
N PHE A 190 13.49 -6.45 -1.26
CA PHE A 190 12.44 -5.65 -0.66
C PHE A 190 12.34 -4.22 -1.15
N SER A 191 11.13 -3.69 -1.09
CA SER A 191 10.83 -2.31 -1.45
C SER A 191 11.43 -1.29 -0.48
N GLU A 192 11.77 -1.75 0.72
CA GLU A 192 12.35 -0.89 1.75
C GLU A 192 13.72 -1.39 2.17
N ASP A 193 14.58 -0.47 2.60
CA ASP A 193 15.88 -0.81 3.17
C ASP A 193 15.75 -1.30 4.61
N GLY A 194 16.67 -2.15 5.03
CA GLY A 194 16.77 -2.57 6.43
C GLY A 194 16.02 -3.83 6.82
N VAL A 195 15.53 -4.58 5.83
CA VAL A 195 14.88 -5.85 6.12
C VAL A 195 15.96 -6.90 6.40
N THR A 196 15.73 -7.70 7.44
CA THR A 196 16.69 -8.72 7.87
C THR A 196 16.05 -10.10 7.91
N LEU A 197 16.87 -11.13 8.13
CA LEU A 197 16.36 -12.49 8.28
C LEU A 197 15.32 -12.62 9.39
N ASP A 198 15.55 -11.86 10.48
CA ASP A 198 14.65 -11.80 11.63
C ASP A 198 13.25 -11.34 11.24
N ASP A 199 13.17 -10.31 10.39
CA ASP A 199 11.89 -9.83 9.88
C ASP A 199 11.15 -10.95 9.13
N ILE A 200 11.90 -11.71 8.34
CA ILE A 200 11.30 -12.77 7.52
C ILE A 200 10.75 -13.89 8.39
N ARG A 201 11.54 -14.30 9.39
CA ARG A 201 11.12 -15.32 10.36
C ARG A 201 9.81 -14.93 11.07
N LYS A 202 9.64 -13.62 11.29
CA LYS A 202 8.50 -13.12 12.06
C LYS A 202 7.23 -12.83 11.23
N ILE A 203 7.31 -12.98 9.91
CA ILE A 203 6.13 -12.85 9.06
C ILE A 203 5.09 -13.92 9.38
N GLU A 204 3.90 -13.48 9.77
CA GLU A 204 2.76 -14.37 9.93
C GLU A 204 2.23 -14.62 8.52
N ARG A 205 2.56 -15.78 7.98
CA ARG A 205 2.42 -16.05 6.54
C ARG A 205 1.10 -16.72 6.14
N ASN A 206 0.35 -17.22 7.13
CA ASN A 206 -0.88 -17.98 6.85
C ASN A 206 -2.03 -17.10 6.39
N ARG A 207 -1.89 -16.54 5.20
CA ARG A 207 -2.80 -15.52 4.68
C ARG A 207 -2.53 -15.30 3.20
N GLN A 208 -3.40 -14.53 2.56
CA GLN A 208 -3.16 -14.01 1.22
C GLN A 208 -2.20 -12.82 1.33
N PRO A 209 -1.24 -12.70 0.38
CA PRO A 209 -0.25 -11.63 0.46
C PRO A 209 -0.89 -10.25 0.48
N PRO A 210 -0.30 -9.31 1.25
CA PRO A 210 -0.76 -7.92 1.26
C PRO A 210 -0.33 -7.24 -0.03
N ASP A 211 -0.91 -6.07 -0.33
CA ASP A 211 -0.59 -5.33 -1.55
C ASP A 211 0.82 -4.73 -1.55
N SER A 212 1.36 -4.50 -0.37
CA SER A 212 2.77 -4.14 -0.20
C SER A 212 3.28 -4.68 1.14
N GLY A 213 4.60 -4.87 1.23
CA GLY A 213 5.19 -5.42 2.44
C GLY A 213 6.20 -6.51 2.15
N PRO A 214 6.95 -6.94 3.19
CA PRO A 214 7.95 -8.00 3.06
C PRO A 214 7.39 -9.28 2.42
N MET A 215 6.19 -9.70 2.85
CA MET A 215 5.55 -10.89 2.31
C MET A 215 5.25 -10.76 0.82
N CYS A 216 4.75 -9.59 0.41
CA CYS A 216 4.46 -9.31 -0.97
C CYS A 216 5.74 -9.34 -1.82
N ASP A 217 6.76 -8.64 -1.33
CA ASP A 217 8.04 -8.54 -2.03
C ASP A 217 8.68 -9.89 -2.31
N LEU A 218 8.65 -10.78 -1.32
CA LEU A 218 9.27 -12.10 -1.43
C LEU A 218 8.65 -12.92 -2.55
N LEU A 219 7.36 -12.69 -2.82
CA LEU A 219 6.64 -13.40 -3.87
C LEU A 219 6.66 -12.70 -5.23
N TRP A 220 6.89 -11.39 -5.25
CA TRP A 220 6.60 -10.56 -6.43
C TRP A 220 7.71 -9.77 -7.09
N SER A 221 8.73 -9.35 -6.33
CA SER A 221 9.76 -8.43 -6.86
C SER A 221 10.68 -9.04 -7.92
N ASP A 222 11.28 -8.18 -8.74
CA ASP A 222 12.23 -8.59 -9.78
C ASP A 222 13.51 -7.76 -9.70
N PRO A 223 14.66 -8.35 -10.05
CA PRO A 223 15.88 -7.55 -10.16
C PRO A 223 15.86 -6.68 -11.41
N GLN A 224 16.52 -5.53 -11.35
CA GLN A 224 16.74 -4.66 -12.52
C GLN A 224 18.25 -4.39 -12.65
N PRO A 225 18.73 -4.11 -13.89
CA PRO A 225 20.16 -3.88 -14.07
C PRO A 225 20.69 -2.60 -13.42
N GLN A 226 19.87 -1.55 -13.40
CA GLN A 226 20.30 -0.24 -12.88
C GLN A 226 20.11 -0.13 -11.36
N ASN A 227 20.91 0.75 -10.75
CA ASN A 227 20.88 0.99 -9.31
C ASN A 227 19.53 1.51 -8.81
N GLY A 228 19.26 1.30 -7.53
CA GLY A 228 18.05 1.82 -6.89
C GLY A 228 16.84 0.94 -7.11
N ARG A 229 15.67 1.54 -7.07
CA ARG A 229 14.39 0.84 -7.18
C ARG A 229 13.46 1.52 -8.17
N SER A 230 12.54 0.73 -8.73
CA SER A 230 11.52 1.23 -9.64
C SER A 230 10.18 0.61 -9.31
N ILE A 231 9.10 1.26 -9.72
CA ILE A 231 7.77 0.65 -9.69
C ILE A 231 7.81 -0.60 -10.55
N SER A 232 7.21 -1.67 -10.06
CA SER A 232 7.16 -2.92 -10.82
C SER A 232 6.20 -2.79 -12.00
N LYS A 233 6.64 -3.28 -13.15
CA LYS A 233 5.82 -3.40 -14.36
C LYS A 233 4.57 -4.24 -14.10
N ARG A 234 4.66 -5.11 -13.10
CA ARG A 234 3.57 -5.99 -12.70
C ARG A 234 2.46 -5.25 -11.95
N GLY A 235 2.79 -4.08 -11.42
CA GLY A 235 1.81 -3.26 -10.71
C GLY A 235 1.79 -3.50 -9.21
N VAL A 236 2.66 -4.40 -8.75
CA VAL A 236 2.80 -4.66 -7.33
C VAL A 236 4.28 -4.91 -6.99
N SER A 237 4.66 -4.58 -5.76
CA SER A 237 6.04 -4.71 -5.29
C SER A 237 6.98 -3.76 -6.05
N CYS A 238 8.22 -4.18 -6.29
CA CYS A 238 9.22 -3.29 -6.89
C CYS A 238 10.23 -4.02 -7.77
N GLN A 239 11.00 -3.24 -8.53
CA GLN A 239 12.22 -3.73 -9.16
C GLN A 239 13.40 -3.22 -8.34
N PHE A 240 14.37 -4.09 -8.07
CA PHE A 240 15.51 -3.74 -7.22
C PHE A 240 16.85 -3.91 -7.93
N GLY A 241 17.74 -2.93 -7.72
CA GLY A 241 19.03 -2.89 -8.42
C GLY A 241 20.16 -3.64 -7.74
N PRO A 242 21.34 -3.72 -8.40
CA PRO A 242 22.51 -4.40 -7.85
C PRO A 242 22.96 -3.87 -6.49
N ASP A 243 22.76 -2.57 -6.25
CA ASP A 243 23.14 -1.96 -5.00
C ASP A 243 22.23 -2.39 -3.84
N VAL A 244 20.93 -2.55 -4.15
CA VAL A 244 19.95 -3.06 -3.19
C VAL A 244 20.32 -4.48 -2.75
N THR A 245 20.64 -5.34 -3.72
CA THR A 245 21.08 -6.70 -3.46
C THR A 245 22.33 -6.74 -2.59
N LYS A 246 23.34 -5.96 -2.99
CA LYS A 246 24.64 -5.92 -2.31
C LYS A 246 24.50 -5.57 -0.82
N ALA A 247 23.76 -4.51 -0.52
CA ALA A 247 23.56 -4.06 0.86
C ALA A 247 22.82 -5.09 1.71
N PHE A 248 21.71 -5.61 1.18
CA PHE A 248 20.90 -6.62 1.88
C PHE A 248 21.74 -7.85 2.26
N LEU A 249 22.55 -8.32 1.31
CA LEU A 249 23.43 -9.48 1.54
C LEU A 249 24.48 -9.20 2.62
N GLU A 250 25.08 -8.01 2.57
CA GLU A 250 26.07 -7.58 3.56
C GLU A 250 25.48 -7.45 4.95
N GLU A 251 24.34 -6.75 5.04
CA GLU A 251 23.65 -6.56 6.32
C GLU A 251 23.23 -7.87 6.96
N ASN A 252 23.01 -8.89 6.13
CA ASN A 252 22.52 -10.18 6.61
C ASN A 252 23.55 -11.31 6.59
N ASN A 253 24.80 -10.97 6.28
CA ASN A 253 25.92 -11.91 6.25
C ASN A 253 25.71 -13.06 5.23
N LEU A 254 25.09 -12.72 4.09
CA LEU A 254 24.78 -13.71 3.06
C LEU A 254 25.73 -13.60 1.88
N ASP A 255 25.81 -14.68 1.10
CA ASP A 255 26.68 -14.73 -0.09
C ASP A 255 25.98 -14.25 -1.36
N TYR A 256 24.79 -14.80 -1.63
CA TYR A 256 23.99 -14.44 -2.80
C TYR A 256 22.55 -14.95 -2.64
N ILE A 257 21.66 -14.53 -3.54
CA ILE A 257 20.29 -15.06 -3.52
C ILE A 257 19.96 -15.91 -4.75
N ILE A 258 19.04 -16.86 -4.54
CA ILE A 258 18.46 -17.65 -5.62
C ILE A 258 16.97 -17.38 -5.66
N ARG A 259 16.48 -16.94 -6.81
CA ARG A 259 15.09 -16.57 -7.00
C ARG A 259 14.60 -17.20 -8.30
N SER A 260 13.30 -17.01 -8.60
CA SER A 260 12.70 -17.59 -9.82
C SER A 260 11.85 -16.53 -10.51
N HIS A 261 10.58 -16.85 -10.80
CA HIS A 261 9.57 -15.81 -11.03
C HIS A 261 9.69 -15.12 -12.38
N GLU A 262 10.75 -15.43 -13.12
CA GLU A 262 10.95 -14.87 -14.46
C GLU A 262 11.50 -15.91 -15.43
N VAL A 263 10.86 -16.00 -16.61
CA VAL A 263 11.32 -16.91 -17.66
C VAL A 263 12.61 -16.37 -18.27
N LYS A 264 13.57 -17.27 -18.50
CA LYS A 264 14.76 -16.94 -19.28
C LYS A 264 14.89 -17.97 -20.38
N ALA A 265 15.25 -17.50 -21.58
CA ALA A 265 15.47 -18.37 -22.74
C ALA A 265 16.42 -19.52 -22.41
N GLU A 266 17.42 -19.26 -21.58
CA GLU A 266 18.38 -20.27 -21.14
C GLU A 266 17.95 -20.99 -19.86
N GLY A 267 16.85 -20.55 -19.25
CA GLY A 267 16.32 -21.18 -18.04
C GLY A 267 16.95 -20.71 -16.75
N TYR A 268 17.98 -19.86 -16.87
CA TYR A 268 18.63 -19.24 -15.71
C TYR A 268 19.32 -17.94 -16.10
N GLU A 269 19.64 -17.13 -15.09
CA GLU A 269 20.37 -15.88 -15.27
C GLU A 269 21.20 -15.56 -14.03
N VAL A 270 22.44 -15.13 -14.25
CA VAL A 270 23.33 -14.72 -13.17
C VAL A 270 23.50 -13.20 -13.30
N ALA A 271 22.94 -12.48 -12.33
CA ALA A 271 22.86 -11.02 -12.40
C ALA A 271 23.45 -10.37 -11.14
N HIS A 272 23.50 -9.04 -11.15
CA HIS A 272 23.98 -8.23 -10.01
C HIS A 272 25.36 -8.62 -9.57
N GLY A 273 26.23 -8.92 -10.53
CA GLY A 273 27.62 -9.30 -10.26
C GLY A 273 27.74 -10.67 -9.60
N GLY A 274 26.84 -11.58 -9.97
CA GLY A 274 26.81 -12.92 -9.40
C GLY A 274 26.01 -13.04 -8.12
N ARG A 275 25.39 -11.94 -7.69
CA ARG A 275 24.72 -11.88 -6.39
C ARG A 275 23.23 -12.24 -6.46
N CYS A 276 22.64 -12.12 -7.65
CA CYS A 276 21.23 -12.48 -7.85
C CYS A 276 21.05 -13.50 -8.97
N VAL A 277 20.69 -14.72 -8.57
CA VAL A 277 20.55 -15.83 -9.50
C VAL A 277 19.08 -16.17 -9.74
N THR A 278 18.69 -16.23 -11.00
CA THR A 278 17.35 -16.66 -11.39
C THR A 278 17.41 -18.09 -11.89
N VAL A 279 16.50 -18.94 -11.37
CA VAL A 279 16.34 -20.31 -11.86
C VAL A 279 14.90 -20.56 -12.26
N PHE A 280 14.69 -21.11 -13.45
CA PHE A 280 13.35 -21.30 -14.00
C PHE A 280 13.25 -22.70 -14.57
N SER A 281 12.30 -23.49 -14.08
CA SER A 281 12.26 -24.92 -14.38
C SER A 281 11.07 -25.38 -15.23
N ALA A 282 10.48 -24.47 -15.98
CA ALA A 282 9.38 -24.79 -16.88
C ALA A 282 9.80 -24.61 -18.35
N PRO A 283 10.34 -25.67 -18.97
CA PRO A 283 10.86 -25.57 -20.35
C PRO A 283 9.73 -25.41 -21.36
N ASN A 284 10.02 -24.73 -22.47
CA ASN A 284 9.03 -24.41 -23.49
C ASN A 284 7.70 -24.02 -22.84
N TYR A 285 7.80 -23.02 -21.95
CA TYR A 285 6.70 -22.57 -21.09
C TYR A 285 5.43 -22.28 -21.88
N CYS A 286 4.32 -22.81 -21.36
CA CYS A 286 2.99 -22.74 -22.01
C CYS A 286 2.98 -23.29 -23.44
N ASP A 287 3.88 -24.24 -23.72
CA ASP A 287 4.03 -24.81 -25.07
C ASP A 287 4.39 -23.79 -26.16
N GLN A 288 4.87 -22.61 -25.75
CA GLN A 288 4.98 -21.47 -26.66
C GLN A 288 6.33 -20.73 -26.60
N MET A 289 6.82 -20.48 -25.39
CA MET A 289 8.01 -19.63 -25.21
C MET A 289 9.30 -20.20 -25.82
N GLY A 290 9.39 -21.52 -25.89
CA GLY A 290 10.55 -22.18 -26.52
C GLY A 290 11.83 -22.10 -25.70
N ASN A 291 11.70 -21.66 -24.46
CA ASN A 291 12.84 -21.53 -23.55
C ASN A 291 13.35 -22.87 -23.05
N LYS A 292 14.62 -22.93 -22.71
CA LYS A 292 15.15 -24.03 -21.95
C LYS A 292 14.83 -23.79 -20.49
N ALA A 293 14.95 -24.83 -19.68
CA ALA A 293 14.77 -24.70 -18.24
C ALA A 293 16.07 -25.16 -17.59
N SER A 294 16.19 -24.90 -16.29
CA SER A 294 17.35 -25.36 -15.53
C SER A 294 17.00 -25.74 -14.11
N TYR A 295 17.86 -26.56 -13.51
CA TYR A 295 17.90 -26.78 -12.06
C TYR A 295 19.32 -26.52 -11.54
N ILE A 296 19.45 -26.23 -10.24
CA ILE A 296 20.74 -25.89 -9.66
C ILE A 296 21.22 -26.98 -8.70
N HIS A 297 22.51 -27.31 -8.77
CA HIS A 297 23.16 -28.15 -7.75
C HIS A 297 23.97 -27.31 -6.81
N LEU A 298 23.82 -27.58 -5.52
CA LEU A 298 24.65 -26.97 -4.46
C LEU A 298 25.23 -28.07 -3.58
N GLN A 299 26.38 -27.82 -2.95
CA GLN A 299 27.04 -28.87 -2.15
C GLN A 299 27.32 -28.52 -0.69
N GLY A 300 27.63 -27.27 -0.40
CA GLY A 300 27.96 -26.88 0.99
C GLY A 300 29.45 -26.86 1.22
N SER A 301 30.16 -27.82 0.64
CA SER A 301 31.61 -27.73 0.50
C SER A 301 31.89 -26.67 -0.58
N ASP A 302 30.86 -26.40 -1.38
CA ASP A 302 30.89 -25.39 -2.42
C ASP A 302 29.47 -24.93 -2.74
N LEU A 303 29.05 -23.85 -2.08
CA LEU A 303 27.70 -23.31 -2.23
C LEU A 303 27.48 -22.57 -3.55
N ARG A 304 28.50 -22.52 -4.40
CA ARG A 304 28.41 -21.92 -5.73
C ARG A 304 27.49 -22.76 -6.61
N PRO A 305 26.57 -22.11 -7.34
CA PRO A 305 25.56 -22.84 -8.10
C PRO A 305 26.11 -23.52 -9.35
N GLN A 306 25.82 -24.80 -9.52
CA GLN A 306 26.09 -25.49 -10.78
C GLN A 306 24.80 -25.69 -11.55
N PHE A 307 24.74 -25.13 -12.75
CA PHE A 307 23.51 -25.09 -13.55
C PHE A 307 23.40 -26.28 -14.49
N HIS A 308 22.19 -26.81 -14.59
CA HIS A 308 21.88 -27.93 -15.47
C HIS A 308 20.70 -27.59 -16.31
N GLN A 309 20.93 -27.36 -17.61
CA GLN A 309 19.87 -26.99 -18.52
C GLN A 309 19.14 -28.20 -19.07
N PHE A 310 17.82 -28.08 -19.24
CA PHE A 310 17.04 -29.15 -19.85
C PHE A 310 15.92 -28.65 -20.76
N THR A 311 15.52 -29.51 -21.69
CA THR A 311 14.52 -29.16 -22.69
C THR A 311 13.20 -29.88 -22.43
N ALA A 312 12.12 -29.32 -22.98
CA ALA A 312 10.78 -29.88 -22.81
C ALA A 312 10.66 -31.28 -23.39
N VAL A 313 9.84 -32.12 -22.75
CA VAL A 313 9.52 -33.45 -23.25
C VAL A 313 8.05 -33.46 -23.70
N PRO A 314 7.67 -34.43 -24.56
CA PRO A 314 6.26 -34.50 -25.00
C PRO A 314 5.29 -34.69 -23.84
N HIS A 315 4.08 -34.17 -24.01
CA HIS A 315 2.99 -34.40 -23.08
C HIS A 315 1.73 -34.67 -23.86
N PRO A 316 0.73 -35.30 -23.23
CA PRO A 316 -0.57 -35.52 -23.86
C PRO A 316 -1.21 -34.25 -24.40
N ASN A 317 -2.10 -34.41 -25.36
CA ASN A 317 -2.70 -33.29 -26.06
C ASN A 317 -3.81 -32.59 -25.27
N VAL A 318 -3.40 -31.89 -24.22
CA VAL A 318 -4.27 -30.97 -23.50
C VAL A 318 -3.60 -29.60 -23.58
N LYS A 319 -4.33 -28.62 -24.13
CA LYS A 319 -3.79 -27.27 -24.32
C LYS A 319 -3.63 -26.53 -22.99
N PRO A 320 -2.70 -25.54 -22.92
CA PRO A 320 -2.58 -24.72 -21.71
C PRO A 320 -3.91 -24.07 -21.34
N MET A 321 -4.27 -24.15 -20.06
CA MET A 321 -5.55 -23.65 -19.53
C MET A 321 -6.77 -24.24 -20.24
N GLU B 9 2.02 -2.04 5.22
CA GLU B 9 2.85 -2.64 6.30
C GLU B 9 4.24 -2.01 6.40
N TYR B 10 4.65 -1.32 5.33
CA TYR B 10 5.94 -0.62 5.31
C TYR B 10 5.88 0.77 5.95
N SER B 11 4.67 1.33 6.04
CA SER B 11 4.49 2.63 6.66
C SER B 11 4.33 2.48 8.17
N GLY B 12 5.45 2.56 8.87
CA GLY B 12 5.46 2.46 10.33
C GLY B 12 5.33 3.81 10.99
N PRO B 13 5.56 3.87 12.32
CA PRO B 13 5.58 5.13 13.03
C PRO B 13 6.71 6.01 12.50
N LYS B 14 6.40 7.28 12.27
CA LYS B 14 7.35 8.22 11.71
C LYS B 14 7.44 9.45 12.61
N LEU B 15 8.66 9.92 12.83
CA LEU B 15 8.91 11.10 13.64
C LEU B 15 8.32 12.33 12.97
N GLU B 16 7.65 13.18 13.76
CA GLU B 16 7.11 14.44 13.26
C GLU B 16 8.20 15.49 13.22
N ASP B 17 8.72 15.73 12.01
CA ASP B 17 9.79 16.71 11.77
C ASP B 17 11.07 16.32 12.52
N GLY B 18 11.37 15.03 12.52
CA GLY B 18 12.54 14.49 13.22
C GLY B 18 12.44 14.53 14.73
N LYS B 19 11.24 14.75 15.26
CA LYS B 19 11.03 14.85 16.71
C LYS B 19 9.98 13.86 17.24
N VAL B 20 10.22 13.36 18.45
CA VAL B 20 9.28 12.46 19.13
C VAL B 20 8.05 13.23 19.61
N THR B 21 6.87 12.65 19.38
CA THR B 21 5.61 13.21 19.90
C THR B 21 4.84 12.12 20.63
N ILE B 22 3.79 12.49 21.37
CA ILE B 22 2.94 11.51 22.05
C ILE B 22 2.24 10.56 21.07
N SER B 23 1.84 11.11 19.91
CA SER B 23 1.22 10.33 18.86
C SER B 23 2.17 9.26 18.31
N PHE B 24 3.44 9.64 18.10
CA PHE B 24 4.47 8.72 17.63
C PHE B 24 4.69 7.55 18.60
N MET B 25 4.75 7.87 19.90
CA MET B 25 5.00 6.88 20.94
C MET B 25 3.89 5.84 21.03
N LYS B 26 2.64 6.31 20.94
CA LYS B 26 1.46 5.43 20.92
C LYS B 26 1.50 4.53 19.69
N GLU B 27 1.84 5.11 18.55
CA GLU B 27 2.03 4.34 17.31
C GLU B 27 3.17 3.33 17.44
N LEU B 28 4.27 3.76 18.05
CA LEU B 28 5.46 2.94 18.25
C LEU B 28 5.18 1.72 19.12
N MET B 29 4.50 1.94 20.24
CA MET B 29 4.16 0.85 21.14
C MET B 29 3.26 -0.21 20.50
N GLN B 30 2.28 0.25 19.71
CA GLN B 30 1.39 -0.66 18.97
C GLN B 30 2.16 -1.46 17.91
N TRP B 31 3.04 -0.76 17.20
CA TRP B 31 3.88 -1.33 16.15
C TRP B 31 4.70 -2.44 16.73
N TYR B 32 5.32 -2.14 17.87
CA TYR B 32 6.15 -3.07 18.61
C TYR B 32 5.34 -4.22 19.19
N LYS B 33 4.15 -3.91 19.68
CA LYS B 33 3.22 -4.94 20.17
C LYS B 33 2.97 -6.00 19.09
N ASP B 34 2.79 -5.55 17.85
CA ASP B 34 2.57 -6.43 16.70
C ASP B 34 3.86 -6.95 16.05
N GLN B 35 4.97 -6.83 16.79
CA GLN B 35 6.27 -7.40 16.40
C GLN B 35 6.87 -6.80 15.13
N LYS B 36 6.60 -5.53 14.88
CA LYS B 36 7.18 -4.83 13.73
C LYS B 36 8.35 -3.96 14.18
N LYS B 37 9.18 -3.55 13.21
CA LYS B 37 10.41 -2.84 13.50
C LYS B 37 10.29 -1.38 13.14
N LEU B 38 10.84 -0.52 13.99
CA LEU B 38 10.98 0.90 13.67
C LEU B 38 12.04 1.08 12.59
N HIS B 39 11.75 1.89 11.59
CA HIS B 39 12.73 2.18 10.54
C HIS B 39 14.02 2.66 11.12
N ARG B 40 15.13 2.12 10.61
CA ARG B 40 16.46 2.40 11.14
C ARG B 40 16.82 3.89 11.18
N LYS B 41 16.24 4.67 10.27
CA LYS B 41 16.45 6.12 10.24
C LYS B 41 15.79 6.83 11.42
N CYS B 42 14.66 6.31 11.88
CA CYS B 42 13.98 6.83 13.06
C CYS B 42 14.69 6.40 14.33
N ALA B 43 15.10 5.12 14.38
CA ALA B 43 15.88 4.58 15.48
C ALA B 43 17.19 5.37 15.66
N TYR B 44 17.88 5.62 14.54
CA TYR B 44 19.11 6.39 14.54
C TYR B 44 18.92 7.78 15.13
N GLN B 45 17.87 8.46 14.69
CA GLN B 45 17.63 9.82 15.18
C GLN B 45 17.29 9.86 16.66
N ILE B 46 16.46 8.93 17.12
CA ILE B 46 16.16 8.78 18.55
C ILE B 46 17.46 8.65 19.36
N LEU B 47 18.39 7.87 18.84
CA LEU B 47 19.66 7.62 19.52
C LEU B 47 20.57 8.84 19.62
N VAL B 48 20.74 9.56 18.51
CA VAL B 48 21.59 10.76 18.52
C VAL B 48 21.00 11.84 19.44
N GLN B 49 19.68 11.99 19.43
CA GLN B 49 19.02 13.00 20.24
C GLN B 49 19.09 12.69 21.73
N VAL B 50 18.86 11.43 22.08
CA VAL B 50 18.89 11.04 23.50
C VAL B 50 20.31 11.10 24.07
N LYS B 51 21.32 10.84 23.23
CA LYS B 51 22.72 10.99 23.64
C LYS B 51 23.00 12.43 24.04
N GLU B 52 22.51 13.37 23.23
CA GLU B 52 22.60 14.80 23.52
C GLU B 52 21.93 15.17 24.85
N VAL B 53 20.73 14.65 25.07
CA VAL B 53 19.98 14.93 26.30
C VAL B 53 20.70 14.35 27.52
N LEU B 54 21.11 13.09 27.44
CA LEU B 54 21.81 12.42 28.54
C LEU B 54 23.19 13.02 28.85
N SER B 55 23.92 13.44 27.82
CA SER B 55 25.28 13.94 28.00
C SER B 55 25.34 15.26 28.78
N LYS B 56 24.22 15.96 28.85
CA LYS B 56 24.13 17.23 29.57
C LYS B 56 23.65 17.05 31.01
N LEU B 57 23.30 15.81 31.36
CA LEU B 57 22.83 15.50 32.71
C LEU B 57 23.99 15.24 33.66
N SER B 58 23.78 15.55 34.94
CA SER B 58 24.74 15.22 35.99
C SER B 58 24.75 13.71 36.20
N THR B 59 25.85 13.19 36.73
CA THR B 59 25.95 11.77 37.09
C THR B 59 24.92 11.44 38.17
N LEU B 60 24.67 12.41 39.04
CA LEU B 60 23.58 12.35 40.01
C LEU B 60 22.43 13.26 39.59
N VAL B 61 21.32 12.67 39.18
CA VAL B 61 20.09 13.40 38.88
C VAL B 61 19.42 13.80 40.21
N GLU B 62 19.16 15.10 40.37
CA GLU B 62 18.53 15.60 41.57
C GLU B 62 17.12 16.11 41.28
N THR B 63 16.13 15.45 41.87
CA THR B 63 14.73 15.69 41.56
C THR B 63 13.96 16.20 42.77
N THR B 64 13.22 17.28 42.57
CA THR B 64 12.31 17.81 43.57
C THR B 64 10.88 17.49 43.18
N LEU B 65 10.15 16.89 44.11
CA LEU B 65 8.71 16.70 43.93
C LEU B 65 7.96 17.61 44.89
N LYS B 66 7.02 18.38 44.35
CA LYS B 66 6.14 19.23 45.17
C LYS B 66 5.18 18.37 45.99
N GLU B 67 4.44 19.01 46.88
CA GLU B 67 3.47 18.34 47.76
C GLU B 67 2.49 17.45 47.00
N THR B 68 1.98 17.94 45.88
CA THR B 68 0.93 17.25 45.12
C THR B 68 1.45 16.25 44.07
N GLU B 69 2.75 16.32 43.76
CA GLU B 69 3.35 15.52 42.69
C GLU B 69 3.72 14.11 43.15
N LYS B 70 3.61 13.15 42.23
CA LYS B 70 4.08 11.79 42.48
C LYS B 70 5.13 11.38 41.44
N ILE B 71 5.77 10.24 41.66
CA ILE B 71 6.68 9.64 40.69
C ILE B 71 6.60 8.13 40.82
N THR B 72 6.80 7.41 39.72
CA THR B 72 6.81 5.96 39.74
C THR B 72 8.23 5.46 39.57
N VAL B 73 8.65 4.54 40.44
CA VAL B 73 9.98 3.92 40.36
C VAL B 73 9.87 2.45 39.96
N CYS B 74 10.55 2.10 38.87
CA CYS B 74 10.61 0.72 38.38
C CYS B 74 12.03 0.20 38.44
N GLY B 75 12.17 -1.09 38.75
CA GLY B 75 13.44 -1.78 38.67
C GLY B 75 13.66 -2.43 37.31
N ASP B 76 14.47 -3.49 37.30
CA ASP B 76 14.89 -4.20 36.07
C ASP B 76 13.69 -4.54 35.19
N THR B 77 13.86 -4.36 33.87
CA THR B 77 12.84 -4.75 32.90
C THR B 77 13.34 -5.81 31.91
N HIS B 78 14.65 -5.81 31.64
CA HIS B 78 15.31 -6.85 30.83
C HIS B 78 14.57 -7.27 29.59
N GLY B 79 14.22 -6.28 28.75
CA GLY B 79 13.63 -6.56 27.44
C GLY B 79 12.34 -7.35 27.44
N GLN B 80 11.64 -7.33 28.58
CA GLN B 80 10.31 -7.94 28.67
C GLN B 80 9.28 -6.89 28.30
N PHE B 81 9.22 -6.60 27.01
CA PHE B 81 8.47 -5.47 26.48
C PHE B 81 6.97 -5.51 26.77
N TYR B 82 6.39 -6.70 26.74
CA TYR B 82 4.95 -6.84 26.94
C TYR B 82 4.56 -6.60 28.40
N ASP B 83 5.50 -6.86 29.32
CA ASP B 83 5.34 -6.50 30.73
C ASP B 83 5.52 -4.99 30.95
N LEU B 84 6.40 -4.38 30.16
CA LEU B 84 6.53 -2.92 30.15
C LEU B 84 5.22 -2.25 29.74
N LEU B 85 4.58 -2.77 28.68
CA LEU B 85 3.28 -2.25 28.24
C LEU B 85 2.21 -2.40 29.32
N ASN B 86 2.23 -3.55 30.01
CA ASN B 86 1.36 -3.79 31.15
C ASN B 86 1.53 -2.76 32.27
N ILE B 87 2.78 -2.45 32.62
CA ILE B 87 3.07 -1.39 33.61
C ILE B 87 2.36 -0.09 33.21
N PHE B 88 2.50 0.28 31.93
CA PHE B 88 1.88 1.48 31.40
C PHE B 88 0.35 1.42 31.38
N GLU B 89 -0.21 0.22 31.27
CA GLU B 89 -1.67 0.06 31.28
C GLU B 89 -2.20 0.12 32.71
N LEU B 90 -1.45 -0.48 33.63
CA LEU B 90 -1.79 -0.49 35.05
C LEU B 90 -1.63 0.88 35.72
N ASN B 91 -0.58 1.61 35.31
CA ASN B 91 -0.15 2.82 36.00
C ASN B 91 -0.32 4.11 35.17
N GLY B 92 -0.80 3.96 33.93
CA GLY B 92 -0.95 5.10 33.03
C GLY B 92 0.32 5.41 32.25
N LEU B 93 0.16 6.05 31.10
CA LEU B 93 1.31 6.43 30.29
C LEU B 93 2.15 7.48 31.01
N PRO B 94 3.46 7.51 30.74
CA PRO B 94 4.27 8.60 31.27
C PRO B 94 3.81 9.94 30.73
N SER B 95 3.85 10.96 31.58
CA SER B 95 3.53 12.34 31.22
C SER B 95 4.19 13.26 32.26
N GLU B 96 3.96 14.56 32.16
CA GLU B 96 4.49 15.51 33.14
C GLU B 96 3.82 15.37 34.51
N THR B 97 2.61 14.83 34.52
CA THR B 97 1.87 14.59 35.76
C THR B 97 1.99 13.14 36.21
N ASN B 98 2.67 12.33 35.40
CA ASN B 98 2.86 10.90 35.69
C ASN B 98 4.31 10.47 35.38
N PRO B 99 5.28 11.00 36.15
CA PRO B 99 6.68 10.72 35.86
C PRO B 99 7.15 9.32 36.28
N TYR B 100 8.14 8.80 35.55
CA TYR B 100 8.70 7.47 35.80
C TYR B 100 10.22 7.56 36.01
N ILE B 101 10.75 6.65 36.83
CA ILE B 101 12.17 6.35 36.84
C ILE B 101 12.36 4.87 36.56
N PHE B 102 13.16 4.54 35.56
CA PHE B 102 13.54 3.16 35.30
C PHE B 102 14.96 2.95 35.76
N ASN B 103 15.13 2.06 36.73
CA ASN B 103 16.38 1.90 37.48
C ASN B 103 17.31 0.82 36.90
N GLY B 104 17.64 0.98 35.62
CA GLY B 104 18.64 0.12 34.97
C GLY B 104 18.14 -1.23 34.52
N ASP B 105 19.04 -1.95 33.84
CA ASP B 105 18.77 -3.30 33.32
C ASP B 105 17.52 -3.34 32.46
N PHE B 106 17.53 -2.48 31.44
CA PHE B 106 16.47 -2.40 30.44
C PHE B 106 16.62 -3.50 29.41
N VAL B 107 17.87 -3.94 29.19
CA VAL B 107 18.20 -4.87 28.11
C VAL B 107 18.90 -6.15 28.61
N ASP B 108 19.15 -7.07 27.66
CA ASP B 108 19.68 -8.41 27.94
C ASP B 108 18.64 -9.33 28.55
N ARG B 109 18.86 -10.64 28.40
CA ARG B 109 17.98 -11.71 28.91
C ARG B 109 16.67 -11.83 28.14
N GLY B 110 15.82 -10.81 28.21
CA GLY B 110 14.57 -10.79 27.45
C GLY B 110 14.81 -10.55 25.96
N SER B 111 13.94 -11.07 25.12
CA SER B 111 14.19 -11.03 23.67
C SER B 111 13.47 -9.89 22.95
N PHE B 112 12.96 -8.94 23.71
CA PHE B 112 12.39 -7.71 23.14
C PHE B 112 13.11 -6.48 23.72
N SER B 113 14.44 -6.56 23.79
CA SER B 113 15.27 -5.51 24.39
C SER B 113 15.26 -4.24 23.53
N VAL B 114 15.30 -4.40 22.22
CA VAL B 114 15.24 -3.25 21.30
C VAL B 114 13.93 -2.47 21.48
N GLU B 115 12.82 -3.20 21.61
CA GLU B 115 11.51 -2.60 21.79
C GLU B 115 11.44 -1.84 23.12
N VAL B 116 12.00 -2.43 24.17
CA VAL B 116 12.05 -1.79 25.49
C VAL B 116 12.87 -0.51 25.44
N ILE B 117 14.12 -0.61 24.97
CA ILE B 117 15.06 0.51 25.05
C ILE B 117 14.63 1.69 24.17
N LEU B 118 14.10 1.41 22.99
CA LEU B 118 13.67 2.47 22.08
C LEU B 118 12.38 3.14 22.55
N THR B 119 11.51 2.38 23.21
CA THR B 119 10.33 2.95 23.88
C THR B 119 10.77 3.86 25.03
N LEU B 120 11.70 3.38 25.85
CA LEU B 120 12.20 4.18 26.97
C LEU B 120 12.93 5.43 26.52
N PHE B 121 13.78 5.30 25.49
CA PHE B 121 14.49 6.44 24.91
C PHE B 121 13.52 7.45 24.30
N GLY B 122 12.49 6.93 23.62
CA GLY B 122 11.44 7.77 23.06
C GLY B 122 10.71 8.60 24.10
N PHE B 123 10.34 7.97 25.21
CA PHE B 123 9.69 8.67 26.31
C PHE B 123 10.63 9.65 27.04
N LYS B 124 11.92 9.31 27.10
CA LYS B 124 12.92 10.20 27.68
C LYS B 124 13.01 11.49 26.86
N LEU B 125 12.98 11.35 25.54
CA LEU B 125 13.00 12.50 24.64
C LEU B 125 11.71 13.32 24.69
N LEU B 126 10.57 12.65 24.82
CA LEU B 126 9.27 13.30 24.88
C LEU B 126 9.05 14.07 26.19
N TYR B 127 9.45 13.48 27.31
CA TYR B 127 9.30 14.12 28.62
C TYR B 127 10.63 14.14 29.38
N PRO B 128 11.59 14.97 28.91
CA PRO B 128 12.97 14.96 29.45
C PRO B 128 13.10 15.17 30.95
N ASP B 129 12.16 15.89 31.56
CA ASP B 129 12.23 16.23 32.98
C ASP B 129 11.35 15.33 33.85
N HIS B 130 10.58 14.46 33.20
CA HIS B 130 9.61 13.62 33.91
C HIS B 130 9.73 12.15 33.57
N PHE B 131 10.74 11.80 32.79
CA PHE B 131 11.01 10.40 32.48
C PHE B 131 12.51 10.18 32.61
N HIS B 132 12.89 9.36 33.59
CA HIS B 132 14.29 9.23 33.97
C HIS B 132 14.79 7.84 33.83
N LEU B 133 16.01 7.72 33.29
CA LEU B 133 16.69 6.44 33.14
C LEU B 133 18.03 6.46 33.85
N LEU B 134 18.23 5.45 34.69
CA LEU B 134 19.51 5.25 35.37
C LEU B 134 20.19 4.00 34.82
N ARG B 135 21.52 4.01 34.80
CA ARG B 135 22.28 2.91 34.23
C ARG B 135 22.30 1.71 35.15
N GLY B 136 22.23 0.52 34.56
CA GLY B 136 22.39 -0.72 35.31
C GLY B 136 23.61 -1.46 34.80
N ASN B 137 23.95 -2.57 35.46
CA ASN B 137 25.13 -3.33 35.04
C ASN B 137 24.99 -3.94 33.64
N HIS B 138 23.75 -4.06 33.15
CA HIS B 138 23.51 -4.58 31.80
C HIS B 138 23.56 -3.57 30.69
N GLU B 139 23.60 -2.27 31.01
CA GLU B 139 23.82 -1.25 29.99
C GLU B 139 25.32 -1.02 29.76
N THR B 140 26.04 -2.12 29.54
CA THR B 140 27.49 -2.10 29.33
C THR B 140 27.87 -3.04 28.20
N ASP B 141 29.03 -2.79 27.59
CA ASP B 141 29.50 -3.55 26.44
C ASP B 141 29.74 -5.03 26.74
N ASN B 142 30.42 -5.30 27.86
CA ASN B 142 30.70 -6.68 28.32
C ASN B 142 29.46 -7.56 28.40
N MET B 143 28.44 -7.05 29.08
CA MET B 143 27.21 -7.80 29.33
C MET B 143 26.37 -7.98 28.06
N ASN B 144 26.25 -6.89 27.28
CA ASN B 144 25.48 -6.90 26.04
C ASN B 144 26.01 -7.91 25.04
N GLN B 145 27.34 -8.04 25.00
CA GLN B 145 28.05 -9.00 24.15
C GLN B 145 27.61 -10.44 24.43
N ILE B 146 27.30 -10.72 25.69
CA ILE B 146 27.01 -12.09 26.12
C ILE B 146 25.51 -12.38 26.25
N TYR B 147 24.77 -11.44 26.84
CA TYR B 147 23.42 -11.76 27.34
C TYR B 147 22.25 -11.35 26.44
N GLY B 148 22.51 -11.12 25.17
CA GLY B 148 21.42 -11.00 24.21
C GLY B 148 21.30 -9.71 23.41
N PHE B 149 21.62 -8.57 24.02
CA PHE B 149 21.30 -7.27 23.40
C PHE B 149 22.10 -6.97 22.12
N GLU B 150 23.40 -7.25 22.13
CA GLU B 150 24.22 -7.04 20.94
C GLU B 150 23.71 -7.93 19.81
N GLY B 151 23.45 -9.19 20.13
CA GLY B 151 22.90 -10.14 19.16
C GLY B 151 21.56 -9.67 18.62
N GLU B 152 20.72 -9.13 19.50
CA GLU B 152 19.40 -8.65 19.10
C GLU B 152 19.49 -7.43 18.18
N VAL B 153 20.33 -6.46 18.54
CA VAL B 153 20.54 -5.28 17.70
C VAL B 153 21.14 -5.65 16.34
N LYS B 154 22.04 -6.62 16.34
CA LYS B 154 22.65 -7.09 15.08
C LYS B 154 21.64 -7.81 14.20
N ALA B 155 20.69 -8.52 14.82
CA ALA B 155 19.66 -9.25 14.09
C ALA B 155 18.61 -8.33 13.48
N LYS B 156 18.27 -7.26 14.19
CA LYS B 156 17.22 -6.35 13.76
C LYS B 156 17.77 -5.15 12.98
N TYR B 157 18.98 -4.73 13.34
CA TYR B 157 19.64 -3.62 12.66
C TYR B 157 21.03 -4.06 12.20
N THR B 158 22.07 -3.39 12.68
CA THR B 158 23.45 -3.69 12.30
C THR B 158 24.38 -3.58 13.49
N ALA B 159 25.63 -4.03 13.30
CA ALA B 159 26.68 -3.88 14.31
C ALA B 159 26.91 -2.41 14.64
N GLN B 160 26.86 -1.56 13.61
CA GLN B 160 26.99 -0.11 13.80
C GLN B 160 25.90 0.48 14.71
N MET B 161 24.64 0.05 14.52
CA MET B 161 23.56 0.49 15.40
C MET B 161 23.84 0.11 16.84
N TYR B 162 24.41 -1.08 17.05
CA TYR B 162 24.80 -1.49 18.40
C TYR B 162 25.86 -0.56 19.03
N GLU B 163 26.87 -0.20 18.25
CA GLU B 163 27.93 0.67 18.74
C GLU B 163 27.40 2.00 19.24
N LEU B 164 26.38 2.52 18.54
CA LEU B 164 25.72 3.75 18.93
C LEU B 164 24.96 3.59 20.25
N PHE B 165 24.25 2.48 20.40
CA PHE B 165 23.58 2.15 21.67
C PHE B 165 24.60 2.14 22.80
N SER B 166 25.76 1.52 22.56
CA SER B 166 26.83 1.44 23.54
C SER B 166 27.28 2.83 24.01
N GLU B 167 27.41 3.74 23.05
CA GLU B 167 27.82 5.11 23.32
C GLU B 167 26.76 5.90 24.08
N VAL B 168 25.50 5.62 23.77
CA VAL B 168 24.38 6.27 24.47
C VAL B 168 24.29 5.80 25.92
N PHE B 169 24.49 4.49 26.15
CA PHE B 169 24.47 3.91 27.49
C PHE B 169 25.53 4.54 28.40
N GLU B 170 26.68 4.85 27.81
CA GLU B 170 27.78 5.48 28.55
C GLU B 170 27.40 6.84 29.15
N TRP B 171 26.33 7.45 28.66
CA TRP B 171 25.88 8.74 29.19
C TRP B 171 24.72 8.68 30.15
N LEU B 172 24.21 7.47 30.42
CA LEU B 172 23.14 7.31 31.40
C LEU B 172 23.66 7.69 32.80
N PRO B 173 22.88 8.51 33.53
CA PRO B 173 23.27 8.86 34.91
C PRO B 173 23.36 7.61 35.79
N LEU B 174 24.07 7.69 36.91
CA LEU B 174 24.31 6.53 37.76
C LEU B 174 23.43 6.49 39.00
N ALA B 175 22.84 7.62 39.35
CA ALA B 175 22.02 7.71 40.56
C ALA B 175 21.04 8.87 40.48
N GLN B 176 20.01 8.80 41.30
CA GLN B 176 18.99 9.84 41.38
C GLN B 176 18.57 10.05 42.84
N CYS B 177 18.50 11.32 43.24
CA CYS B 177 18.11 11.67 44.60
C CYS B 177 16.81 12.46 44.59
N ILE B 178 15.83 12.00 45.37
CA ILE B 178 14.53 12.64 45.46
C ILE B 178 14.42 13.45 46.75
N ASN B 179 14.15 14.76 46.59
CA ASN B 179 14.01 15.72 47.69
C ASN B 179 15.16 15.70 48.70
N GLY B 180 16.34 15.30 48.26
CA GLY B 180 17.52 15.19 49.11
C GLY B 180 17.41 14.11 50.18
N LYS B 181 16.56 13.12 49.96
CA LYS B 181 16.19 12.17 51.02
C LYS B 181 16.17 10.70 50.58
N VAL B 182 15.78 10.45 49.33
CA VAL B 182 15.77 9.09 48.79
C VAL B 182 16.78 9.00 47.67
N LEU B 183 17.73 8.07 47.79
CA LEU B 183 18.73 7.86 46.75
C LEU B 183 18.45 6.57 46.00
N ILE B 184 18.41 6.67 44.67
CA ILE B 184 18.10 5.54 43.80
C ILE B 184 19.29 5.22 42.91
N MET B 185 19.72 3.97 42.92
CA MET B 185 20.79 3.47 42.06
C MET B 185 20.48 2.02 41.73
N HIS B 186 21.09 1.48 40.67
CA HIS B 186 20.77 0.12 40.25
C HIS B 186 21.25 -0.92 41.22
N GLY B 187 22.54 -0.87 41.55
CA GLY B 187 23.18 -1.87 42.41
C GLY B 187 23.05 -1.53 43.88
N GLY B 188 23.97 -0.72 44.40
CA GLY B 188 23.88 -0.32 45.80
C GLY B 188 25.01 0.58 46.27
N LEU B 189 25.44 0.37 47.50
CA LEU B 189 26.42 1.24 48.13
C LEU B 189 27.86 0.77 47.92
N PHE B 190 28.79 1.32 48.70
CA PHE B 190 30.21 1.32 48.32
C PHE B 190 31.12 0.41 49.12
N SER B 191 32.23 0.01 48.49
CA SER B 191 33.22 -0.86 49.11
C SER B 191 34.07 -0.13 50.14
N GLU B 192 34.16 1.19 50.01
CA GLU B 192 34.87 2.02 50.97
C GLU B 192 33.89 2.94 51.70
N ASP B 193 34.26 3.34 52.91
CA ASP B 193 33.48 4.27 53.72
C ASP B 193 33.70 5.71 53.28
N GLY B 194 32.70 6.55 53.54
CA GLY B 194 32.84 8.00 53.37
C GLY B 194 32.62 8.56 51.98
N VAL B 195 31.94 7.80 51.13
CA VAL B 195 31.52 8.29 49.81
C VAL B 195 30.30 9.19 50.04
N THR B 196 30.27 10.34 49.36
CA THR B 196 29.20 11.31 49.53
C THR B 196 28.44 11.56 48.22
N LEU B 197 27.35 12.33 48.32
CA LEU B 197 26.57 12.74 47.15
C LEU B 197 27.42 13.53 46.15
N ASP B 198 28.32 14.37 46.68
CA ASP B 198 29.23 15.15 45.84
C ASP B 198 30.20 14.26 45.06
N ASP B 199 30.72 13.22 45.73
CA ASP B 199 31.53 12.22 45.05
C ASP B 199 30.78 11.60 43.88
N ILE B 200 29.50 11.33 44.08
CA ILE B 200 28.63 10.77 43.03
C ILE B 200 28.48 11.74 41.86
N ARG B 201 28.20 13.01 42.18
CA ARG B 201 28.13 14.07 41.16
C ARG B 201 29.41 14.17 40.32
N LYS B 202 30.55 13.94 40.96
CA LYS B 202 31.87 14.14 40.34
C LYS B 202 32.39 12.95 39.52
N ILE B 203 31.65 11.84 39.54
CA ILE B 203 32.03 10.65 38.79
C ILE B 203 31.96 10.93 37.29
N GLU B 204 33.09 10.71 36.61
CA GLU B 204 33.13 10.78 35.16
C GLU B 204 32.60 9.46 34.63
N ARG B 205 31.36 9.47 34.17
CA ARG B 205 30.61 8.25 33.91
C ARG B 205 30.61 7.80 32.46
N ASN B 206 31.08 8.67 31.56
CA ASN B 206 31.07 8.39 30.12
C ASN B 206 32.11 7.35 29.71
N ARG B 207 31.88 6.10 30.13
CA ARG B 207 32.83 5.02 29.97
C ARG B 207 32.18 3.69 30.34
N GLN B 208 32.88 2.59 30.06
CA GLN B 208 32.55 1.31 30.66
C GLN B 208 33.03 1.32 32.11
N PRO B 209 32.23 0.75 33.04
CA PRO B 209 32.58 0.78 34.47
C PRO B 209 33.92 0.11 34.78
N PRO B 210 34.64 0.60 35.80
CA PRO B 210 35.89 -0.03 36.22
C PRO B 210 35.65 -1.34 36.97
N ASP B 211 36.71 -2.12 37.17
CA ASP B 211 36.64 -3.38 37.92
C ASP B 211 36.34 -3.14 39.40
N SER B 212 36.57 -1.91 39.86
CA SER B 212 36.23 -1.49 41.22
C SER B 212 36.24 0.03 41.31
N GLY B 213 35.50 0.55 42.28
CA GLY B 213 35.37 1.98 42.45
C GLY B 213 33.93 2.37 42.67
N PRO B 214 33.68 3.66 42.94
CA PRO B 214 32.32 4.19 43.14
C PRO B 214 31.36 3.82 42.01
N MET B 215 31.80 3.98 40.76
CA MET B 215 30.99 3.66 39.59
C MET B 215 30.62 2.18 39.52
N CYS B 216 31.61 1.31 39.81
CA CYS B 216 31.38 -0.12 39.82
C CYS B 216 30.36 -0.52 40.88
N ASP B 217 30.50 0.04 42.09
CA ASP B 217 29.62 -0.29 43.20
C ASP B 217 28.17 0.09 42.91
N LEU B 218 27.98 1.28 42.34
CA LEU B 218 26.64 1.78 42.01
C LEU B 218 25.84 0.88 41.06
N LEU B 219 26.54 0.14 40.21
CA LEU B 219 25.90 -0.75 39.23
C LEU B 219 25.83 -2.21 39.68
N TRP B 220 26.65 -2.56 40.67
CA TRP B 220 26.95 -3.97 40.96
C TRP B 220 26.71 -4.50 42.35
N SER B 221 26.83 -3.67 43.39
CA SER B 221 26.80 -4.18 44.76
C SER B 221 25.41 -4.66 45.23
N ASP B 222 25.40 -5.51 46.25
CA ASP B 222 24.17 -6.04 46.84
C ASP B 222 24.17 -5.88 48.37
N PRO B 223 22.97 -5.73 48.98
CA PRO B 223 22.87 -5.74 50.44
C PRO B 223 23.05 -7.16 50.99
N GLN B 224 23.55 -7.24 52.22
CA GLN B 224 23.61 -8.50 52.96
C GLN B 224 22.98 -8.29 54.34
N PRO B 225 22.43 -9.37 54.95
CA PRO B 225 21.78 -9.23 56.25
C PRO B 225 22.74 -8.90 57.40
N GLN B 226 23.96 -9.43 57.35
CA GLN B 226 24.94 -9.24 58.43
C GLN B 226 25.77 -7.97 58.26
N ASN B 227 26.27 -7.45 59.37
CA ASN B 227 27.08 -6.23 59.37
C ASN B 227 28.38 -6.36 58.59
N GLY B 228 28.94 -5.22 58.22
CA GLY B 228 30.20 -5.16 57.48
C GLY B 228 30.04 -5.36 55.99
N ARG B 229 31.15 -5.72 55.35
CA ARG B 229 31.17 -5.94 53.91
C ARG B 229 31.75 -7.32 53.60
N SER B 230 31.38 -7.87 52.45
CA SER B 230 31.90 -9.15 52.01
C SER B 230 32.25 -9.10 50.54
N ILE B 231 33.21 -9.93 50.15
CA ILE B 231 33.50 -10.18 48.73
C ILE B 231 32.20 -10.67 48.09
N SER B 232 31.86 -10.09 46.94
CA SER B 232 30.59 -10.35 46.28
C SER B 232 30.55 -11.71 45.60
N LYS B 233 29.39 -12.36 45.68
CA LYS B 233 29.14 -13.62 44.99
C LYS B 233 29.25 -13.46 43.48
N ARG B 234 29.12 -12.22 43.00
CA ARG B 234 29.16 -11.91 41.58
C ARG B 234 30.59 -11.87 41.04
N GLY B 235 31.57 -11.77 41.95
CA GLY B 235 32.98 -11.73 41.57
C GLY B 235 33.47 -10.32 41.32
N VAL B 236 32.64 -9.33 41.65
CA VAL B 236 32.99 -7.92 41.49
C VAL B 236 32.17 -7.07 42.47
N SER B 237 32.72 -5.92 42.86
CA SER B 237 32.13 -5.04 43.89
C SER B 237 32.06 -5.74 45.25
N CYS B 238 31.01 -5.47 46.03
CA CYS B 238 30.89 -6.03 47.38
C CYS B 238 29.44 -6.27 47.80
N GLN B 239 29.29 -7.00 48.91
CA GLN B 239 28.02 -7.05 49.64
C GLN B 239 28.15 -6.14 50.85
N PHE B 240 27.12 -5.31 51.09
CA PHE B 240 27.17 -4.34 52.17
C PHE B 240 26.10 -4.58 53.23
N GLY B 241 26.49 -4.46 54.50
CA GLY B 241 25.58 -4.68 55.64
C GLY B 241 24.78 -3.46 56.04
N PRO B 242 23.82 -3.65 56.98
CA PRO B 242 22.97 -2.57 57.49
C PRO B 242 23.75 -1.42 58.12
N ASP B 243 24.90 -1.73 58.75
CA ASP B 243 25.74 -0.70 59.35
C ASP B 243 26.39 0.20 58.29
N VAL B 244 26.74 -0.39 57.15
CA VAL B 244 27.25 0.34 55.99
C VAL B 244 26.16 1.30 55.47
N THR B 245 24.95 0.78 55.31
CA THR B 245 23.79 1.58 54.86
C THR B 245 23.49 2.74 55.81
N LYS B 246 23.35 2.44 57.09
CA LYS B 246 23.14 3.45 58.13
C LYS B 246 24.22 4.55 58.09
N ALA B 247 25.48 4.14 58.04
CA ALA B 247 26.60 5.08 58.02
C ALA B 247 26.57 6.00 56.79
N PHE B 248 26.31 5.43 55.63
CA PHE B 248 26.17 6.21 54.39
C PHE B 248 25.00 7.21 54.45
N LEU B 249 23.82 6.73 54.84
CA LEU B 249 22.61 7.55 54.92
C LEU B 249 22.75 8.74 55.87
N GLU B 250 23.36 8.51 57.03
CA GLU B 250 23.53 9.56 58.03
C GLU B 250 24.48 10.66 57.58
N GLU B 251 25.59 10.30 56.95
CA GLU B 251 26.57 11.29 56.50
C GLU B 251 26.03 12.15 55.37
N ASN B 252 25.14 11.59 54.56
CA ASN B 252 24.55 12.29 53.42
C ASN B 252 23.16 12.88 53.68
N ASN B 253 22.69 12.76 54.91
CA ASN B 253 21.36 13.21 55.33
C ASN B 253 20.22 12.57 54.52
N LEU B 254 20.36 11.29 54.22
CA LEU B 254 19.35 10.54 53.45
C LEU B 254 18.48 9.68 54.35
N ASP B 255 17.26 9.39 53.89
CA ASP B 255 16.31 8.57 54.64
C ASP B 255 16.46 7.08 54.33
N TYR B 256 16.50 6.73 53.05
CA TYR B 256 16.68 5.34 52.62
C TYR B 256 17.08 5.27 51.15
N ILE B 257 17.53 4.09 50.72
CA ILE B 257 17.89 3.88 49.31
C ILE B 257 16.88 2.97 48.62
N ILE B 258 16.68 3.20 47.32
CA ILE B 258 15.95 2.27 46.46
C ILE B 258 16.92 1.74 45.41
N ARG B 259 16.99 0.42 45.32
CA ARG B 259 17.92 -0.26 44.41
C ARG B 259 17.16 -1.36 43.70
N SER B 260 17.79 -2.00 42.72
CA SER B 260 17.16 -3.11 41.99
C SER B 260 18.12 -4.31 41.94
N HIS B 261 18.45 -4.81 40.74
CA HIS B 261 19.65 -5.64 40.56
C HIS B 261 19.52 -7.06 41.11
N GLU B 262 18.42 -7.33 41.82
CA GLU B 262 18.16 -8.66 42.38
C GLU B 262 16.68 -9.05 42.26
N VAL B 263 16.40 -10.23 41.73
CA VAL B 263 15.02 -10.72 41.64
C VAL B 263 14.46 -11.07 43.01
N LYS B 264 13.21 -10.71 43.25
CA LYS B 264 12.51 -11.06 44.49
C LYS B 264 11.16 -11.66 44.13
N ALA B 265 10.81 -12.72 44.84
CA ALA B 265 9.54 -13.44 44.60
C ALA B 265 8.34 -12.52 44.65
N GLU B 266 8.37 -11.55 45.56
CA GLU B 266 7.26 -10.60 45.72
C GLU B 266 7.43 -9.32 44.89
N GLY B 267 8.50 -9.27 44.10
CA GLY B 267 8.78 -8.10 43.26
C GLY B 267 9.48 -6.96 43.97
N TYR B 268 9.61 -7.09 45.29
CA TYR B 268 10.27 -6.10 46.14
C TYR B 268 10.66 -6.72 47.48
N GLU B 269 11.52 -6.00 48.21
CA GLU B 269 11.98 -6.45 49.53
C GLU B 269 12.54 -5.26 50.30
N VAL B 270 12.21 -5.23 51.59
CA VAL B 270 12.70 -4.20 52.48
C VAL B 270 13.70 -4.82 53.46
N ALA B 271 14.95 -4.38 53.37
CA ALA B 271 15.99 -4.87 54.26
C ALA B 271 16.63 -3.73 55.05
N HIS B 272 17.60 -4.08 55.90
CA HIS B 272 18.40 -3.13 56.67
C HIS B 272 17.56 -2.23 57.54
N GLY B 273 16.51 -2.80 58.13
CA GLY B 273 15.61 -2.05 59.01
C GLY B 273 14.83 -0.96 58.32
N GLY B 274 14.47 -1.20 57.06
CA GLY B 274 13.71 -0.24 56.27
C GLY B 274 14.56 0.69 55.41
N ARG B 275 15.87 0.60 55.58
CA ARG B 275 16.82 1.51 54.94
C ARG B 275 17.22 1.14 53.51
N CYS B 276 17.02 -0.13 53.14
CA CYS B 276 17.39 -0.59 51.81
C CYS B 276 16.25 -1.37 51.13
N VAL B 277 15.64 -0.73 50.15
CA VAL B 277 14.50 -1.28 49.42
C VAL B 277 14.93 -1.76 48.04
N THR B 278 14.64 -3.03 47.73
CA THR B 278 14.87 -3.56 46.39
C THR B 278 13.55 -3.58 45.62
N VAL B 279 13.58 -3.04 44.40
CA VAL B 279 12.44 -3.09 43.48
C VAL B 279 12.84 -3.75 42.16
N PHE B 280 12.04 -4.72 41.71
CA PHE B 280 12.31 -5.51 40.51
C PHE B 280 11.04 -5.55 39.66
N SER B 281 11.14 -5.12 38.40
CA SER B 281 9.97 -4.90 37.56
C SER B 281 9.88 -5.84 36.36
N ALA B 282 10.54 -6.99 36.46
CA ALA B 282 10.49 -8.01 35.43
C ALA B 282 9.82 -9.28 35.98
N PRO B 283 8.49 -9.38 35.84
CA PRO B 283 7.75 -10.52 36.37
C PRO B 283 8.05 -11.80 35.58
N ASN B 284 7.94 -12.95 36.24
CA ASN B 284 8.23 -14.25 35.62
C ASN B 284 9.51 -14.14 34.77
N TYR B 285 10.55 -13.60 35.40
CA TYR B 285 11.81 -13.28 34.74
C TYR B 285 12.36 -14.47 33.94
N CYS B 286 12.70 -14.18 32.68
CA CYS B 286 13.18 -15.19 31.71
C CYS B 286 12.19 -16.35 31.49
N ASP B 287 10.90 -16.06 31.66
CA ASP B 287 9.82 -17.05 31.47
C ASP B 287 9.93 -18.27 32.40
N GLN B 288 10.78 -18.17 33.41
CA GLN B 288 11.15 -19.32 34.24
C GLN B 288 10.93 -19.05 35.73
N MET B 289 11.37 -17.89 36.18
CA MET B 289 11.44 -17.54 37.60
C MET B 289 10.12 -17.57 38.37
N GLY B 290 9.02 -17.22 37.70
CA GLY B 290 7.69 -17.25 38.31
C GLY B 290 7.44 -16.17 39.36
N ASN B 291 8.35 -15.20 39.43
CA ASN B 291 8.26 -14.11 40.40
C ASN B 291 7.19 -13.10 40.04
N LYS B 292 6.64 -12.45 41.07
CA LYS B 292 5.88 -11.22 40.88
C LYS B 292 6.87 -10.08 40.62
N ALA B 293 6.35 -8.97 40.13
CA ALA B 293 7.13 -7.75 39.99
C ALA B 293 6.42 -6.62 40.71
N SER B 294 7.11 -5.48 40.86
CA SER B 294 6.46 -4.32 41.44
C SER B 294 7.00 -3.01 40.89
N TYR B 295 6.22 -1.96 41.08
CA TYR B 295 6.70 -0.59 40.93
C TYR B 295 6.31 0.20 42.19
N ILE B 296 7.04 1.28 42.43
CA ILE B 296 6.88 2.09 43.63
C ILE B 296 6.26 3.44 43.29
N HIS B 297 5.24 3.85 44.06
CA HIS B 297 4.80 5.24 44.04
C HIS B 297 5.48 6.02 45.13
N LEU B 298 5.92 7.21 44.78
CA LEU B 298 6.51 8.18 45.72
C LEU B 298 5.79 9.51 45.56
N GLN B 299 5.49 10.15 46.70
CA GLN B 299 4.75 11.40 46.72
C GLN B 299 5.53 12.48 47.47
N GLY B 300 5.36 13.73 47.06
CA GLY B 300 6.02 14.85 47.72
C GLY B 300 5.64 15.02 49.18
N SER B 301 4.38 14.69 49.49
CA SER B 301 3.88 14.74 50.86
C SER B 301 4.10 13.42 51.60
N ASP B 302 4.55 12.41 50.87
CA ASP B 302 4.78 11.07 51.41
C ASP B 302 5.90 10.34 50.66
N LEU B 303 7.12 10.44 51.18
CA LEU B 303 8.29 9.80 50.57
C LEU B 303 8.42 8.31 50.91
N ARG B 304 7.50 7.80 51.71
CA ARG B 304 7.42 6.36 51.98
C ARG B 304 6.97 5.67 50.69
N PRO B 305 7.64 4.57 50.31
CA PRO B 305 7.24 3.88 49.07
C PRO B 305 5.91 3.14 49.23
N GLN B 306 4.97 3.39 48.33
CA GLN B 306 3.79 2.54 48.24
C GLN B 306 4.00 1.52 47.12
N PHE B 307 3.82 0.25 47.46
CA PHE B 307 4.15 -0.85 46.54
C PHE B 307 2.95 -1.31 45.74
N HIS B 308 3.19 -1.59 44.46
CA HIS B 308 2.16 -2.11 43.56
C HIS B 308 2.68 -3.31 42.85
N GLN B 309 2.18 -4.48 43.26
CA GLN B 309 2.58 -5.75 42.66
C GLN B 309 1.81 -6.06 41.39
N PHE B 310 2.49 -6.66 40.43
CA PHE B 310 1.84 -7.12 39.20
C PHE B 310 2.48 -8.43 38.72
N THR B 311 1.77 -9.12 37.84
CA THR B 311 2.23 -10.40 37.34
C THR B 311 2.45 -10.34 35.83
N ALA B 312 3.22 -11.30 35.32
CA ALA B 312 3.55 -11.38 33.89
C ALA B 312 2.31 -11.53 33.00
N VAL B 313 2.39 -10.94 31.80
CA VAL B 313 1.34 -11.08 30.78
C VAL B 313 1.89 -11.88 29.59
N PRO B 314 1.00 -12.34 28.68
CA PRO B 314 1.49 -13.09 27.52
C PRO B 314 2.41 -12.27 26.60
N HIS B 315 3.29 -12.96 25.90
CA HIS B 315 4.11 -12.38 24.84
C HIS B 315 4.23 -13.38 23.72
N PRO B 316 4.68 -12.94 22.52
CA PRO B 316 4.84 -13.86 21.39
C PRO B 316 5.87 -14.94 21.71
N ASN B 317 5.85 -16.03 20.94
CA ASN B 317 6.77 -17.15 21.18
C ASN B 317 8.21 -16.88 20.75
N VAL B 318 8.83 -15.93 21.43
CA VAL B 318 10.27 -15.70 21.31
C VAL B 318 10.86 -16.00 22.67
N LYS B 319 11.69 -17.04 22.73
CA LYS B 319 12.28 -17.48 24.00
C LYS B 319 13.33 -16.47 24.49
N PRO B 320 13.54 -16.41 25.82
CA PRO B 320 14.60 -15.52 26.32
C PRO B 320 15.97 -16.00 25.89
N MET B 321 16.90 -15.06 25.73
CA MET B 321 18.27 -15.36 25.30
C MET B 321 18.38 -15.83 23.84
N ALA B 322 17.27 -15.73 23.09
CA ALA B 322 17.21 -16.19 21.70
C ALA B 322 18.29 -15.55 20.81
N TYR B 323 18.68 -14.32 21.15
CA TYR B 323 19.68 -13.59 20.39
C TYR B 323 21.08 -13.66 21.03
N ALA B 324 21.18 -14.35 22.17
CA ALA B 324 22.44 -14.44 22.93
C ALA B 324 23.34 -15.56 22.41
N PRO C 13 -25.90 21.52 -18.09
CA PRO C 13 -26.23 21.24 -19.49
C PRO C 13 -27.65 21.66 -19.84
N LYS C 14 -27.83 22.19 -21.04
CA LYS C 14 -29.15 22.58 -21.52
C LYS C 14 -29.38 22.03 -22.93
N LEU C 15 -30.61 21.66 -23.22
CA LEU C 15 -30.98 21.19 -24.56
C LEU C 15 -30.84 22.32 -25.57
N GLU C 16 -30.28 22.01 -26.73
CA GLU C 16 -30.16 23.00 -27.79
C GLU C 16 -31.50 23.12 -28.53
N ASP C 17 -32.19 24.24 -28.27
CA ASP C 17 -33.54 24.50 -28.79
C ASP C 17 -34.52 23.35 -28.49
N GLY C 18 -34.43 22.77 -27.30
CA GLY C 18 -35.28 21.66 -26.89
C GLY C 18 -34.95 20.34 -27.56
N LYS C 19 -33.76 20.26 -28.15
CA LYS C 19 -33.31 19.04 -28.83
C LYS C 19 -32.04 18.49 -28.19
N VAL C 20 -31.98 17.15 -28.08
CA VAL C 20 -30.77 16.49 -27.61
C VAL C 20 -29.71 16.54 -28.71
N THR C 21 -28.48 16.91 -28.33
CA THR C 21 -27.33 16.87 -29.23
C THR C 21 -26.19 16.07 -28.58
N ILE C 22 -25.16 15.74 -29.35
CA ILE C 22 -24.00 15.00 -28.81
C ILE C 22 -23.24 15.81 -27.75
N SER C 23 -23.13 17.12 -27.98
CA SER C 23 -22.51 18.04 -27.02
C SER C 23 -23.28 18.05 -25.69
N PHE C 24 -24.61 18.07 -25.77
CA PHE C 24 -25.47 17.97 -24.58
C PHE C 24 -25.25 16.65 -23.83
N MET C 25 -25.17 15.55 -24.58
CA MET C 25 -24.99 14.23 -23.98
C MET C 25 -23.66 14.10 -23.23
N LYS C 26 -22.60 14.64 -23.82
CA LYS C 26 -21.27 14.65 -23.18
C LYS C 26 -21.26 15.48 -21.90
N GLU C 27 -21.83 16.69 -21.98
CA GLU C 27 -21.96 17.54 -20.79
C GLU C 27 -22.84 16.89 -19.71
N LEU C 28 -23.91 16.22 -20.14
CA LEU C 28 -24.81 15.52 -19.22
C LEU C 28 -24.11 14.41 -18.45
N MET C 29 -23.34 13.59 -19.17
CA MET C 29 -22.62 12.49 -18.55
C MET C 29 -21.57 12.99 -17.56
N GLN C 30 -20.89 14.09 -17.90
CA GLN C 30 -19.95 14.74 -16.99
C GLN C 30 -20.66 15.35 -15.77
N TRP C 31 -21.75 16.07 -16.03
CA TRP C 31 -22.58 16.69 -14.99
C TRP C 31 -23.03 15.66 -13.98
N TYR C 32 -23.50 14.52 -14.48
CA TYR C 32 -23.89 13.39 -13.63
C TYR C 32 -22.69 12.74 -12.93
N LYS C 33 -21.59 12.58 -13.64
CA LYS C 33 -20.35 12.07 -13.06
C LYS C 33 -19.98 12.89 -11.82
N ASP C 34 -20.23 14.20 -11.89
CA ASP C 34 -19.94 15.13 -10.80
C ASP C 34 -21.08 15.25 -9.77
N GLN C 35 -22.05 14.34 -9.84
CA GLN C 35 -23.16 14.25 -8.90
C GLN C 35 -24.11 15.45 -8.91
N LYS C 36 -24.28 16.05 -10.08
CA LYS C 36 -25.19 17.17 -10.23
C LYS C 36 -26.48 16.76 -10.96
N LYS C 37 -27.48 17.65 -10.94
CA LYS C 37 -28.82 17.35 -11.46
C LYS C 37 -29.17 18.12 -12.72
N LEU C 38 -29.80 17.44 -13.66
CA LEU C 38 -30.31 18.07 -14.88
C LEU C 38 -31.57 18.86 -14.55
N HIS C 39 -31.68 20.05 -15.14
CA HIS C 39 -32.86 20.91 -14.93
C HIS C 39 -34.14 20.19 -15.25
N ARG C 40 -35.14 20.35 -14.38
CA ARG C 40 -36.38 19.58 -14.50
C ARG C 40 -37.15 19.82 -15.80
N LYS C 41 -37.01 21.01 -16.37
CA LYS C 41 -37.65 21.31 -17.66
C LYS C 41 -36.99 20.54 -18.81
N CYS C 42 -35.68 20.33 -18.71
CA CYS C 42 -34.95 19.53 -19.70
C CYS C 42 -35.23 18.05 -19.51
N ALA C 43 -35.23 17.62 -18.24
CA ALA C 43 -35.62 16.27 -17.86
C ALA C 43 -37.03 15.94 -18.35
N TYR C 44 -37.95 16.86 -18.11
CA TYR C 44 -39.33 16.74 -18.57
C TYR C 44 -39.40 16.59 -20.09
N GLN C 45 -38.67 17.46 -20.80
CA GLN C 45 -38.63 17.44 -22.27
C GLN C 45 -38.13 16.11 -22.81
N ILE C 46 -37.04 15.62 -22.23
CA ILE C 46 -36.51 14.29 -22.56
C ILE C 46 -37.58 13.22 -22.41
N LEU C 47 -38.32 13.27 -21.30
CA LEU C 47 -39.35 12.29 -21.00
C LEU C 47 -40.56 12.34 -21.95
N VAL C 48 -41.10 13.53 -22.20
CA VAL C 48 -42.21 13.65 -23.15
C VAL C 48 -41.79 13.28 -24.57
N GLN C 49 -40.56 13.65 -24.95
CA GLN C 49 -40.05 13.34 -26.29
C GLN C 49 -39.79 11.86 -26.50
N VAL C 50 -39.19 11.21 -25.52
CA VAL C 50 -38.90 9.77 -25.64
C VAL C 50 -40.17 8.92 -25.55
N LYS C 51 -41.13 9.36 -24.72
CA LYS C 51 -42.46 8.74 -24.67
C LYS C 51 -43.09 8.73 -26.05
N GLU C 52 -42.99 9.86 -26.75
CA GLU C 52 -43.48 9.98 -28.10
C GLU C 52 -42.78 9.00 -29.06
N VAL C 53 -41.46 8.91 -28.94
CA VAL C 53 -40.64 8.00 -29.75
C VAL C 53 -41.02 6.53 -29.49
N LEU C 54 -41.02 6.14 -28.22
CA LEU C 54 -41.31 4.76 -27.82
C LEU C 54 -42.74 4.32 -28.15
N SER C 55 -43.70 5.23 -28.00
CA SER C 55 -45.11 4.91 -28.26
C SER C 55 -45.39 4.55 -29.72
N LYS C 56 -44.51 4.96 -30.62
CA LYS C 56 -44.66 4.66 -32.05
C LYS C 56 -43.98 3.36 -32.46
N LEU C 57 -43.27 2.73 -31.53
CA LEU C 57 -42.61 1.45 -31.79
C LEU C 57 -43.54 0.27 -31.57
N SER C 58 -43.29 -0.81 -32.30
CA SER C 58 -44.01 -2.07 -32.07
C SER C 58 -43.57 -2.68 -30.74
N THR C 59 -44.42 -3.54 -30.17
CA THR C 59 -44.08 -4.28 -28.96
C THR C 59 -42.88 -5.21 -29.24
N LEU C 60 -42.82 -5.70 -30.48
CA LEU C 60 -41.64 -6.41 -30.99
C LEU C 60 -40.88 -5.52 -31.98
N VAL C 61 -39.70 -5.06 -31.58
CA VAL C 61 -38.84 -4.27 -32.45
C VAL C 61 -38.12 -5.22 -33.39
N GLU C 62 -38.23 -4.97 -34.69
CA GLU C 62 -37.59 -5.84 -35.67
C GLU C 62 -36.48 -5.09 -36.41
N THR C 63 -35.26 -5.56 -36.26
CA THR C 63 -34.06 -4.85 -36.70
C THR C 63 -33.26 -5.63 -37.73
N THR C 64 -32.68 -4.91 -38.69
CA THR C 64 -31.77 -5.48 -39.67
C THR C 64 -30.30 -5.12 -39.37
N LEU C 65 -29.44 -6.13 -39.37
CA LEU C 65 -27.99 -5.94 -39.34
C LEU C 65 -27.37 -6.40 -40.66
N LYS C 66 -26.79 -5.46 -41.41
CA LYS C 66 -26.10 -5.77 -42.66
C LYS C 66 -24.90 -6.69 -42.40
N GLU C 67 -24.48 -7.40 -43.44
CA GLU C 67 -23.30 -8.28 -43.37
C GLU C 67 -22.12 -7.67 -42.61
N THR C 68 -21.93 -6.36 -42.78
CA THR C 68 -20.74 -5.66 -42.29
C THR C 68 -21.02 -4.83 -41.03
N GLU C 69 -22.28 -4.82 -40.59
CA GLU C 69 -22.70 -4.04 -39.43
C GLU C 69 -22.59 -4.84 -38.13
N LYS C 70 -22.61 -4.12 -37.01
CA LYS C 70 -22.58 -4.77 -35.70
C LYS C 70 -23.51 -4.08 -34.71
N ILE C 71 -23.81 -4.76 -33.61
CA ILE C 71 -24.61 -4.21 -32.52
C ILE C 71 -24.05 -4.71 -31.18
N THR C 72 -24.17 -3.88 -30.15
CA THR C 72 -23.76 -4.26 -28.80
C THR C 72 -25.00 -4.51 -27.96
N VAL C 73 -25.05 -5.64 -27.27
CA VAL C 73 -26.17 -5.95 -26.38
C VAL C 73 -25.69 -5.97 -24.94
N CYS C 74 -26.36 -5.19 -24.10
CA CYS C 74 -26.05 -5.12 -22.68
C CYS C 74 -27.23 -5.62 -21.86
N GLY C 75 -26.94 -6.27 -20.74
CA GLY C 75 -27.97 -6.69 -19.79
C GLY C 75 -28.22 -5.65 -18.71
N ASP C 76 -28.65 -6.12 -17.54
CA ASP C 76 -29.03 -5.26 -16.41
C ASP C 76 -27.94 -4.23 -16.09
N THR C 77 -28.36 -3.01 -15.77
CA THR C 77 -27.43 -1.97 -15.38
C THR C 77 -27.72 -1.43 -13.97
N HIS C 78 -28.98 -1.53 -13.56
CA HIS C 78 -29.42 -1.18 -12.19
C HIS C 78 -28.77 0.01 -11.56
N GLY C 79 -28.84 1.16 -12.23
CA GLY C 79 -28.39 2.44 -11.65
C GLY C 79 -26.92 2.50 -11.29
N GLN C 80 -26.12 1.67 -11.95
CA GLN C 80 -24.68 1.72 -11.78
C GLN C 80 -24.08 2.60 -12.88
N PHE C 81 -24.34 3.89 -12.77
CA PHE C 81 -24.01 4.89 -13.80
C PHE C 81 -22.53 4.95 -14.18
N TYR C 82 -21.66 4.82 -13.18
CA TYR C 82 -20.22 4.87 -13.41
C TYR C 82 -19.73 3.63 -14.16
N ASP C 83 -20.44 2.52 -13.99
CA ASP C 83 -20.17 1.31 -14.77
C ASP C 83 -20.74 1.45 -16.19
N LEU C 84 -21.85 2.16 -16.32
CA LEU C 84 -22.40 2.48 -17.64
C LEU C 84 -21.41 3.32 -18.45
N LEU C 85 -20.84 4.35 -17.84
CA LEU C 85 -19.80 5.18 -18.48
C LEU C 85 -18.61 4.33 -18.90
N ASN C 86 -18.26 3.35 -18.06
CA ASN C 86 -17.15 2.45 -18.35
C ASN C 86 -17.42 1.62 -19.60
N ILE C 87 -18.65 1.13 -19.75
CA ILE C 87 -19.09 0.45 -20.98
C ILE C 87 -18.77 1.30 -22.21
N PHE C 88 -19.14 2.59 -22.15
CA PHE C 88 -18.94 3.51 -23.26
C PHE C 88 -17.47 3.83 -23.50
N GLU C 89 -16.67 3.82 -22.44
CA GLU C 89 -15.23 4.03 -22.58
C GLU C 89 -14.55 2.78 -23.13
N LEU C 90 -15.06 1.59 -22.75
CA LEU C 90 -14.49 0.35 -23.25
C LEU C 90 -14.94 0.01 -24.67
N ASN C 91 -16.16 0.38 -25.01
CA ASN C 91 -16.83 -0.08 -26.24
C ASN C 91 -17.16 1.04 -27.22
N GLY C 92 -16.84 2.28 -26.85
CA GLY C 92 -17.15 3.44 -27.68
C GLY C 92 -18.52 3.97 -27.34
N LEU C 93 -18.72 5.27 -27.52
CA LEU C 93 -20.02 5.89 -27.32
C LEU C 93 -21.01 5.38 -28.36
N PRO C 94 -22.32 5.46 -28.07
CA PRO C 94 -23.32 5.11 -29.08
C PRO C 94 -23.25 6.05 -30.29
N SER C 95 -23.53 5.52 -31.46
CA SER C 95 -23.71 6.32 -32.68
C SER C 95 -24.41 5.44 -33.69
N GLU C 96 -24.59 5.96 -34.91
CA GLU C 96 -25.19 5.20 -36.00
C GLU C 96 -24.28 4.04 -36.44
N THR C 97 -22.98 4.18 -36.18
CA THR C 97 -22.02 3.11 -36.50
C THR C 97 -21.67 2.24 -35.29
N ASN C 98 -22.19 2.62 -34.12
CA ASN C 98 -21.95 1.85 -32.89
C ASN C 98 -23.26 1.67 -32.12
N PRO C 99 -24.18 0.85 -32.65
CA PRO C 99 -25.52 0.64 -32.08
C PRO C 99 -25.52 -0.15 -30.77
N TYR C 100 -26.48 0.17 -29.90
CA TYR C 100 -26.61 -0.48 -28.59
C TYR C 100 -28.02 -1.00 -28.34
N ILE C 101 -28.11 -2.13 -27.63
CA ILE C 101 -29.37 -2.56 -27.04
C ILE C 101 -29.15 -2.75 -25.54
N PHE C 102 -29.96 -2.05 -24.73
CA PHE C 102 -29.97 -2.27 -23.29
C PHE C 102 -31.23 -3.04 -22.88
N ASN C 103 -31.00 -4.25 -22.36
CA ASN C 103 -32.03 -5.26 -22.16
C ASN C 103 -32.73 -5.20 -20.79
N GLY C 104 -33.28 -4.02 -20.47
CA GLY C 104 -34.07 -3.84 -19.25
C GLY C 104 -33.29 -3.71 -17.95
N ASP C 105 -34.02 -3.50 -16.86
CA ASP C 105 -33.47 -3.31 -15.52
C ASP C 105 -32.39 -2.23 -15.49
N PHE C 106 -32.77 -1.04 -15.96
CA PHE C 106 -31.92 0.14 -15.94
C PHE C 106 -31.90 0.79 -14.55
N VAL C 107 -32.99 0.63 -13.81
CA VAL C 107 -33.19 1.33 -12.53
C VAL C 107 -33.34 0.35 -11.36
N ASP C 108 -33.43 0.91 -10.16
CA ASP C 108 -33.55 0.15 -8.91
C ASP C 108 -32.22 -0.45 -8.46
N ARG C 109 -32.13 -0.70 -7.15
CA ARG C 109 -30.95 -1.29 -6.51
C ARG C 109 -29.77 -0.32 -6.43
N GLY C 110 -29.27 0.11 -7.58
CA GLY C 110 -28.20 1.11 -7.64
C GLY C 110 -28.71 2.48 -7.29
N SER C 111 -27.84 3.33 -6.76
CA SER C 111 -28.25 4.65 -6.28
C SER C 111 -28.00 5.80 -7.27
N PHE C 112 -27.64 5.45 -8.50
CA PHE C 112 -27.53 6.43 -9.58
C PHE C 112 -28.48 6.04 -10.73
N SER C 113 -29.73 5.73 -10.37
CA SER C 113 -30.73 5.24 -11.34
C SER C 113 -31.24 6.33 -12.27
N VAL C 114 -31.55 7.50 -11.71
CA VAL C 114 -31.95 8.67 -12.48
C VAL C 114 -30.92 9.01 -13.56
N GLU C 115 -29.64 8.95 -13.19
CA GLU C 115 -28.54 9.26 -14.08
C GLU C 115 -28.43 8.24 -15.23
N VAL C 116 -28.52 6.95 -14.89
CA VAL C 116 -28.56 5.87 -15.88
C VAL C 116 -29.71 6.06 -16.87
N ILE C 117 -30.94 6.19 -16.35
CA ILE C 117 -32.12 6.22 -17.20
C ILE C 117 -32.21 7.47 -18.08
N LEU C 118 -31.84 8.62 -17.53
CA LEU C 118 -31.88 9.87 -18.31
C LEU C 118 -30.77 9.93 -19.36
N THR C 119 -29.63 9.31 -19.06
CA THR C 119 -28.56 9.16 -20.03
C THR C 119 -29.00 8.22 -21.14
N LEU C 120 -29.63 7.10 -20.79
CA LEU C 120 -30.12 6.15 -21.78
C LEU C 120 -31.22 6.76 -22.65
N PHE C 121 -32.16 7.47 -22.02
CA PHE C 121 -33.21 8.14 -22.79
C PHE C 121 -32.66 9.20 -23.73
N GLY C 122 -31.65 9.93 -23.24
CA GLY C 122 -30.96 10.94 -24.04
C GLY C 122 -30.36 10.35 -25.29
N PHE C 123 -29.68 9.22 -25.15
CA PHE C 123 -29.09 8.55 -26.31
C PHE C 123 -30.13 7.94 -27.24
N LYS C 124 -31.29 7.56 -26.68
CA LYS C 124 -32.37 7.03 -27.49
C LYS C 124 -32.92 8.14 -28.39
N LEU C 125 -33.03 9.34 -27.82
CA LEU C 125 -33.50 10.50 -28.58
C LEU C 125 -32.50 10.94 -29.64
N LEU C 126 -31.21 10.82 -29.33
CA LEU C 126 -30.15 11.23 -30.25
C LEU C 126 -29.98 10.23 -31.41
N TYR C 127 -30.02 8.93 -31.10
CA TYR C 127 -29.87 7.87 -32.10
C TYR C 127 -31.04 6.88 -32.05
N PRO C 128 -32.26 7.32 -32.43
CA PRO C 128 -33.46 6.50 -32.25
C PRO C 128 -33.44 5.18 -33.01
N ASP C 129 -32.68 5.10 -34.09
CA ASP C 129 -32.66 3.89 -34.92
C ASP C 129 -31.47 2.98 -34.61
N HIS C 130 -30.59 3.43 -33.72
CA HIS C 130 -29.36 2.72 -33.40
C HIS C 130 -29.13 2.58 -31.92
N PHE C 131 -30.11 3.00 -31.13
CA PHE C 131 -30.03 2.88 -29.68
C PHE C 131 -31.34 2.34 -29.15
N HIS C 132 -31.28 1.14 -28.57
CA HIS C 132 -32.48 0.38 -28.26
C HIS C 132 -32.65 0.08 -26.81
N LEU C 133 -33.87 0.26 -26.32
CA LEU C 133 -34.19 0.02 -24.92
C LEU C 133 -35.37 -0.93 -24.80
N LEU C 134 -35.16 -2.04 -24.10
CA LEU C 134 -36.22 -3.02 -23.85
C LEU C 134 -36.62 -2.98 -22.39
N ARG C 135 -37.90 -3.22 -22.12
CA ARG C 135 -38.41 -3.17 -20.75
C ARG C 135 -37.92 -4.36 -19.93
N GLY C 136 -37.53 -4.09 -18.69
CA GLY C 136 -37.23 -5.13 -17.72
C GLY C 136 -38.32 -5.20 -16.68
N ASN C 137 -38.24 -6.18 -15.79
CA ASN C 137 -39.24 -6.29 -14.73
C ASN C 137 -39.14 -5.13 -13.73
N HIS C 138 -37.99 -4.45 -13.70
CA HIS C 138 -37.81 -3.28 -12.83
C HIS C 138 -38.29 -1.99 -13.40
N GLU C 139 -38.66 -1.96 -14.68
CA GLU C 139 -39.32 -0.78 -15.22
C GLU C 139 -40.83 -0.86 -14.98
N THR C 140 -41.19 -1.01 -13.70
CA THR C 140 -42.59 -1.17 -13.26
C THR C 140 -42.81 -0.44 -11.93
N ASP C 141 -44.06 -0.02 -11.68
CA ASP C 141 -44.44 0.67 -10.44
C ASP C 141 -44.15 -0.15 -9.18
N ASN C 142 -44.53 -1.42 -9.20
CA ASN C 142 -44.36 -2.32 -8.04
C ASN C 142 -42.93 -2.42 -7.58
N MET C 143 -42.02 -2.61 -8.55
CA MET C 143 -40.60 -2.74 -8.25
C MET C 143 -39.95 -1.41 -7.85
N ASN C 144 -40.25 -0.35 -8.61
CA ASN C 144 -39.74 0.99 -8.30
C ASN C 144 -40.08 1.47 -6.89
N GLN C 145 -41.29 1.12 -6.42
CA GLN C 145 -41.76 1.49 -5.08
C GLN C 145 -40.88 0.88 -3.98
N ILE C 146 -40.40 -0.34 -4.22
CA ILE C 146 -39.67 -1.11 -3.22
C ILE C 146 -38.15 -0.95 -3.32
N TYR C 147 -37.64 -0.94 -4.55
CA TYR C 147 -36.20 -1.13 -4.77
C TYR C 147 -35.38 0.12 -5.10
N GLY C 148 -35.96 1.30 -4.87
CA GLY C 148 -35.18 2.55 -4.90
C GLY C 148 -35.55 3.65 -5.88
N PHE C 149 -36.04 3.29 -7.06
CA PHE C 149 -36.22 4.29 -8.13
C PHE C 149 -37.30 5.34 -7.86
N GLU C 150 -38.45 4.93 -7.32
CA GLU C 150 -39.49 5.88 -6.93
C GLU C 150 -38.94 6.82 -5.86
N GLY C 151 -38.26 6.25 -4.86
CA GLY C 151 -37.58 7.02 -3.83
C GLY C 151 -36.58 8.02 -4.38
N GLU C 152 -35.83 7.60 -5.40
CA GLU C 152 -34.79 8.45 -5.98
C GLU C 152 -35.41 9.63 -6.74
N VAL C 153 -36.41 9.33 -7.57
CA VAL C 153 -37.10 10.36 -8.34
C VAL C 153 -37.85 11.35 -7.44
N LYS C 154 -38.47 10.85 -6.37
CA LYS C 154 -39.18 11.73 -5.44
C LYS C 154 -38.21 12.66 -4.70
N ALA C 155 -37.02 12.16 -4.42
CA ALA C 155 -36.00 12.93 -3.71
C ALA C 155 -35.32 13.97 -4.59
N LYS C 156 -35.07 13.62 -5.85
CA LYS C 156 -34.36 14.50 -6.79
C LYS C 156 -35.32 15.41 -7.56
N TYR C 157 -36.53 14.91 -7.81
CA TYR C 157 -37.53 15.69 -8.51
C TYR C 157 -38.83 15.69 -7.71
N THR C 158 -39.91 15.19 -8.30
CA THR C 158 -41.23 15.18 -7.67
C THR C 158 -41.96 13.87 -7.93
N ALA C 159 -43.07 13.68 -7.23
CA ALA C 159 -43.97 12.56 -7.47
C ALA C 159 -44.50 12.62 -8.91
N GLN C 160 -44.82 13.83 -9.37
CA GLN C 160 -45.29 14.05 -10.74
C GLN C 160 -44.26 13.59 -11.78
N MET C 161 -42.99 13.88 -11.53
CA MET C 161 -41.90 13.42 -12.40
C MET C 161 -41.84 11.89 -12.43
N TYR C 162 -42.01 11.25 -11.28
CA TYR C 162 -42.03 9.79 -11.22
C TYR C 162 -43.20 9.19 -12.02
N GLU C 163 -44.37 9.79 -11.85
CA GLU C 163 -45.56 9.41 -12.61
C GLU C 163 -45.27 9.48 -14.11
N LEU C 164 -44.47 10.48 -14.52
CA LEU C 164 -44.05 10.58 -15.91
C LEU C 164 -43.07 9.46 -16.29
N PHE C 165 -42.13 9.13 -15.41
CA PHE C 165 -41.23 8.00 -15.65
C PHE C 165 -42.02 6.70 -15.82
N SER C 166 -43.01 6.51 -14.97
CA SER C 166 -43.90 5.35 -15.02
C SER C 166 -44.58 5.20 -16.37
N GLU C 167 -45.11 6.32 -16.88
CA GLU C 167 -45.83 6.34 -18.16
C GLU C 167 -44.90 6.10 -19.34
N VAL C 168 -43.66 6.57 -19.22
CA VAL C 168 -42.64 6.33 -20.25
C VAL C 168 -42.25 4.85 -20.28
N PHE C 169 -42.06 4.26 -19.11
CA PHE C 169 -41.66 2.84 -19.00
C PHE C 169 -42.69 1.93 -19.65
N GLU C 170 -43.97 2.30 -19.54
CA GLU C 170 -45.06 1.52 -20.12
C GLU C 170 -44.97 1.41 -21.64
N TRP C 171 -44.24 2.33 -22.26
CA TRP C 171 -44.08 2.35 -23.71
C TRP C 171 -42.84 1.66 -24.20
N LEU C 172 -41.98 1.23 -23.27
CA LEU C 172 -40.80 0.46 -23.64
C LEU C 172 -41.19 -0.87 -24.30
N PRO C 173 -40.59 -1.18 -25.47
CA PRO C 173 -40.87 -2.44 -26.16
C PRO C 173 -40.51 -3.64 -25.28
N LEU C 174 -41.12 -4.79 -25.56
CA LEU C 174 -40.92 -5.98 -24.76
C LEU C 174 -39.91 -6.99 -25.33
N ALA C 175 -39.63 -6.89 -26.62
CA ALA C 175 -38.67 -7.79 -27.27
C ALA C 175 -38.11 -7.17 -28.55
N GLN C 176 -36.93 -7.65 -28.94
CA GLN C 176 -36.28 -7.21 -30.18
C GLN C 176 -35.79 -8.41 -30.99
N CYS C 177 -36.06 -8.40 -32.29
CA CYS C 177 -35.63 -9.48 -33.18
C CYS C 177 -34.65 -8.98 -34.23
N ILE C 178 -33.46 -9.58 -34.25
CA ILE C 178 -32.41 -9.21 -35.19
C ILE C 178 -32.41 -10.16 -36.39
N ASN C 179 -32.59 -9.59 -37.59
CA ASN C 179 -32.55 -10.35 -38.87
C ASN C 179 -33.46 -11.58 -38.91
N GLY C 180 -34.48 -11.58 -38.06
CA GLY C 180 -35.41 -12.70 -37.93
C GLY C 180 -34.79 -13.97 -37.38
N LYS C 181 -33.70 -13.85 -36.64
CA LYS C 181 -32.95 -15.03 -36.17
C LYS C 181 -32.58 -15.00 -34.68
N VAL C 182 -32.36 -13.81 -34.14
CA VAL C 182 -32.01 -13.65 -32.73
C VAL C 182 -33.10 -12.84 -32.02
N LEU C 183 -33.68 -13.43 -30.99
CA LEU C 183 -34.71 -12.76 -30.19
C LEU C 183 -34.14 -12.34 -28.82
N ILE C 184 -34.34 -11.06 -28.50
CA ILE C 184 -33.84 -10.48 -27.27
C ILE C 184 -35.03 -10.02 -26.42
N MET C 185 -35.06 -10.45 -25.17
CA MET C 185 -36.03 -9.99 -24.18
C MET C 185 -35.37 -10.04 -22.81
N HIS C 186 -35.92 -9.31 -21.85
CA HIS C 186 -35.30 -9.22 -20.53
C HIS C 186 -35.28 -10.51 -19.76
N GLY C 187 -36.46 -11.09 -19.56
CA GLY C 187 -36.61 -12.32 -18.79
C GLY C 187 -36.36 -13.56 -19.61
N GLY C 188 -37.35 -13.96 -20.41
CA GLY C 188 -37.20 -15.14 -21.24
C GLY C 188 -38.49 -15.60 -21.89
N LEU C 189 -38.62 -16.91 -22.01
CA LEU C 189 -39.70 -17.52 -22.78
C LEU C 189 -40.96 -17.79 -21.96
N PHE C 190 -41.91 -18.52 -22.55
CA PHE C 190 -43.29 -18.49 -22.07
C PHE C 190 -43.74 -19.74 -21.32
N SER C 191 -44.69 -19.55 -20.41
CA SER C 191 -45.33 -20.64 -19.66
C SER C 191 -46.20 -21.51 -20.55
N GLU C 192 -46.62 -20.96 -21.68
CA GLU C 192 -47.52 -21.64 -22.60
C GLU C 192 -46.78 -22.06 -23.87
N ASP C 193 -47.17 -23.21 -24.41
CA ASP C 193 -46.64 -23.67 -25.68
C ASP C 193 -47.31 -22.92 -26.82
N GLY C 194 -46.56 -22.70 -27.90
CA GLY C 194 -47.12 -22.15 -29.13
C GLY C 194 -47.26 -20.65 -29.21
N VAL C 195 -46.54 -19.92 -28.35
CA VAL C 195 -46.44 -18.47 -28.48
C VAL C 195 -45.52 -18.17 -29.65
N THR C 196 -45.94 -17.26 -30.53
CA THR C 196 -45.16 -16.91 -31.73
C THR C 196 -44.66 -15.46 -31.69
N LEU C 197 -43.85 -15.10 -32.68
CA LEU C 197 -43.35 -13.73 -32.81
C LEU C 197 -44.50 -12.73 -33.02
N ASP C 198 -45.49 -13.14 -33.81
CA ASP C 198 -46.66 -12.30 -34.06
C ASP C 198 -47.47 -12.04 -32.80
N ASP C 199 -47.57 -13.06 -31.93
CA ASP C 199 -48.21 -12.91 -30.63
C ASP C 199 -47.56 -11.78 -29.82
N ILE C 200 -46.22 -11.73 -29.85
CA ILE C 200 -45.47 -10.71 -29.13
C ILE C 200 -45.75 -9.31 -29.71
N ARG C 201 -45.73 -9.20 -31.05
CA ARG C 201 -46.05 -7.95 -31.75
C ARG C 201 -47.39 -7.35 -31.32
N LYS C 202 -48.35 -8.23 -31.02
CA LYS C 202 -49.72 -7.79 -30.76
C LYS C 202 -50.07 -7.62 -29.28
N ILE C 203 -49.08 -7.77 -28.40
CA ILE C 203 -49.27 -7.47 -26.98
C ILE C 203 -49.48 -5.96 -26.79
N GLU C 204 -50.55 -5.62 -26.07
CA GLU C 204 -50.83 -4.24 -25.69
C GLU C 204 -50.03 -3.94 -24.43
N ARG C 205 -48.95 -3.18 -24.60
CA ARG C 205 -47.89 -3.10 -23.59
C ARG C 205 -47.94 -1.90 -22.64
N ASN C 206 -48.68 -0.86 -23.00
CA ASN C 206 -48.72 0.36 -22.19
C ASN C 206 -49.57 0.23 -20.93
N ARG C 207 -49.06 -0.55 -19.99
CA ARG C 207 -49.73 -0.90 -18.74
C ARG C 207 -48.69 -1.50 -17.79
N GLN C 208 -49.10 -1.73 -16.55
CA GLN C 208 -48.29 -2.53 -15.62
C GLN C 208 -48.49 -4.01 -15.96
N PRO C 209 -47.42 -4.82 -15.92
CA PRO C 209 -47.51 -6.23 -16.32
C PRO C 209 -48.52 -7.02 -15.51
N PRO C 210 -49.24 -7.96 -16.15
CA PRO C 210 -50.16 -8.83 -15.42
C PRO C 210 -49.41 -9.88 -14.59
N ASP C 211 -50.15 -10.55 -13.69
CA ASP C 211 -49.59 -11.57 -12.81
C ASP C 211 -49.16 -12.83 -13.56
N SER C 212 -49.67 -13.00 -14.79
CA SER C 212 -49.30 -14.13 -15.64
C SER C 212 -49.59 -13.79 -17.09
N GLY C 213 -49.07 -14.60 -18.01
CA GLY C 213 -49.29 -14.37 -19.42
C GLY C 213 -48.01 -13.96 -20.13
N PRO C 214 -48.07 -13.85 -21.47
CA PRO C 214 -46.88 -13.56 -22.27
C PRO C 214 -46.10 -12.31 -21.83
N MET C 215 -46.81 -11.23 -21.52
CA MET C 215 -46.17 -9.99 -21.06
C MET C 215 -45.40 -10.16 -19.75
N CYS C 216 -46.01 -10.89 -18.82
CA CYS C 216 -45.34 -11.26 -17.57
C CYS C 216 -44.11 -12.12 -17.83
N ASP C 217 -44.26 -13.15 -18.65
CA ASP C 217 -43.17 -14.10 -18.95
C ASP C 217 -41.93 -13.43 -19.54
N LEU C 218 -42.16 -12.53 -20.50
CA LEU C 218 -41.06 -11.82 -21.18
C LEU C 218 -40.19 -11.02 -20.21
N LEU C 219 -40.79 -10.60 -19.10
CA LEU C 219 -40.10 -9.80 -18.09
C LEU C 219 -39.56 -10.61 -16.92
N TRP C 220 -40.09 -11.82 -16.71
CA TRP C 220 -39.89 -12.52 -15.43
C TRP C 220 -39.31 -13.90 -15.46
N SER C 221 -39.47 -14.62 -16.57
CA SER C 221 -39.06 -16.04 -16.62
C SER C 221 -37.54 -16.25 -16.63
N ASP C 222 -37.14 -17.46 -16.24
CA ASP C 222 -35.75 -17.88 -16.16
C ASP C 222 -35.56 -19.24 -16.82
N PRO C 223 -34.39 -19.49 -17.44
CA PRO C 223 -34.14 -20.84 -17.93
C PRO C 223 -33.74 -21.78 -16.79
N GLN C 224 -33.98 -23.07 -16.98
CA GLN C 224 -33.50 -24.10 -16.06
C GLN C 224 -32.79 -25.17 -16.88
N PRO C 225 -31.86 -25.93 -16.26
CA PRO C 225 -31.11 -26.93 -17.03
C PRO C 225 -31.97 -28.11 -17.50
N GLN C 226 -32.95 -28.52 -16.70
CA GLN C 226 -33.80 -29.67 -17.02
C GLN C 226 -34.97 -29.32 -17.93
N ASN C 227 -35.43 -30.32 -18.68
CA ASN C 227 -36.51 -30.19 -19.65
C ASN C 227 -37.86 -29.79 -19.04
N GLY C 228 -38.75 -29.31 -19.89
CA GLY C 228 -40.10 -28.92 -19.49
C GLY C 228 -40.15 -27.58 -18.77
N ARG C 229 -41.08 -27.46 -17.84
CA ARG C 229 -41.32 -26.22 -17.11
C ARG C 229 -41.46 -26.47 -15.62
N SER C 230 -41.17 -25.43 -14.82
CA SER C 230 -41.38 -25.46 -13.39
C SER C 230 -41.96 -24.12 -12.93
N ILE C 231 -42.67 -24.16 -11.81
CA ILE C 231 -43.09 -22.94 -11.12
C ILE C 231 -41.83 -22.15 -10.76
N SER C 232 -41.87 -20.84 -10.98
CA SER C 232 -40.72 -19.99 -10.74
C SER C 232 -40.49 -19.75 -9.25
N LYS C 233 -39.23 -19.70 -8.85
CA LYS C 233 -38.84 -19.35 -7.48
C LYS C 233 -39.19 -17.90 -7.16
N ARG C 234 -39.30 -17.08 -8.20
CA ARG C 234 -39.62 -15.66 -8.06
C ARG C 234 -41.07 -15.43 -7.65
N GLY C 235 -41.88 -16.50 -7.68
CA GLY C 235 -43.28 -16.41 -7.32
C GLY C 235 -44.18 -15.91 -8.43
N VAL C 236 -43.60 -15.76 -9.63
CA VAL C 236 -44.34 -15.32 -10.80
C VAL C 236 -43.69 -15.87 -12.06
N SER C 237 -44.49 -16.12 -13.10
CA SER C 237 -44.01 -16.71 -14.37
C SER C 237 -43.52 -18.15 -14.20
N CYS C 238 -42.53 -18.56 -15.00
CA CYS C 238 -42.07 -19.94 -15.00
C CYS C 238 -40.56 -20.08 -15.23
N GLN C 239 -40.07 -21.30 -15.03
CA GLN C 239 -38.75 -21.70 -15.48
C GLN C 239 -38.91 -22.59 -16.70
N PHE C 240 -38.12 -22.34 -17.73
CA PHE C 240 -38.24 -23.08 -18.98
C PHE C 240 -36.96 -23.85 -19.32
N GLY C 241 -37.14 -25.09 -19.75
CA GLY C 241 -36.01 -25.98 -20.07
C GLY C 241 -35.54 -25.88 -21.50
N PRO C 242 -34.47 -26.64 -21.84
CA PRO C 242 -33.85 -26.67 -23.17
C PRO C 242 -34.82 -26.99 -24.31
N ASP C 243 -35.77 -27.87 -24.04
CA ASP C 243 -36.78 -28.28 -25.04
C ASP C 243 -37.78 -27.17 -25.36
N VAL C 244 -38.20 -26.43 -24.32
CA VAL C 244 -39.09 -25.27 -24.48
C VAL C 244 -38.45 -24.23 -25.41
N THR C 245 -37.19 -23.92 -25.16
CA THR C 245 -36.41 -23.02 -26.02
C THR C 245 -36.30 -23.61 -27.42
N LYS C 246 -35.90 -24.87 -27.50
CA LYS C 246 -35.74 -25.58 -28.77
C LYS C 246 -37.04 -25.53 -29.57
N ALA C 247 -38.15 -25.81 -28.90
CA ALA C 247 -39.48 -25.78 -29.51
C ALA C 247 -39.83 -24.38 -30.01
N PHE C 248 -39.60 -23.39 -29.16
CA PHE C 248 -39.92 -22.00 -29.49
C PHE C 248 -39.15 -21.49 -30.71
N LEU C 249 -37.84 -21.73 -30.73
CA LEU C 249 -36.99 -21.26 -31.82
C LEU C 249 -37.35 -21.93 -33.14
N GLU C 250 -37.64 -23.22 -33.09
CA GLU C 250 -37.99 -23.98 -34.30
C GLU C 250 -39.28 -23.48 -34.93
N GLU C 251 -40.28 -23.16 -34.09
CA GLU C 251 -41.55 -22.60 -34.54
C GLU C 251 -41.40 -21.23 -35.23
N ASN C 252 -40.48 -20.42 -34.72
CA ASN C 252 -40.33 -19.03 -35.16
C ASN C 252 -39.10 -18.78 -36.04
N ASN C 253 -38.55 -19.86 -36.59
CA ASN C 253 -37.33 -19.83 -37.43
C ASN C 253 -36.16 -19.04 -36.82
N LEU C 254 -36.01 -19.12 -35.49
CA LEU C 254 -34.97 -18.40 -34.78
C LEU C 254 -33.79 -19.31 -34.43
N ASP C 255 -32.62 -18.73 -34.27
CA ASP C 255 -31.40 -19.47 -33.92
C ASP C 255 -31.22 -19.61 -32.41
N TYR C 256 -31.34 -18.50 -31.69
CA TYR C 256 -31.21 -18.48 -30.24
C TYR C 256 -31.78 -17.22 -29.64
N ILE C 257 -31.83 -17.18 -28.31
CA ILE C 257 -32.29 -16.00 -27.58
C ILE C 257 -31.19 -15.43 -26.68
N ILE C 258 -31.21 -14.11 -26.52
CA ILE C 258 -30.39 -13.42 -25.54
C ILE C 258 -31.34 -12.83 -24.49
N ARG C 259 -31.04 -13.10 -23.23
CA ARG C 259 -31.85 -12.66 -22.11
C ARG C 259 -30.93 -12.10 -21.03
N SER C 260 -31.52 -11.52 -19.99
CA SER C 260 -30.75 -10.99 -18.87
C SER C 260 -31.35 -11.50 -17.57
N HIS C 261 -31.71 -10.59 -16.66
CA HIS C 261 -32.58 -10.93 -15.53
C HIS C 261 -31.93 -11.78 -14.45
N GLU C 262 -30.70 -12.23 -14.67
CA GLU C 262 -29.97 -13.07 -13.70
C GLU C 262 -28.49 -12.72 -13.60
N VAL C 263 -28.01 -12.52 -12.38
CA VAL C 263 -26.58 -12.29 -12.16
C VAL C 263 -25.80 -13.58 -12.41
N LYS C 264 -24.69 -13.45 -13.12
CA LYS C 264 -23.78 -14.57 -13.35
C LYS C 264 -22.39 -14.10 -12.94
N ALA C 265 -21.65 -14.97 -12.25
CA ALA C 265 -20.32 -14.64 -11.75
C ALA C 265 -19.40 -14.11 -12.85
N GLU C 266 -19.53 -14.69 -14.05
CA GLU C 266 -18.72 -14.33 -15.19
C GLU C 266 -19.34 -13.25 -16.06
N GLY C 267 -20.54 -12.80 -15.66
CA GLY C 267 -21.25 -11.73 -16.38
C GLY C 267 -22.10 -12.22 -17.55
N TYR C 268 -21.98 -13.50 -17.86
CA TYR C 268 -22.78 -14.14 -18.90
C TYR C 268 -22.88 -15.64 -18.67
N GLU C 269 -23.78 -16.28 -19.41
CA GLU C 269 -23.92 -17.72 -19.38
C GLU C 269 -24.55 -18.20 -20.67
N VAL C 270 -23.92 -19.19 -21.29
CA VAL C 270 -24.48 -19.85 -22.47
C VAL C 270 -25.07 -21.19 -22.01
N ALA C 271 -26.37 -21.35 -22.23
CA ALA C 271 -27.08 -22.54 -21.75
C ALA C 271 -27.98 -23.12 -22.84
N HIS C 272 -28.67 -24.21 -22.50
CA HIS C 272 -29.63 -24.87 -23.41
C HIS C 272 -29.00 -25.31 -24.70
N GLY C 273 -27.78 -25.84 -24.61
CA GLY C 273 -27.03 -26.26 -25.79
C GLY C 273 -26.67 -25.09 -26.70
N GLY C 274 -26.50 -23.92 -26.09
CA GLY C 274 -26.17 -22.71 -26.82
C GLY C 274 -27.36 -21.92 -27.34
N ARG C 275 -28.57 -22.30 -26.91
CA ARG C 275 -29.80 -21.67 -27.43
C ARG C 275 -30.35 -20.53 -26.55
N CYS C 276 -29.86 -20.45 -25.31
CA CYS C 276 -30.29 -19.42 -24.38
C CYS C 276 -29.09 -18.77 -23.70
N VAL C 277 -28.81 -17.53 -24.09
CA VAL C 277 -27.69 -16.78 -23.53
C VAL C 277 -28.20 -15.75 -22.52
N THR C 278 -27.58 -15.71 -21.34
CA THR C 278 -27.82 -14.66 -20.36
C THR C 278 -26.68 -13.65 -20.41
N VAL C 279 -27.03 -12.37 -20.47
CA VAL C 279 -26.05 -11.28 -20.38
C VAL C 279 -26.43 -10.33 -19.24
N PHE C 280 -25.46 -10.01 -18.39
CA PHE C 280 -25.67 -9.18 -17.21
C PHE C 280 -24.57 -8.11 -17.17
N SER C 281 -24.96 -6.84 -17.14
CA SER C 281 -24.02 -5.74 -17.36
C SER C 281 -23.80 -4.84 -16.14
N ALA C 282 -24.09 -5.38 -14.96
CA ALA C 282 -23.90 -4.67 -13.72
C ALA C 282 -22.82 -5.38 -12.90
N PRO C 283 -21.54 -4.99 -13.05
CA PRO C 283 -20.44 -5.66 -12.35
C PRO C 283 -20.45 -5.32 -10.86
N ASN C 284 -19.92 -6.21 -10.02
CA ASN C 284 -19.97 -6.05 -8.56
C ASN C 284 -21.31 -5.50 -8.10
N TYR C 285 -22.37 -6.20 -8.49
CA TYR C 285 -23.75 -5.80 -8.25
C TYR C 285 -24.02 -5.43 -6.80
N CYS C 286 -24.67 -4.28 -6.62
CA CYS C 286 -24.94 -3.69 -5.29
C CYS C 286 -23.71 -3.53 -4.40
N ASP C 287 -22.54 -3.35 -5.03
CA ASP C 287 -21.24 -3.18 -4.34
C ASP C 287 -20.87 -4.37 -3.45
N GLN C 288 -21.54 -5.50 -3.66
CA GLN C 288 -21.53 -6.60 -2.72
C GLN C 288 -21.28 -7.96 -3.38
N MET C 289 -21.75 -8.09 -4.62
CA MET C 289 -21.76 -9.37 -5.33
C MET C 289 -20.37 -9.83 -5.78
N GLY C 290 -19.55 -8.89 -6.23
CA GLY C 290 -18.21 -9.20 -6.72
C GLY C 290 -18.20 -9.88 -8.07
N ASN C 291 -19.37 -9.89 -8.73
CA ASN C 291 -19.50 -10.51 -10.05
C ASN C 291 -18.83 -9.69 -11.14
N LYS C 292 -18.36 -10.39 -12.17
CA LYS C 292 -17.99 -9.76 -13.43
C LYS C 292 -19.28 -9.40 -14.18
N ALA C 293 -19.17 -8.49 -15.14
CA ALA C 293 -20.26 -8.18 -16.05
C ALA C 293 -19.79 -8.41 -17.47
N SER C 294 -20.72 -8.40 -18.42
CA SER C 294 -20.35 -8.52 -19.83
C SER C 294 -21.28 -7.78 -20.77
N TYR C 295 -20.83 -7.61 -22.00
CA TYR C 295 -21.69 -7.20 -23.12
C TYR C 295 -21.40 -8.06 -24.34
N ILE C 296 -22.37 -8.13 -25.24
CA ILE C 296 -22.28 -9.01 -26.40
C ILE C 296 -22.07 -8.21 -27.68
N HIS C 297 -21.19 -8.70 -28.55
CA HIS C 297 -21.11 -8.20 -29.92
C HIS C 297 -21.79 -9.15 -30.87
N LEU C 298 -22.71 -8.62 -31.66
CA LEU C 298 -23.34 -9.37 -32.74
C LEU C 298 -22.94 -8.75 -34.07
N LEU C 303 -25.26 -14.81 -36.83
CA LEU C 303 -25.20 -13.79 -35.78
C LEU C 303 -24.75 -14.41 -34.46
N ARG C 304 -23.61 -15.09 -34.50
CA ARG C 304 -23.03 -15.74 -33.32
C ARG C 304 -22.51 -14.69 -32.32
N PRO C 305 -22.75 -14.91 -31.02
CA PRO C 305 -22.37 -13.93 -30.01
C PRO C 305 -20.88 -13.96 -29.65
N GLN C 306 -20.31 -12.79 -29.43
CA GLN C 306 -18.95 -12.67 -28.90
C GLN C 306 -18.99 -11.88 -27.60
N PHE C 307 -18.30 -12.39 -26.58
CA PHE C 307 -18.46 -11.85 -25.24
C PHE C 307 -17.27 -11.00 -24.79
N HIS C 308 -17.60 -9.95 -24.03
CA HIS C 308 -16.59 -9.06 -23.46
C HIS C 308 -16.90 -8.85 -22.02
N GLN C 309 -16.00 -9.31 -21.16
CA GLN C 309 -16.18 -9.19 -19.73
C GLN C 309 -15.58 -7.87 -19.24
N PHE C 310 -16.17 -7.31 -18.19
CA PHE C 310 -15.62 -6.12 -17.56
C PHE C 310 -15.90 -6.08 -16.07
N THR C 311 -15.08 -5.32 -15.35
CA THR C 311 -15.15 -5.27 -13.89
C THR C 311 -15.62 -3.90 -13.43
N ALA C 312 -16.03 -3.80 -12.18
CA ALA C 312 -16.56 -2.56 -11.63
C ALA C 312 -15.51 -1.46 -11.54
N VAL C 313 -15.96 -0.22 -11.59
CA VAL C 313 -15.09 0.93 -11.41
C VAL C 313 -15.51 1.66 -10.14
N PRO C 314 -14.62 2.48 -9.56
CA PRO C 314 -15.01 3.19 -8.34
C PRO C 314 -16.15 4.19 -8.58
N HIS C 315 -16.92 4.48 -7.53
CA HIS C 315 -17.98 5.48 -7.61
C HIS C 315 -18.10 6.24 -6.30
N PRO C 316 -18.75 7.43 -6.33
CA PRO C 316 -19.06 8.20 -5.14
C PRO C 316 -19.68 7.39 -4.00
N ASN C 317 -19.43 7.83 -2.77
CA ASN C 317 -19.89 7.13 -1.58
C ASN C 317 -21.38 7.35 -1.32
N VAL C 318 -22.20 6.70 -2.14
CA VAL C 318 -23.63 6.61 -1.93
C VAL C 318 -23.95 5.12 -1.95
N LYS C 319 -24.44 4.62 -0.83
CA LYS C 319 -24.73 3.20 -0.67
C LYS C 319 -25.89 2.77 -1.56
N PRO C 320 -25.88 1.49 -2.03
CA PRO C 320 -27.00 0.97 -2.81
C PRO C 320 -28.28 0.97 -1.97
N MET C 321 -29.42 1.20 -2.61
CA MET C 321 -30.72 1.18 -1.95
C MET C 321 -30.96 2.40 -1.05
N ALA C 322 -30.09 3.40 -1.14
CA ALA C 322 -30.18 4.58 -0.28
C ALA C 322 -31.55 5.27 -0.30
N TYR C 323 -32.26 5.12 -1.41
CA TYR C 323 -33.59 5.72 -1.59
C TYR C 323 -34.72 4.69 -1.50
N ALA C 324 -34.38 3.43 -1.20
CA ALA C 324 -35.36 2.34 -1.12
C ALA C 324 -36.23 2.40 0.14
N ASN C 325 -37.18 1.47 0.23
CA ASN C 325 -38.11 1.37 1.36
C ASN C 325 -37.41 1.10 2.68
N GLY D 12 28.81 25.95 8.30
CA GLY D 12 27.38 25.90 8.73
C GLY D 12 26.81 24.51 8.68
N PRO D 13 25.57 24.36 8.15
CA PRO D 13 24.94 23.04 8.06
C PRO D 13 25.72 22.12 7.13
N LYS D 14 25.98 20.90 7.61
CA LYS D 14 26.73 19.91 6.84
C LYS D 14 25.94 18.61 6.68
N LEU D 15 26.14 17.94 5.55
CA LEU D 15 25.47 16.67 5.25
C LEU D 15 25.97 15.54 6.14
N GLU D 16 25.08 14.61 6.47
CA GLU D 16 25.47 13.40 7.18
C GLU D 16 25.87 12.35 6.15
N ASP D 17 27.17 12.06 6.11
CA ASP D 17 27.77 11.12 5.16
C ASP D 17 27.44 11.44 3.69
N GLY D 18 27.43 12.73 3.36
CA GLY D 18 27.14 13.22 2.00
C GLY D 18 25.68 13.14 1.59
N LYS D 19 24.79 13.05 2.57
CA LYS D 19 23.35 12.89 2.32
C LYS D 19 22.52 13.88 3.12
N VAL D 20 21.43 14.33 2.51
CA VAL D 20 20.49 15.24 3.16
C VAL D 20 19.67 14.49 4.20
N THR D 21 19.56 15.07 5.39
CA THR D 21 18.73 14.51 6.46
C THR D 21 17.72 15.56 6.90
N ILE D 22 16.68 15.12 7.63
CA ILE D 22 15.69 16.05 8.17
C ILE D 22 16.33 17.03 9.15
N SER D 23 17.35 16.54 9.88
CA SER D 23 18.17 17.36 10.75
C SER D 23 18.94 18.43 9.97
N PHE D 24 19.51 18.04 8.84
CA PHE D 24 20.23 18.98 7.99
C PHE D 24 19.31 20.07 7.43
N MET D 25 18.11 19.66 7.00
CA MET D 25 17.13 20.61 6.43
C MET D 25 16.68 21.65 7.45
N LYS D 26 16.43 21.22 8.68
CA LYS D 26 16.03 22.13 9.76
C LYS D 26 17.16 23.13 10.05
N GLU D 27 18.39 22.61 10.11
CA GLU D 27 19.58 23.45 10.26
C GLU D 27 19.73 24.43 9.10
N LEU D 28 19.46 23.95 7.88
CA LEU D 28 19.54 24.78 6.69
C LEU D 28 18.54 25.93 6.69
N MET D 29 17.28 25.62 7.04
CA MET D 29 16.22 26.63 7.07
C MET D 29 16.49 27.73 8.09
N GLN D 30 16.97 27.35 9.27
CA GLN D 30 17.36 28.32 10.31
C GLN D 30 18.54 29.19 9.86
N TRP D 31 19.55 28.55 9.27
CA TRP D 31 20.73 29.22 8.74
C TRP D 31 20.34 30.28 7.76
N TYR D 32 19.42 29.92 6.87
CA TYR D 32 18.90 30.83 5.86
C TYR D 32 18.01 31.93 6.44
N LYS D 33 17.18 31.58 7.43
CA LYS D 33 16.37 32.57 8.14
C LYS D 33 17.27 33.68 8.70
N ASP D 34 18.45 33.29 9.17
CA ASP D 34 19.41 34.24 9.75
C ASP D 34 20.34 34.87 8.70
N GLN D 35 20.00 34.69 7.42
CA GLN D 35 20.69 35.33 6.29
C GLN D 35 22.14 34.86 6.12
N LYS D 36 22.39 33.60 6.47
CA LYS D 36 23.73 33.03 6.34
C LYS D 36 23.83 32.15 5.09
N LYS D 37 25.05 31.91 4.64
CA LYS D 37 25.28 31.20 3.39
C LYS D 37 25.67 29.74 3.60
N LEU D 38 25.03 28.85 2.83
CA LEU D 38 25.45 27.46 2.80
C LEU D 38 26.78 27.38 2.05
N HIS D 39 27.74 26.67 2.65
CA HIS D 39 29.07 26.51 2.06
C HIS D 39 29.00 25.98 0.64
N ARG D 40 29.79 26.58 -0.23
CA ARG D 40 29.75 26.30 -1.67
C ARG D 40 29.88 24.83 -2.06
N LYS D 41 30.65 24.07 -1.28
CA LYS D 41 30.85 22.64 -1.54
C LYS D 41 29.60 21.82 -1.21
N CYS D 42 28.88 22.24 -0.16
CA CYS D 42 27.59 21.64 0.19
C CYS D 42 26.53 22.01 -0.85
N ALA D 43 26.54 23.26 -1.29
CA ALA D 43 25.67 23.72 -2.36
C ALA D 43 25.93 22.94 -3.65
N TYR D 44 27.21 22.79 -3.99
CA TYR D 44 27.63 21.99 -5.15
C TYR D 44 27.12 20.56 -5.09
N GLN D 45 27.30 19.91 -3.94
CA GLN D 45 26.84 18.54 -3.74
C GLN D 45 25.33 18.38 -3.95
N ILE D 46 24.57 19.31 -3.37
CA ILE D 46 23.11 19.31 -3.51
C ILE D 46 22.71 19.35 -4.99
N LEU D 47 23.39 20.21 -5.75
CA LEU D 47 23.11 20.42 -7.16
C LEU D 47 23.37 19.19 -8.04
N VAL D 48 24.54 18.58 -7.86
CA VAL D 48 24.89 17.39 -8.66
C VAL D 48 23.98 16.21 -8.32
N GLN D 49 23.68 16.06 -7.04
CA GLN D 49 22.81 14.97 -6.59
C GLN D 49 21.37 15.16 -7.08
N VAL D 50 20.87 16.40 -7.05
CA VAL D 50 19.51 16.65 -7.51
C VAL D 50 19.42 16.54 -9.04
N LYS D 51 20.50 16.93 -9.72
CA LYS D 51 20.59 16.79 -11.17
C LYS D 51 20.44 15.32 -11.56
N GLU D 52 21.11 14.45 -10.81
CA GLU D 52 21.03 13.01 -10.98
C GLU D 52 19.60 12.50 -10.81
N VAL D 53 18.93 12.95 -9.76
CA VAL D 53 17.55 12.56 -9.45
C VAL D 53 16.60 13.00 -10.58
N LEU D 54 16.73 14.27 -10.96
CA LEU D 54 15.82 14.89 -11.93
C LEU D 54 15.99 14.34 -13.33
N SER D 55 17.23 14.08 -13.72
CA SER D 55 17.56 13.57 -15.07
C SER D 55 16.98 12.20 -15.33
N LYS D 56 16.72 11.45 -14.26
CA LYS D 56 16.13 10.11 -14.38
C LYS D 56 14.61 10.16 -14.48
N LEU D 57 14.03 11.34 -14.29
CA LEU D 57 12.57 11.49 -14.30
C LEU D 57 12.01 11.71 -15.70
N SER D 58 10.77 11.27 -15.89
CA SER D 58 10.01 11.56 -17.10
C SER D 58 9.67 13.05 -17.14
N THR D 59 9.43 13.57 -18.33
CA THR D 59 9.00 14.97 -18.47
C THR D 59 7.64 15.17 -17.79
N LEU D 60 6.84 14.09 -17.77
CA LEU D 60 5.58 14.05 -17.05
C LEU D 60 5.70 13.13 -15.83
N VAL D 61 5.64 13.70 -14.63
CA VAL D 61 5.61 12.91 -13.41
C VAL D 61 4.19 12.40 -13.19
N GLU D 62 4.05 11.10 -12.96
CA GLU D 62 2.73 10.52 -12.71
C GLU D 62 2.67 9.99 -11.29
N THR D 63 1.73 10.53 -10.51
CA THR D 63 1.63 10.29 -9.07
C THR D 63 0.27 9.70 -8.72
N THR D 64 0.29 8.60 -7.98
CA THR D 64 -0.94 7.99 -7.48
C THR D 64 -1.11 8.32 -6.00
N LEU D 65 -2.22 8.96 -5.66
CA LEU D 65 -2.60 9.17 -4.28
C LEU D 65 -3.55 8.06 -3.85
N LYS D 66 -3.10 7.26 -2.89
CA LYS D 66 -3.95 6.25 -2.28
C LYS D 66 -5.07 6.92 -1.48
N GLU D 67 -6.05 6.11 -1.08
CA GLU D 67 -7.35 6.56 -0.58
C GLU D 67 -7.32 7.72 0.42
N THR D 68 -6.49 7.59 1.46
CA THR D 68 -6.46 8.56 2.55
C THR D 68 -5.24 9.49 2.47
N GLU D 69 -4.45 9.35 1.41
CA GLU D 69 -3.27 10.19 1.21
C GLU D 69 -3.65 11.56 0.68
N LYS D 70 -2.97 12.59 1.19
CA LYS D 70 -3.16 13.95 0.75
C LYS D 70 -1.91 14.48 0.03
N ILE D 71 -2.05 15.59 -0.68
CA ILE D 71 -0.91 16.28 -1.29
C ILE D 71 -1.18 17.79 -1.32
N THR D 72 -0.11 18.57 -1.21
CA THR D 72 -0.20 20.03 -1.25
C THR D 72 0.42 20.60 -2.53
N VAL D 73 -0.32 21.46 -3.23
CA VAL D 73 0.17 22.09 -4.45
C VAL D 73 0.37 23.59 -4.20
N CYS D 74 1.58 24.06 -4.51
CA CYS D 74 1.95 25.47 -4.38
C CYS D 74 2.31 26.04 -5.74
N GLY D 75 1.95 27.31 -5.95
CA GLY D 75 2.34 28.03 -7.15
C GLY D 75 3.64 28.81 -6.98
N ASP D 76 3.78 29.90 -7.75
CA ASP D 76 4.99 30.73 -7.76
C ASP D 76 5.42 31.12 -6.36
N THR D 77 6.72 31.03 -6.08
CA THR D 77 7.31 31.46 -4.81
C THR D 77 8.31 32.62 -4.97
N HIS D 78 8.97 32.68 -6.12
CA HIS D 78 9.82 33.81 -6.50
C HIS D 78 10.76 34.33 -5.43
N GLY D 79 11.56 33.43 -4.86
CA GLY D 79 12.61 33.83 -3.92
C GLY D 79 12.12 34.52 -2.67
N GLN D 80 10.86 34.32 -2.33
CA GLN D 80 10.30 34.87 -1.09
C GLN D 80 10.46 33.82 0.00
N PHE D 81 11.70 33.67 0.47
CA PHE D 81 12.07 32.58 1.38
C PHE D 81 11.30 32.54 2.70
N TYR D 82 11.01 33.71 3.25
CA TYR D 82 10.35 33.82 4.55
C TYR D 82 8.87 33.44 4.44
N ASP D 83 8.28 33.72 3.29
CA ASP D 83 6.93 33.22 2.98
C ASP D 83 6.91 31.72 2.71
N LEU D 84 7.99 31.18 2.14
CA LEU D 84 8.12 29.73 1.98
C LEU D 84 8.12 29.04 3.34
N LEU D 85 8.89 29.57 4.28
CA LEU D 85 8.93 29.00 5.64
C LEU D 85 7.57 29.10 6.31
N ASN D 86 6.87 30.21 6.05
CA ASN D 86 5.50 30.39 6.53
C ASN D 86 4.57 29.28 6.05
N ILE D 87 4.71 28.91 4.77
CA ILE D 87 3.95 27.79 4.17
C ILE D 87 4.16 26.53 5.02
N PHE D 88 5.42 26.23 5.33
CA PHE D 88 5.78 25.07 6.13
C PHE D 88 5.31 25.18 7.58
N GLU D 89 5.17 26.40 8.09
CA GLU D 89 4.66 26.60 9.44
C GLU D 89 3.13 26.44 9.48
N LEU D 90 2.47 26.87 8.43
CA LEU D 90 1.00 26.79 8.37
C LEU D 90 0.53 25.39 7.98
N ASN D 91 1.25 24.76 7.07
CA ASN D 91 0.86 23.50 6.47
C ASN D 91 1.73 22.31 6.90
N GLY D 92 2.75 22.57 7.72
CA GLY D 92 3.66 21.52 8.18
C GLY D 92 4.81 21.32 7.22
N LEU D 93 5.92 20.81 7.73
CA LEU D 93 7.07 20.50 6.87
C LEU D 93 6.74 19.36 5.92
N PRO D 94 7.45 19.28 4.77
CA PRO D 94 7.25 18.14 3.90
C PRO D 94 7.73 16.85 4.54
N SER D 95 7.11 15.73 4.15
CA SER D 95 7.46 14.40 4.61
C SER D 95 6.78 13.39 3.69
N GLU D 96 6.94 12.11 3.98
CA GLU D 96 6.26 11.04 3.22
C GLU D 96 4.74 11.11 3.40
N THR D 97 4.32 11.67 4.53
CA THR D 97 2.89 11.84 4.84
C THR D 97 2.38 13.23 4.51
N ASN D 98 3.30 14.17 4.30
CA ASN D 98 2.96 15.54 3.93
C ASN D 98 3.66 15.95 2.62
N PRO D 99 3.23 15.37 1.48
CA PRO D 99 3.92 15.65 0.22
C PRO D 99 3.61 17.03 -0.38
N TYR D 100 4.59 17.60 -1.09
CA TYR D 100 4.41 18.90 -1.75
C TYR D 100 4.71 18.82 -3.24
N ILE D 101 4.01 19.68 -3.99
CA ILE D 101 4.37 20.00 -5.38
C ILE D 101 4.53 21.51 -5.48
N PHE D 102 5.73 21.95 -5.86
CA PHE D 102 5.98 23.35 -6.13
C PHE D 102 6.00 23.57 -7.65
N ASN D 103 5.01 24.34 -8.11
CA ASN D 103 4.70 24.45 -9.53
C ASN D 103 5.43 25.60 -10.23
N GLY D 104 6.75 25.56 -10.22
CA GLY D 104 7.55 26.53 -10.99
C GLY D 104 7.73 27.91 -10.38
N ASP D 105 8.56 28.72 -11.06
CA ASP D 105 8.90 30.09 -10.65
C ASP D 105 9.32 30.20 -9.19
N PHE D 106 10.38 29.45 -8.86
CA PHE D 106 11.01 29.47 -7.55
C PHE D 106 11.93 30.67 -7.40
N VAL D 107 12.49 31.12 -8.53
CA VAL D 107 13.51 32.17 -8.52
C VAL D 107 13.08 33.43 -9.27
N ASP D 108 13.91 34.47 -9.18
CA ASP D 108 13.67 35.80 -9.78
C ASP D 108 12.64 36.63 -9.01
N ARG D 109 12.75 37.95 -9.17
CA ARG D 109 11.89 38.91 -8.48
C ARG D 109 12.29 39.06 -7.01
N GLY D 110 12.19 37.97 -6.26
CA GLY D 110 12.57 37.98 -4.84
C GLY D 110 14.07 37.95 -4.64
N SER D 111 14.51 38.44 -3.49
CA SER D 111 15.94 38.60 -3.23
C SER D 111 16.50 37.46 -2.38
N PHE D 112 15.70 36.43 -2.19
CA PHE D 112 16.17 35.22 -1.51
C PHE D 112 15.94 34.00 -2.40
N SER D 113 16.25 34.14 -3.69
CA SER D 113 16.05 33.07 -4.66
C SER D 113 16.96 31.87 -4.40
N VAL D 114 18.20 32.14 -4.00
CA VAL D 114 19.18 31.09 -3.67
C VAL D 114 18.71 30.25 -2.49
N GLU D 115 18.23 30.93 -1.44
CA GLU D 115 17.68 30.27 -0.26
C GLU D 115 16.45 29.43 -0.58
N VAL D 116 15.55 29.97 -1.40
CA VAL D 116 14.38 29.21 -1.81
C VAL D 116 14.78 27.95 -2.59
N ILE D 117 15.64 28.12 -3.60
CA ILE D 117 15.93 27.03 -4.53
C ILE D 117 16.73 25.90 -3.87
N LEU D 118 17.67 26.26 -3.00
CA LEU D 118 18.48 25.25 -2.31
C LEU D 118 17.69 24.51 -1.22
N THR D 119 16.74 25.19 -0.60
CA THR D 119 15.82 24.55 0.35
C THR D 119 14.92 23.54 -0.38
N LEU D 120 14.39 23.94 -1.53
CA LEU D 120 13.54 23.04 -2.35
C LEU D 120 14.33 21.83 -2.86
N PHE D 121 15.54 22.06 -3.38
CA PHE D 121 16.39 20.96 -3.85
C PHE D 121 16.76 20.01 -2.71
N GLY D 122 17.02 20.60 -1.55
CA GLY D 122 17.29 19.84 -0.33
C GLY D 122 16.14 18.91 0.03
N PHE D 123 14.92 19.44 0.01
CA PHE D 123 13.74 18.64 0.34
C PHE D 123 13.44 17.60 -0.75
N LYS D 124 13.80 17.93 -1.98
CA LYS D 124 13.70 17.01 -3.11
C LYS D 124 14.59 15.78 -2.88
N LEU D 125 15.82 16.04 -2.43
CA LEU D 125 16.75 14.96 -2.13
C LEU D 125 16.33 14.13 -0.92
N LEU D 126 15.71 14.76 0.07
CA LEU D 126 15.31 14.07 1.30
C LEU D 126 14.06 13.21 1.11
N TYR D 127 13.06 13.74 0.41
CA TYR D 127 11.86 12.96 0.09
C TYR D 127 11.62 12.90 -1.42
N PRO D 128 12.45 12.15 -2.16
CA PRO D 128 12.39 12.14 -3.63
C PRO D 128 11.04 11.73 -4.24
N ASP D 129 10.26 10.92 -3.52
CA ASP D 129 8.99 10.42 -4.04
C ASP D 129 7.79 11.16 -3.45
N HIS D 130 8.07 12.19 -2.64
CA HIS D 130 7.01 12.95 -1.97
C HIS D 130 7.25 14.43 -1.98
N PHE D 131 8.28 14.86 -2.70
CA PHE D 131 8.53 16.28 -2.87
C PHE D 131 8.83 16.53 -4.34
N HIS D 132 7.98 17.32 -4.98
CA HIS D 132 8.00 17.45 -6.44
C HIS D 132 8.19 18.86 -6.88
N LEU D 133 9.12 19.03 -7.81
CA LEU D 133 9.42 20.34 -8.39
C LEU D 133 9.14 20.34 -9.89
N LEU D 134 8.31 21.27 -10.34
CA LEU D 134 8.00 21.43 -11.77
C LEU D 134 8.60 22.74 -12.30
N ARG D 135 9.05 22.73 -13.55
CA ARG D 135 9.70 23.89 -14.15
C ARG D 135 8.73 25.03 -14.43
N GLY D 136 9.17 26.25 -14.12
CA GLY D 136 8.43 27.45 -14.48
C GLY D 136 9.14 28.20 -15.58
N ASN D 137 8.50 29.24 -16.12
CA ASN D 137 9.14 30.09 -17.12
C ASN D 137 10.36 30.86 -16.58
N HIS D 138 10.40 31.09 -15.26
CA HIS D 138 11.56 31.73 -14.64
C HIS D 138 12.72 30.82 -14.35
N GLU D 139 12.54 29.52 -14.56
CA GLU D 139 13.67 28.58 -14.46
C GLU D 139 14.36 28.43 -15.81
N THR D 140 14.63 29.57 -16.46
CA THR D 140 15.26 29.65 -17.78
C THR D 140 16.29 30.79 -17.80
N ASP D 141 17.16 30.78 -18.81
CA ASP D 141 18.28 31.74 -18.88
C ASP D 141 17.85 33.19 -19.13
N ASN D 142 17.04 33.40 -20.16
CA ASN D 142 16.54 34.74 -20.52
C ASN D 142 15.93 35.48 -19.33
N MET D 143 15.14 34.78 -18.53
CA MET D 143 14.49 35.37 -17.35
CA MET D 143 14.49 35.37 -17.35
C MET D 143 15.49 35.61 -16.23
N ASN D 144 16.33 34.61 -15.95
CA ASN D 144 17.32 34.66 -14.87
C ASN D 144 18.33 35.79 -15.04
N GLN D 145 18.78 35.99 -16.28
CA GLN D 145 19.74 37.04 -16.61
C GLN D 145 19.19 38.44 -16.30
N ILE D 146 17.89 38.62 -16.50
CA ILE D 146 17.25 39.92 -16.32
C ILE D 146 16.61 40.12 -14.93
N TYR D 147 15.95 39.09 -14.42
CA TYR D 147 15.06 39.27 -13.26
C TYR D 147 15.63 38.94 -11.87
N GLY D 148 16.95 38.73 -11.79
CA GLY D 148 17.64 38.70 -10.50
C GLY D 148 18.48 37.49 -10.12
N PHE D 149 18.09 36.30 -10.59
CA PHE D 149 18.70 35.07 -10.09
C PHE D 149 20.15 34.88 -10.51
N GLU D 150 20.47 35.20 -11.76
CA GLU D 150 21.85 35.12 -12.24
C GLU D 150 22.73 36.08 -11.43
N GLY D 151 22.26 37.31 -11.25
CA GLY D 151 22.90 38.28 -10.39
C GLY D 151 23.08 37.80 -8.96
N GLU D 152 22.05 37.17 -8.39
CA GLU D 152 22.10 36.68 -7.02
C GLU D 152 23.14 35.56 -6.83
N VAL D 153 23.14 34.60 -7.77
CA VAL D 153 24.09 33.50 -7.72
C VAL D 153 25.51 33.99 -7.91
N LYS D 154 25.70 34.95 -8.81
CA LYS D 154 27.01 35.54 -9.05
C LYS D 154 27.51 36.32 -7.83
N ALA D 155 26.57 36.94 -7.10
CA ALA D 155 26.91 37.71 -5.89
C ALA D 155 27.25 36.82 -4.70
N LYS D 156 26.49 35.74 -4.54
CA LYS D 156 26.63 34.85 -3.38
C LYS D 156 27.61 33.72 -3.63
N TYR D 157 27.73 33.30 -4.89
CA TYR D 157 28.69 32.28 -5.29
C TYR D 157 29.51 32.77 -6.50
N THR D 158 29.42 32.07 -7.63
CA THR D 158 30.17 32.42 -8.83
C THR D 158 29.34 32.31 -10.11
N ALA D 159 29.90 32.83 -11.21
CA ALA D 159 29.27 32.73 -12.53
C ALA D 159 29.09 31.26 -12.93
N GLN D 160 30.09 30.42 -12.62
CA GLN D 160 30.02 29.00 -12.94
C GLN D 160 28.90 28.30 -12.19
N MET D 161 28.72 28.63 -10.91
CA MET D 161 27.65 28.05 -10.08
C MET D 161 26.29 28.28 -10.74
N TYR D 162 26.12 29.46 -11.35
CA TYR D 162 24.91 29.76 -12.12
C TYR D 162 24.72 28.80 -13.28
N GLU D 163 25.80 28.52 -14.02
CA GLU D 163 25.75 27.60 -15.16
C GLU D 163 25.26 26.22 -14.73
N LEU D 164 25.70 25.80 -13.54
CA LEU D 164 25.24 24.55 -12.96
C LEU D 164 23.76 24.60 -12.58
N PHE D 165 23.33 25.70 -11.95
CA PHE D 165 21.91 25.91 -11.65
C PHE D 165 21.04 25.82 -12.91
N SER D 166 21.48 26.50 -13.97
CA SER D 166 20.77 26.54 -15.24
C SER D 166 20.60 25.13 -15.81
N GLU D 167 21.67 24.34 -15.72
CA GLU D 167 21.69 22.99 -16.25
C GLU D 167 20.83 22.04 -15.44
N VAL D 168 20.73 22.31 -14.14
CA VAL D 168 19.82 21.57 -13.26
C VAL D 168 18.35 21.88 -13.60
N PHE D 169 18.06 23.17 -13.83
CA PHE D 169 16.72 23.62 -14.21
C PHE D 169 16.21 22.92 -15.46
N GLU D 170 17.14 22.68 -16.40
CA GLU D 170 16.85 22.02 -17.66
C GLU D 170 16.30 20.60 -17.49
N TRP D 171 16.62 19.95 -16.36
CA TRP D 171 16.11 18.60 -16.08
C TRP D 171 14.85 18.57 -15.25
N LEU D 172 14.37 19.73 -14.82
CA LEU D 172 13.07 19.82 -14.12
C LEU D 172 11.94 19.33 -15.01
N PRO D 173 11.10 18.39 -14.51
CA PRO D 173 9.94 17.94 -15.29
C PRO D 173 9.01 19.11 -15.63
N LEU D 174 8.21 18.95 -16.68
CA LEU D 174 7.35 20.04 -17.16
C LEU D 174 5.89 19.96 -16.68
N ALA D 175 5.46 18.77 -16.27
CA ALA D 175 4.07 18.57 -15.80
C ALA D 175 3.95 17.38 -14.86
N GLN D 176 2.92 17.41 -14.02
CA GLN D 176 2.62 16.31 -13.10
C GLN D 176 1.15 15.91 -13.17
N CYS D 177 0.89 14.62 -13.28
CA CYS D 177 -0.46 14.10 -13.32
C CYS D 177 -0.82 13.29 -12.07
N ILE D 178 -1.93 13.65 -11.42
CA ILE D 178 -2.36 12.95 -10.20
C ILE D 178 -3.54 12.03 -10.49
N ASN D 179 -3.36 10.74 -10.20
CA ASN D 179 -4.40 9.71 -10.38
C ASN D 179 -5.01 9.65 -11.78
N GLY D 180 -4.24 10.07 -12.78
CA GLY D 180 -4.72 10.17 -14.16
C GLY D 180 -5.89 11.14 -14.33
N LYS D 181 -6.04 12.05 -13.37
CA LYS D 181 -7.22 12.91 -13.31
C LYS D 181 -6.91 14.40 -13.26
N VAL D 182 -5.87 14.77 -12.53
CA VAL D 182 -5.48 16.18 -12.37
C VAL D 182 -4.11 16.42 -13.00
N LEU D 183 -4.03 17.36 -13.94
CA LEU D 183 -2.75 17.69 -14.57
C LEU D 183 -2.24 19.06 -14.12
N ILE D 184 -1.01 19.08 -13.62
CA ILE D 184 -0.38 20.29 -13.10
C ILE D 184 0.80 20.71 -13.99
N MET D 185 0.81 21.98 -14.38
CA MET D 185 1.91 22.56 -15.14
C MET D 185 1.99 24.04 -14.77
N HIS D 186 3.15 24.65 -14.99
CA HIS D 186 3.33 26.03 -14.58
C HIS D 186 2.48 27.01 -15.35
N GLY D 187 2.56 26.95 -16.68
CA GLY D 187 1.85 27.87 -17.55
C GLY D 187 0.44 27.40 -17.88
N GLY D 188 0.30 26.53 -18.87
CA GLY D 188 -1.00 26.02 -19.25
C GLY D 188 -1.01 25.10 -20.45
N LEU D 189 -2.10 25.16 -21.21
CA LEU D 189 -2.32 24.27 -22.33
C LEU D 189 -1.72 24.80 -23.64
N PHE D 190 -2.07 24.16 -24.75
CA PHE D 190 -1.25 24.21 -25.97
C PHE D 190 -1.83 25.05 -27.11
N SER D 191 -0.92 25.51 -27.99
CA SER D 191 -1.25 26.30 -29.17
C SER D 191 -1.91 25.48 -30.28
N GLU D 192 -1.59 24.18 -30.30
CA GLU D 192 -2.20 23.26 -31.26
C GLU D 192 -3.13 22.29 -30.53
N ASP D 193 -4.10 21.75 -31.26
CA ASP D 193 -4.98 20.71 -30.75
C ASP D 193 -4.31 19.35 -30.83
N GLY D 194 -4.76 18.43 -29.99
CA GLY D 194 -4.34 17.03 -30.06
C GLY D 194 -3.02 16.68 -29.37
N VAL D 195 -2.55 17.54 -28.47
CA VAL D 195 -1.41 17.18 -27.63
C VAL D 195 -1.91 16.19 -26.59
N THR D 196 -1.19 15.08 -26.44
CA THR D 196 -1.57 14.05 -25.48
C THR D 196 -0.57 13.96 -24.34
N LEU D 197 -0.93 13.21 -23.30
CA LEU D 197 -0.07 12.96 -22.17
C LEU D 197 1.22 12.25 -22.60
N ASP D 198 1.07 11.30 -23.53
CA ASP D 198 2.20 10.57 -24.10
C ASP D 198 3.19 11.52 -24.78
N ASP D 199 2.65 12.53 -25.48
CA ASP D 199 3.46 13.57 -26.10
C ASP D 199 4.29 14.30 -25.05
N ILE D 200 3.65 14.65 -23.93
CA ILE D 200 4.32 15.38 -22.84
C ILE D 200 5.47 14.56 -22.26
N ARG D 201 5.22 13.27 -22.04
CA ARG D 201 6.25 12.35 -21.56
C ARG D 201 7.49 12.33 -22.46
N LYS D 202 7.27 12.46 -23.76
CA LYS D 202 8.34 12.30 -24.76
C LYS D 202 9.05 13.61 -25.12
N ILE D 203 8.59 14.73 -24.56
CA ILE D 203 9.23 16.02 -24.78
C ILE D 203 10.66 16.01 -24.24
N GLU D 204 11.62 16.27 -25.13
CA GLU D 204 13.02 16.42 -24.76
C GLU D 204 13.19 17.80 -24.11
N ARG D 205 13.22 17.79 -22.77
CA ARG D 205 13.09 19.01 -21.96
C ARG D 205 14.41 19.65 -21.52
N ASN D 206 15.50 18.90 -21.65
CA ASN D 206 16.82 19.36 -21.21
C ASN D 206 17.40 20.46 -22.09
N ARG D 207 16.76 21.62 -22.04
CA ARG D 207 17.07 22.72 -22.95
C ARG D 207 16.45 24.00 -22.44
N GLN D 208 16.85 25.10 -23.06
CA GLN D 208 16.08 26.34 -22.97
C GLN D 208 14.88 26.15 -23.89
N PRO D 209 13.68 26.57 -23.42
CA PRO D 209 12.47 26.34 -24.21
C PRO D 209 12.48 27.05 -25.56
N PRO D 210 11.80 26.45 -26.57
CA PRO D 210 11.70 27.08 -27.89
C PRO D 210 10.74 28.27 -27.87
N ASP D 211 10.73 29.05 -28.95
CA ASP D 211 9.90 30.24 -29.07
C ASP D 211 8.40 29.88 -29.15
N SER D 212 8.12 28.63 -29.49
CA SER D 212 6.74 28.12 -29.58
C SER D 212 6.78 26.59 -29.58
N GLY D 213 5.62 25.98 -29.37
CA GLY D 213 5.52 24.53 -29.32
C GLY D 213 5.13 24.08 -27.93
N PRO D 214 4.77 22.79 -27.77
CA PRO D 214 4.33 22.19 -26.51
C PRO D 214 5.14 22.60 -25.27
N MET D 215 6.47 22.53 -25.36
CA MET D 215 7.35 22.90 -24.23
C MET D 215 7.19 24.36 -23.81
N CYS D 216 7.13 25.24 -24.81
CA CYS D 216 6.92 26.66 -24.59
C CYS D 216 5.56 26.92 -23.92
N ASP D 217 4.52 26.27 -24.45
CA ASP D 217 3.15 26.44 -23.96
C ASP D 217 3.01 26.07 -22.48
N LEU D 218 3.60 24.93 -22.09
CA LEU D 218 3.53 24.43 -20.71
C LEU D 218 4.09 25.41 -19.69
N LEU D 219 5.07 26.21 -20.11
CA LEU D 219 5.73 27.18 -19.25
C LEU D 219 5.14 28.59 -19.34
N TRP D 220 4.46 28.90 -20.45
CA TRP D 220 4.13 30.30 -20.79
C TRP D 220 2.67 30.65 -20.97
N SER D 221 1.84 29.69 -21.38
CA SER D 221 0.45 30.01 -21.76
C SER D 221 -0.45 30.44 -20.60
N ASP D 222 -1.51 31.17 -20.94
CA ASP D 222 -2.49 31.66 -19.98
C ASP D 222 -3.90 31.33 -20.43
N PRO D 223 -4.82 31.05 -19.49
CA PRO D 223 -6.22 30.86 -19.86
C PRO D 223 -6.89 32.20 -20.19
N GLN D 224 -7.88 32.15 -21.07
CA GLN D 224 -8.74 33.30 -21.35
C GLN D 224 -10.22 32.89 -21.18
N PRO D 225 -11.08 33.83 -20.76
CA PRO D 225 -12.50 33.49 -20.58
C PRO D 225 -13.26 33.06 -21.85
N GLN D 226 -12.92 33.64 -23.01
CA GLN D 226 -13.66 33.35 -24.24
C GLN D 226 -13.09 32.15 -25.00
N ASN D 227 -13.92 31.52 -25.84
CA ASN D 227 -13.52 30.35 -26.60
C ASN D 227 -12.38 30.61 -27.60
N GLY D 228 -11.69 29.55 -27.99
CA GLY D 228 -10.61 29.63 -28.98
C GLY D 228 -9.27 30.02 -28.40
N ARG D 229 -8.38 30.47 -29.27
CA ARG D 229 -7.05 30.92 -28.86
C ARG D 229 -6.78 32.35 -29.33
N SER D 230 -5.89 33.03 -28.61
CA SER D 230 -5.44 34.37 -29.00
C SER D 230 -3.93 34.46 -28.84
N ILE D 231 -3.35 35.47 -29.48
CA ILE D 231 -1.94 35.80 -29.28
C ILE D 231 -1.78 36.24 -27.82
N SER D 232 -0.65 35.89 -27.22
CA SER D 232 -0.41 36.19 -25.81
C SER D 232 -0.03 37.65 -25.59
N LYS D 233 -0.44 38.18 -24.45
CA LYS D 233 -0.06 39.52 -23.99
C LYS D 233 1.44 39.57 -23.70
N ARG D 234 2.00 38.43 -23.33
CA ARG D 234 3.43 38.31 -23.02
C ARG D 234 4.28 38.30 -24.29
N GLY D 235 3.64 38.04 -25.43
CA GLY D 235 4.31 38.00 -26.72
C GLY D 235 4.93 36.66 -27.07
N VAL D 236 4.56 35.64 -26.32
CA VAL D 236 5.04 34.27 -26.55
C VAL D 236 3.97 33.27 -26.11
N SER D 237 3.92 32.11 -26.78
CA SER D 237 2.86 31.11 -26.58
C SER D 237 1.49 31.68 -26.97
N CYS D 238 0.45 31.31 -26.24
CA CYS D 238 -0.92 31.68 -26.57
C CYS D 238 -1.81 31.87 -25.35
N GLN D 239 -2.99 32.44 -25.57
CA GLN D 239 -4.06 32.37 -24.59
C GLN D 239 -5.04 31.29 -25.06
N PHE D 240 -5.46 30.43 -24.13
CA PHE D 240 -6.35 29.32 -24.46
C PHE D 240 -7.71 29.44 -23.79
N GLY D 241 -8.76 29.14 -24.55
CA GLY D 241 -10.13 29.25 -24.06
C GLY D 241 -10.65 28.00 -23.38
N PRO D 242 -11.85 28.08 -22.77
CA PRO D 242 -12.50 26.95 -22.11
C PRO D 242 -12.73 25.76 -23.03
N ASP D 243 -13.00 26.01 -24.31
CA ASP D 243 -13.18 24.94 -25.30
C ASP D 243 -11.86 24.18 -25.55
N VAL D 244 -10.75 24.90 -25.52
CA VAL D 244 -9.41 24.30 -25.64
C VAL D 244 -9.18 23.38 -24.44
N THR D 245 -9.51 23.87 -23.25
CA THR D 245 -9.42 23.09 -22.01
C THR D 245 -10.31 21.85 -22.09
N LYS D 246 -11.58 22.04 -22.47
CA LYS D 246 -12.55 20.97 -22.66
C LYS D 246 -12.00 19.86 -23.57
N ALA D 247 -11.48 20.26 -24.74
CA ALA D 247 -10.96 19.32 -25.74
C ALA D 247 -9.76 18.53 -25.21
N PHE D 248 -8.81 19.23 -24.58
CA PHE D 248 -7.62 18.59 -24.02
C PHE D 248 -7.97 17.58 -22.93
N LEU D 249 -8.82 18.00 -21.98
CA LEU D 249 -9.23 17.14 -20.88
C LEU D 249 -9.95 15.87 -21.36
N GLU D 250 -10.79 16.03 -22.39
CA GLU D 250 -11.59 14.92 -22.91
C GLU D 250 -10.72 13.89 -23.61
N GLU D 251 -9.81 14.35 -24.46
CA GLU D 251 -8.91 13.46 -25.19
C GLU D 251 -7.96 12.72 -24.26
N ASN D 252 -7.67 13.30 -23.10
CA ASN D 252 -6.74 12.70 -22.15
C ASN D 252 -7.38 12.11 -20.90
N ASN D 253 -8.71 12.06 -20.88
CA ASN D 253 -9.49 11.49 -19.78
C ASN D 253 -9.20 12.15 -18.42
N LEU D 254 -8.99 13.46 -18.45
CA LEU D 254 -8.62 14.21 -17.26
C LEU D 254 -9.82 14.99 -16.73
N ASP D 255 -9.80 15.30 -15.43
CA ASP D 255 -10.88 16.07 -14.80
C ASP D 255 -10.67 17.58 -14.86
N TYR D 256 -9.46 18.03 -14.55
CA TYR D 256 -9.12 19.47 -14.63
C TYR D 256 -7.62 19.71 -14.55
N ILE D 257 -7.21 20.96 -14.75
CA ILE D 257 -5.80 21.33 -14.62
C ILE D 257 -5.54 22.32 -13.48
N ILE D 258 -4.35 22.20 -12.88
CA ILE D 258 -3.86 23.19 -11.94
C ILE D 258 -2.63 23.86 -12.54
N ARG D 259 -2.69 25.18 -12.61
CA ARG D 259 -1.61 25.98 -13.16
C ARG D 259 -1.27 27.11 -12.20
N SER D 260 -0.23 27.87 -12.55
CA SER D 260 0.19 29.00 -11.74
C SER D 260 0.40 30.19 -12.66
N HIS D 261 1.58 30.80 -12.62
CA HIS D 261 2.02 31.70 -13.69
C HIS D 261 1.35 33.06 -13.70
N GLU D 262 0.37 33.25 -12.82
CA GLU D 262 -0.39 34.51 -12.75
C GLU D 262 -0.80 34.90 -11.33
N VAL D 263 -0.51 36.14 -10.94
CA VAL D 263 -0.89 36.67 -9.63
C VAL D 263 -2.41 36.86 -9.56
N LYS D 264 -3.00 36.46 -8.43
CA LYS D 264 -4.40 36.74 -8.15
C LYS D 264 -4.51 37.38 -6.78
N ALA D 265 -5.43 38.33 -6.65
CA ALA D 265 -5.66 39.04 -5.39
C ALA D 265 -5.92 38.07 -4.22
N GLU D 266 -6.63 36.98 -4.52
CA GLU D 266 -6.93 35.96 -3.52
C GLU D 266 -5.88 34.83 -3.47
N GLY D 267 -4.95 34.85 -4.40
CA GLY D 267 -3.91 33.82 -4.48
C GLY D 267 -4.29 32.62 -5.33
N TYR D 268 -5.50 32.68 -5.90
CA TYR D 268 -6.03 31.61 -6.74
C TYR D 268 -7.22 32.08 -7.58
N GLU D 269 -7.57 31.28 -8.59
CA GLU D 269 -8.74 31.54 -9.44
C GLU D 269 -9.26 30.24 -10.03
N VAL D 270 -10.59 30.11 -10.07
CA VAL D 270 -11.23 28.92 -10.64
C VAL D 270 -11.97 29.30 -11.93
N ALA D 271 -11.36 28.95 -13.05
CA ALA D 271 -11.86 29.33 -14.37
C ALA D 271 -12.30 28.12 -15.19
N HIS D 272 -12.82 28.41 -16.38
CA HIS D 272 -13.13 27.42 -17.42
C HIS D 272 -14.12 26.37 -16.99
N GLY D 273 -15.21 26.83 -16.38
CA GLY D 273 -16.22 25.94 -15.82
C GLY D 273 -15.66 25.10 -14.67
N GLY D 274 -14.69 25.65 -13.96
CA GLY D 274 -14.04 24.95 -12.86
C GLY D 274 -12.88 24.06 -13.26
N ARG D 275 -12.57 24.05 -14.57
CA ARG D 275 -11.62 23.10 -15.13
C ARG D 275 -10.18 23.63 -15.27
N CYS D 276 -10.00 24.93 -15.04
CA CYS D 276 -8.68 25.53 -15.02
C CYS D 276 -8.46 26.36 -13.76
N VAL D 277 -7.67 25.81 -12.86
CA VAL D 277 -7.39 26.44 -11.58
C VAL D 277 -5.99 27.07 -11.59
N THR D 278 -5.92 28.33 -11.18
CA THR D 278 -4.65 29.01 -10.97
C THR D 278 -4.35 29.02 -9.47
N VAL D 279 -3.10 28.72 -9.10
CA VAL D 279 -2.62 28.80 -7.73
C VAL D 279 -1.33 29.65 -7.69
N PHE D 280 -1.27 30.61 -6.78
CA PHE D 280 -0.13 31.53 -6.71
C PHE D 280 0.30 31.69 -5.25
N SER D 281 1.56 31.39 -4.97
CA SER D 281 2.02 31.24 -3.58
C SER D 281 3.05 32.29 -3.12
N ALA D 282 3.07 33.44 -3.78
CA ALA D 282 3.94 34.53 -3.37
C ALA D 282 3.10 35.72 -2.91
N PRO D 283 2.78 35.77 -1.61
CA PRO D 283 1.91 36.83 -1.07
C PRO D 283 2.63 38.16 -1.07
N ASN D 284 1.87 39.25 -1.23
CA ASN D 284 2.42 40.59 -1.37
C ASN D 284 3.62 40.58 -2.31
N TYR D 285 3.38 40.05 -3.50
CA TYR D 285 4.39 39.85 -4.52
C TYR D 285 5.25 41.09 -4.75
N CYS D 286 6.57 40.90 -4.70
CA CYS D 286 7.57 41.98 -4.83
C CYS D 286 7.42 43.11 -3.79
N ASP D 287 6.91 42.77 -2.60
CA ASP D 287 6.68 43.75 -1.52
C ASP D 287 5.74 44.90 -1.91
N GLN D 288 5.03 44.75 -3.02
CA GLN D 288 4.27 45.85 -3.61
C GLN D 288 2.83 45.48 -3.98
N MET D 289 2.64 44.28 -4.53
CA MET D 289 1.35 43.85 -5.09
C MET D 289 0.20 43.77 -4.07
N GLY D 290 0.54 43.42 -2.83
CA GLY D 290 -0.44 43.38 -1.74
C GLY D 290 -1.44 42.24 -1.84
N ASN D 291 -1.18 41.30 -2.73
CA ASN D 291 -2.04 40.13 -2.91
C ASN D 291 -1.90 39.11 -1.79
N LYS D 292 -2.96 38.34 -1.58
CA LYS D 292 -2.86 37.15 -0.74
C LYS D 292 -2.26 36.06 -1.59
N ALA D 293 -1.77 35.01 -0.95
CA ALA D 293 -1.32 33.82 -1.66
C ALA D 293 -2.18 32.64 -1.23
N SER D 294 -2.01 31.50 -1.90
CA SER D 294 -2.71 30.28 -1.52
C SER D 294 -1.90 29.02 -1.83
N TYR D 295 -2.27 27.94 -1.15
CA TYR D 295 -1.82 26.60 -1.52
C TYR D 295 -3.04 25.69 -1.54
N ILE D 296 -2.91 24.55 -2.22
CA ILE D 296 -4.04 23.64 -2.43
C ILE D 296 -3.83 22.32 -1.71
N HIS D 297 -4.89 21.84 -1.08
CA HIS D 297 -4.97 20.47 -0.57
C HIS D 297 -5.75 19.59 -1.51
N LEU D 298 -5.19 18.43 -1.81
CA LEU D 298 -5.89 17.40 -2.57
C LEU D 298 -5.87 16.09 -1.77
N GLN D 299 -6.95 15.33 -1.87
CA GLN D 299 -7.03 14.01 -1.25
C GLN D 299 -7.31 12.96 -2.30
N GLY D 300 -6.77 11.76 -2.10
CA GLY D 300 -6.98 10.64 -3.01
C GLY D 300 -8.44 10.28 -3.18
N SER D 301 -9.23 10.48 -2.12
CA SER D 301 -10.67 10.22 -2.14
C SER D 301 -11.47 11.45 -2.59
N ASP D 302 -10.80 12.60 -2.64
CA ASP D 302 -11.44 13.86 -3.00
C ASP D 302 -10.43 14.76 -3.70
N LEU D 303 -10.35 14.65 -5.01
CA LEU D 303 -9.36 15.41 -5.79
C LEU D 303 -9.82 16.83 -6.10
N ARG D 304 -10.97 17.21 -5.55
CA ARG D 304 -11.45 18.59 -5.60
C ARG D 304 -10.52 19.45 -4.76
N PRO D 305 -10.11 20.62 -5.31
CA PRO D 305 -9.12 21.45 -4.63
C PRO D 305 -9.70 22.19 -3.44
N GLN D 306 -9.00 22.12 -2.31
CA GLN D 306 -9.33 22.90 -1.12
C GLN D 306 -8.27 23.98 -0.96
N PHE D 307 -8.70 25.24 -0.99
CA PHE D 307 -7.79 26.38 -0.99
C PHE D 307 -7.51 26.91 0.40
N HIS D 308 -6.23 27.23 0.64
CA HIS D 308 -5.81 27.82 1.90
C HIS D 308 -5.10 29.10 1.63
N GLN D 309 -5.70 30.21 2.06
CA GLN D 309 -5.17 31.54 1.79
C GLN D 309 -4.21 31.95 2.90
N PHE D 310 -3.17 32.72 2.53
CA PHE D 310 -2.22 33.26 3.50
C PHE D 310 -1.62 34.59 3.06
N THR D 311 -1.21 35.40 4.04
CA THR D 311 -0.65 36.72 3.80
C THR D 311 0.85 36.74 4.05
N ALA D 312 1.52 37.73 3.47
CA ALA D 312 2.97 37.90 3.59
C ALA D 312 3.40 38.13 5.03
N VAL D 313 4.61 37.66 5.34
CA VAL D 313 5.21 37.84 6.66
C VAL D 313 6.46 38.72 6.53
N PRO D 314 6.91 39.32 7.65
CA PRO D 314 8.13 40.14 7.62
C PRO D 314 9.36 39.39 7.13
N HIS D 315 10.25 40.13 6.48
CA HIS D 315 11.56 39.61 6.09
C HIS D 315 12.61 40.68 6.29
N PRO D 316 13.90 40.27 6.44
CA PRO D 316 15.02 41.21 6.57
C PRO D 316 15.02 42.29 5.48
N ASN D 317 15.58 43.44 5.82
CA ASN D 317 15.55 44.61 4.95
C ASN D 317 16.46 44.48 3.73
N VAL D 318 16.06 43.60 2.82
CA VAL D 318 16.69 43.48 1.51
C VAL D 318 15.59 43.70 0.46
N LYS D 319 15.79 44.74 -0.35
CA LYS D 319 14.84 45.15 -1.40
C LYS D 319 14.63 44.07 -2.46
N PRO D 320 13.39 43.93 -2.97
CA PRO D 320 13.18 43.08 -4.14
C PRO D 320 13.98 43.60 -5.34
N MET D 321 14.45 42.69 -6.19
CA MET D 321 15.24 43.02 -7.39
C MET D 321 16.65 43.54 -7.09
N ALA D 322 17.12 43.36 -5.86
CA ALA D 322 18.44 43.85 -5.41
C ALA D 322 19.59 43.38 -6.29
N TYR D 323 19.45 42.19 -6.87
CA TYR D 323 20.49 41.60 -7.71
C TYR D 323 20.09 41.67 -9.18
MN MN E . 5.81 -18.22 -12.67
MN MN F . 6.15 -15.99 -10.12
O18 4TF G . 2.60 -15.81 -14.49
C16 4TF G . 3.71 -16.31 -14.21
O17 4TF G . 3.86 -17.08 -13.23
C01 4TF G . 4.87 -15.95 -15.08
C06 4TF G . 6.06 -15.29 -14.36
C07 4TF G . 5.94 -15.33 -12.85
O09 4TF G . 5.17 -14.52 -12.29
O08 4TF G . 6.62 -16.15 -12.18
C02 4TF G . 5.53 -17.16 -15.74
O10 4TF G . 6.60 -17.44 -14.85
C05 4TF G . 7.22 -16.15 -14.85
C03 4TF G . 6.27 -16.64 -16.97
C04 4TF G . 7.47 -15.93 -16.34
C11 4TF G . 7.53 -14.46 -16.76
O12 4TF G . 8.85 -14.09 -17.18
C13 4TF G . 9.20 -12.74 -16.90
C14 4TF G . 8.43 -11.74 -17.77
C15 4TF G . 8.15 -10.47 -17.00
MN MN H . 19.04 -7.35 36.22
MN MN I . 21.70 -5.70 37.56
O18 4TF J . 21.74 -10.67 35.02
C16 4TF J . 20.95 -9.95 35.70
O17 4TF J . 20.73 -8.75 35.41
C01 4TF J . 20.28 -10.58 36.87
C06 4TF J . 20.49 -9.83 38.20
C07 4TF J . 21.25 -8.52 38.06
O09 4TF J . 22.49 -8.59 37.96
O08 4TF J . 20.65 -7.43 38.02
C02 4TF J . 18.75 -10.58 36.74
O10 4TF J . 18.40 -9.39 37.42
C05 4TF J . 19.04 -9.64 38.66
C03 4TF J . 18.21 -11.63 37.69
C04 4TF J . 18.40 -10.98 39.05
C11 4TF J . 19.24 -11.87 39.97
O12 4TF J . 18.97 -11.64 41.36
C13 4TF J . 19.12 -12.82 42.16
C14 4TF J . 19.29 -12.44 43.63
C15 4TF J . 18.12 -12.91 44.48
MN MN K . -32.14 -7.18 -12.64
MN MN L . -34.90 -8.55 -14.08
O18 4TF M . -33.34 -7.14 -10.82
C16 4TF M . -33.25 -7.76 -9.73
O17 4TF M . -33.92 -7.44 -8.72
C01 4TF M . -32.29 -8.92 -9.61
C06 4TF M . -32.48 -10.00 -10.69
C07 4TF M . -33.56 -9.68 -11.69
O09 4TF M . -33.26 -9.29 -12.84
O08 4TF M . -34.75 -9.80 -11.32
C02 4TF M . -30.86 -8.48 -9.85
O10 4TF M . -30.76 -8.63 -11.26
C05 4TF M . -31.08 -10.02 -11.32
C03 4TF M . -29.90 -9.54 -9.33
C04 4TF M . -30.04 -10.63 -10.39
C11 4TF M . -30.41 -11.98 -9.75
O12 4TF M . -29.78 -13.07 -10.43
C13 4TF M . -30.19 -14.36 -9.97
C14 4TF M . -28.98 -15.27 -9.82
C15 4TF M . -28.99 -16.40 -10.83
NA NA N . -15.75 -7.91 -30.44
C1 PEG O . -51.08 3.21 -15.62
O1 PEG O . -50.98 1.78 -15.67
C2 PEG O . -50.40 3.71 -14.34
O2 PEG O . -49.02 3.99 -14.57
C3 PEG O . -48.72 5.38 -14.85
C4 PEG O . -49.18 6.29 -13.70
O4 PEG O . -48.43 7.52 -13.72
MN MN P . 5.87 34.01 -11.74
MN MN Q . 5.49 32.16 -14.60
O18 4TF R . 6.97 35.65 -12.69
C16 4TF R . 6.56 36.65 -13.30
O17 4TF R . 7.30 37.33 -14.05
C01 4TF R . 5.14 37.08 -13.14
C06 4TF R . 4.11 36.07 -13.65
C07 4TF R . 4.69 34.83 -14.28
O09 4TF R . 4.68 33.73 -13.66
O08 4TF R . 5.18 34.92 -15.42
C02 4TF R . 4.77 37.20 -11.67
O10 4TF R . 4.31 35.88 -11.40
C05 4TF R . 3.30 35.80 -12.39
C03 4TF R . 3.48 38.00 -11.53
C04 4TF R . 2.44 37.02 -12.05
C11 4TF R . 1.70 37.60 -13.25
O12 4TF R . 0.41 38.09 -12.89
C13 4TF R . -0.55 38.04 -13.96
C14 4TF R . -0.11 38.82 -15.18
C15 4TF R . -0.58 38.16 -16.46
C1 PEG S . 8.08 24.88 11.72
O1 PEG S . 7.16 23.90 11.21
C2 PEG S . 9.15 25.18 10.67
O2 PEG S . 9.54 26.55 10.73
C3 PEG S . 10.88 26.75 10.29
C4 PEG S . 11.76 27.16 11.47
O4 PEG S . 13.02 26.47 11.38
#